data_3NPH
# 
_entry.id   3NPH 
# 
_audit_conform.dict_name       mmcif_pdbx.dic 
_audit_conform.dict_version    5.383 
_audit_conform.dict_location   http://mmcif.pdb.org/dictionaries/ascii/mmcif_pdbx.dic 
# 
loop_
_database_2.database_id 
_database_2.database_code 
_database_2.pdbx_database_accession 
_database_2.pdbx_DOI 
PDB   3NPH         pdb_00003nph 10.2210/pdb3nph/pdb 
RCSB  RCSB060116   ?            ?                   
WWPDB D_1000060116 ?            ?                   
# 
loop_
_pdbx_audit_revision_history.ordinal 
_pdbx_audit_revision_history.data_content_type 
_pdbx_audit_revision_history.major_revision 
_pdbx_audit_revision_history.minor_revision 
_pdbx_audit_revision_history.revision_date 
1 'Structure model' 1 0 2011-06-29 
2 'Structure model' 1 1 2011-07-13 
3 'Structure model' 1 2 2011-10-19 
4 'Structure model' 1 3 2011-12-14 
5 'Structure model' 1 4 2023-12-27 
# 
_pdbx_audit_revision_details.ordinal             1 
_pdbx_audit_revision_details.revision_ordinal    1 
_pdbx_audit_revision_details.data_content_type   'Structure model' 
_pdbx_audit_revision_details.provider            repository 
_pdbx_audit_revision_details.type                'Initial release' 
_pdbx_audit_revision_details.description         ? 
_pdbx_audit_revision_details.details             ? 
# 
loop_
_pdbx_audit_revision_group.ordinal 
_pdbx_audit_revision_group.revision_ordinal 
_pdbx_audit_revision_group.data_content_type 
_pdbx_audit_revision_group.group 
1 2 'Structure model' 'Version format compliance' 
2 3 'Structure model' 'Database references'       
3 4 'Structure model' 'Database references'       
4 5 'Structure model' 'Data collection'           
5 5 'Structure model' 'Database references'       
# 
loop_
_pdbx_audit_revision_category.ordinal 
_pdbx_audit_revision_category.revision_ordinal 
_pdbx_audit_revision_category.data_content_type 
_pdbx_audit_revision_category.category 
1 5 'Structure model' chem_comp_atom     
2 5 'Structure model' chem_comp_bond     
3 5 'Structure model' database_2         
4 5 'Structure model' struct_ref_seq_dif 
# 
loop_
_pdbx_audit_revision_item.ordinal 
_pdbx_audit_revision_item.revision_ordinal 
_pdbx_audit_revision_item.data_content_type 
_pdbx_audit_revision_item.item 
1 5 'Structure model' '_database_2.pdbx_DOI'                
2 5 'Structure model' '_database_2.pdbx_database_accession' 
3 5 'Structure model' '_struct_ref_seq_dif.details'         
# 
_pdbx_database_status.status_code                     REL 
_pdbx_database_status.entry_id                        3NPH 
_pdbx_database_status.recvd_initial_deposition_date   2010-06-28 
_pdbx_database_status.deposit_site                    RCSB 
_pdbx_database_status.process_site                    PDBJ 
_pdbx_database_status.status_code_sf                  REL 
_pdbx_database_status.status_code_mr                  ? 
_pdbx_database_status.SG_entry                        ? 
_pdbx_database_status.status_code_cs                  ? 
_pdbx_database_status.pdb_format_compatible           Y 
_pdbx_database_status.status_code_nmr_data            ? 
_pdbx_database_status.methods_development_category    ? 
# 
loop_
_audit_author.name 
_audit_author.pdbx_ordinal 
'Gao, X.'      1 
'Chen, L.'     2 
'Wu, J.-W.'    3 
'Zhang, Y.-Z.' 4 
# 
_citation.id                        primary 
_citation.title                     
'Crystal structure of the N-terminal domain of linker L(R) and the assembly of cyanobacterial phycobilisome rods' 
_citation.journal_abbrev            Mol.Microbiol. 
_citation.journal_volume            82 
_citation.page_first                698 
_citation.page_last                 705 
_citation.year                      2011 
_citation.journal_id_ASTM           MOMIEE 
_citation.country                   UK 
_citation.journal_id_ISSN           0950-382X 
_citation.journal_id_CSD            2007 
_citation.book_publisher            ? 
_citation.pdbx_database_id_PubMed   21923764 
_citation.pdbx_database_id_DOI      10.1111/j.1365-2958.2011.07844.x 
# 
loop_
_citation_author.citation_id 
_citation_author.name 
_citation_author.ordinal 
_citation_author.identifier_ORCID 
primary 'Gao, X.'      1  ? 
primary 'Zhang, N.'    2  ? 
primary 'Wei, T.-D.'   3  ? 
primary 'Su, H.-N.'    4  ? 
primary 'Xie, B.-B.'   5  ? 
primary 'Dong, C.-C.'  6  ? 
primary 'Zhang, X.-Y.' 7  ? 
primary 'Chen, X.-L.'  8  ? 
primary 'Zhou, B.-C.'  9  ? 
primary 'Wang, Z.-X.'  10 ? 
primary 'Wu, J.-W.'    11 ? 
primary 'Zhang, Y.-Z.' 12 ? 
# 
loop_
_entity.id 
_entity.type 
_entity.src_method 
_entity.pdbx_description 
_entity.formula_weight 
_entity.pdbx_number_of_molecules 
_entity.pdbx_ec 
_entity.pdbx_mutation 
_entity.pdbx_fragment 
_entity.details 
1 polymer man 'Phycobilisome 32.1 kDa linker polypeptide, phycocyanin-associated, rod 2' 17458.365 1   ? ? 
'pfam00427 domain, PBS-linker, UNP residues 19-157' ? 
2 water   nat water                                                                      18.015    141 ? ? ? ? 
# 
_entity_poly.entity_id                      1 
_entity_poly.type                           'polypeptide(L)' 
_entity_poly.nstd_linkage                   no 
_entity_poly.nstd_monomer                   no 
_entity_poly.pdbx_seq_one_letter_code       
;MIPLELRSRSTEEEVDAVILAVYRQVLGNDHLMSQERLTSAESLLRGREISVRDFVRAVALSEVYRQKFFHSNPQNRFIE
LNYKHLLGRAPYDQSEIAFHTDLYHQGGYEAEINSYIDSVEYTENFGDWVVPYFRGFATQLEHHHHHH
;
_entity_poly.pdbx_seq_one_letter_code_can   
;MIPLELRSRSTEEEVDAVILAVYRQVLGNDHLMSQERLTSAESLLRGREISVRDFVRAVALSEVYRQKFFHSNPQNRFIE
LNYKHLLGRAPYDQSEIAFHTDLYHQGGYEAEINSYIDSVEYTENFGDWVVPYFRGFATQLEHHHHHH
;
_entity_poly.pdbx_strand_id                 B 
_entity_poly.pdbx_target_identifier         ? 
# 
_pdbx_entity_nonpoly.entity_id   2 
_pdbx_entity_nonpoly.name        water 
_pdbx_entity_nonpoly.comp_id     HOH 
# 
loop_
_entity_poly_seq.entity_id 
_entity_poly_seq.num 
_entity_poly_seq.mon_id 
_entity_poly_seq.hetero 
1 1   MET n 
1 2   ILE n 
1 3   PRO n 
1 4   LEU n 
1 5   GLU n 
1 6   LEU n 
1 7   ARG n 
1 8   SER n 
1 9   ARG n 
1 10  SER n 
1 11  THR n 
1 12  GLU n 
1 13  GLU n 
1 14  GLU n 
1 15  VAL n 
1 16  ASP n 
1 17  ALA n 
1 18  VAL n 
1 19  ILE n 
1 20  LEU n 
1 21  ALA n 
1 22  VAL n 
1 23  TYR n 
1 24  ARG n 
1 25  GLN n 
1 26  VAL n 
1 27  LEU n 
1 28  GLY n 
1 29  ASN n 
1 30  ASP n 
1 31  HIS n 
1 32  LEU n 
1 33  MET n 
1 34  SER n 
1 35  GLN n 
1 36  GLU n 
1 37  ARG n 
1 38  LEU n 
1 39  THR n 
1 40  SER n 
1 41  ALA n 
1 42  GLU n 
1 43  SER n 
1 44  LEU n 
1 45  LEU n 
1 46  ARG n 
1 47  GLY n 
1 48  ARG n 
1 49  GLU n 
1 50  ILE n 
1 51  SER n 
1 52  VAL n 
1 53  ARG n 
1 54  ASP n 
1 55  PHE n 
1 56  VAL n 
1 57  ARG n 
1 58  ALA n 
1 59  VAL n 
1 60  ALA n 
1 61  LEU n 
1 62  SER n 
1 63  GLU n 
1 64  VAL n 
1 65  TYR n 
1 66  ARG n 
1 67  GLN n 
1 68  LYS n 
1 69  PHE n 
1 70  PHE n 
1 71  HIS n 
1 72  SER n 
1 73  ASN n 
1 74  PRO n 
1 75  GLN n 
1 76  ASN n 
1 77  ARG n 
1 78  PHE n 
1 79  ILE n 
1 80  GLU n 
1 81  LEU n 
1 82  ASN n 
1 83  TYR n 
1 84  LYS n 
1 85  HIS n 
1 86  LEU n 
1 87  LEU n 
1 88  GLY n 
1 89  ARG n 
1 90  ALA n 
1 91  PRO n 
1 92  TYR n 
1 93  ASP n 
1 94  GLN n 
1 95  SER n 
1 96  GLU n 
1 97  ILE n 
1 98  ALA n 
1 99  PHE n 
1 100 HIS n 
1 101 THR n 
1 102 ASP n 
1 103 LEU n 
1 104 TYR n 
1 105 HIS n 
1 106 GLN n 
1 107 GLY n 
1 108 GLY n 
1 109 TYR n 
1 110 GLU n 
1 111 ALA n 
1 112 GLU n 
1 113 ILE n 
1 114 ASN n 
1 115 SER n 
1 116 TYR n 
1 117 ILE n 
1 118 ASP n 
1 119 SER n 
1 120 VAL n 
1 121 GLU n 
1 122 TYR n 
1 123 THR n 
1 124 GLU n 
1 125 ASN n 
1 126 PHE n 
1 127 GLY n 
1 128 ASP n 
1 129 TRP n 
1 130 VAL n 
1 131 VAL n 
1 132 PRO n 
1 133 TYR n 
1 134 PHE n 
1 135 ARG n 
1 136 GLY n 
1 137 PHE n 
1 138 ALA n 
1 139 THR n 
1 140 GLN n 
1 141 LEU n 
1 142 GLU n 
1 143 HIS n 
1 144 HIS n 
1 145 HIS n 
1 146 HIS n 
1 147 HIS n 
1 148 HIS n 
# 
_entity_src_gen.entity_id                          1 
_entity_src_gen.pdbx_src_id                        1 
_entity_src_gen.pdbx_alt_source_flag               sample 
_entity_src_gen.pdbx_seq_type                      ? 
_entity_src_gen.pdbx_beg_seq_num                   ? 
_entity_src_gen.pdbx_end_seq_num                   ? 
_entity_src_gen.gene_src_common_name               ? 
_entity_src_gen.gene_src_genus                     ? 
_entity_src_gen.pdbx_gene_src_gene                 ? 
_entity_src_gen.gene_src_species                   ? 
_entity_src_gen.gene_src_strain                    'PCC 6803' 
_entity_src_gen.gene_src_tissue                    ? 
_entity_src_gen.gene_src_tissue_fraction           ? 
_entity_src_gen.gene_src_details                   ? 
_entity_src_gen.pdbx_gene_src_fragment             ? 
_entity_src_gen.pdbx_gene_src_scientific_name      'Synechocystis sp.' 
_entity_src_gen.pdbx_gene_src_ncbi_taxonomy_id     1148 
_entity_src_gen.pdbx_gene_src_variant              ? 
_entity_src_gen.pdbx_gene_src_cell_line            ? 
_entity_src_gen.pdbx_gene_src_atcc                 ? 
_entity_src_gen.pdbx_gene_src_organ                ? 
_entity_src_gen.pdbx_gene_src_organelle            ? 
_entity_src_gen.pdbx_gene_src_cell                 ? 
_entity_src_gen.pdbx_gene_src_cellular_location    ? 
_entity_src_gen.host_org_common_name               ? 
_entity_src_gen.pdbx_host_org_scientific_name      'Escherichia coli' 
_entity_src_gen.pdbx_host_org_ncbi_taxonomy_id     469008 
_entity_src_gen.host_org_genus                     ? 
_entity_src_gen.pdbx_host_org_gene                 ? 
_entity_src_gen.pdbx_host_org_organ                ? 
_entity_src_gen.host_org_species                   ? 
_entity_src_gen.pdbx_host_org_tissue               ? 
_entity_src_gen.pdbx_host_org_tissue_fraction      ? 
_entity_src_gen.pdbx_host_org_strain               'BL21(DH3)' 
_entity_src_gen.pdbx_host_org_variant              ? 
_entity_src_gen.pdbx_host_org_cell_line            ? 
_entity_src_gen.pdbx_host_org_atcc                 ? 
_entity_src_gen.pdbx_host_org_culture_collection   ? 
_entity_src_gen.pdbx_host_org_cell                 ? 
_entity_src_gen.pdbx_host_org_organelle            ? 
_entity_src_gen.pdbx_host_org_cellular_location    ? 
_entity_src_gen.pdbx_host_org_vector_type          plasmid 
_entity_src_gen.pdbx_host_org_vector               ? 
_entity_src_gen.host_org_details                   ? 
_entity_src_gen.expression_system_id               ? 
_entity_src_gen.plasmid_name                       pET21b 
_entity_src_gen.plasmid_details                    ? 
_entity_src_gen.pdbx_description                   ? 
# 
loop_
_chem_comp.id 
_chem_comp.type 
_chem_comp.mon_nstd_flag 
_chem_comp.name 
_chem_comp.pdbx_synonyms 
_chem_comp.formula 
_chem_comp.formula_weight 
ALA 'L-peptide linking' y ALANINE         ? 'C3 H7 N O2'     89.093  
ARG 'L-peptide linking' y ARGININE        ? 'C6 H15 N4 O2 1' 175.209 
ASN 'L-peptide linking' y ASPARAGINE      ? 'C4 H8 N2 O3'    132.118 
ASP 'L-peptide linking' y 'ASPARTIC ACID' ? 'C4 H7 N O4'     133.103 
GLN 'L-peptide linking' y GLUTAMINE       ? 'C5 H10 N2 O3'   146.144 
GLU 'L-peptide linking' y 'GLUTAMIC ACID' ? 'C5 H9 N O4'     147.129 
GLY 'peptide linking'   y GLYCINE         ? 'C2 H5 N O2'     75.067  
HIS 'L-peptide linking' y HISTIDINE       ? 'C6 H10 N3 O2 1' 156.162 
HOH non-polymer         . WATER           ? 'H2 O'           18.015  
ILE 'L-peptide linking' y ISOLEUCINE      ? 'C6 H13 N O2'    131.173 
LEU 'L-peptide linking' y LEUCINE         ? 'C6 H13 N O2'    131.173 
LYS 'L-peptide linking' y LYSINE          ? 'C6 H15 N2 O2 1' 147.195 
MET 'L-peptide linking' y METHIONINE      ? 'C5 H11 N O2 S'  149.211 
PHE 'L-peptide linking' y PHENYLALANINE   ? 'C9 H11 N O2'    165.189 
PRO 'L-peptide linking' y PROLINE         ? 'C5 H9 N O2'     115.130 
SER 'L-peptide linking' y SERINE          ? 'C3 H7 N O3'     105.093 
THR 'L-peptide linking' y THREONINE       ? 'C4 H9 N O3'     119.119 
TRP 'L-peptide linking' y TRYPTOPHAN      ? 'C11 H12 N2 O2'  204.225 
TYR 'L-peptide linking' y TYROSINE        ? 'C9 H11 N O3'    181.189 
VAL 'L-peptide linking' y VALINE          ? 'C5 H11 N O2'    117.146 
# 
loop_
_pdbx_poly_seq_scheme.asym_id 
_pdbx_poly_seq_scheme.entity_id 
_pdbx_poly_seq_scheme.seq_id 
_pdbx_poly_seq_scheme.mon_id 
_pdbx_poly_seq_scheme.ndb_seq_num 
_pdbx_poly_seq_scheme.pdb_seq_num 
_pdbx_poly_seq_scheme.auth_seq_num 
_pdbx_poly_seq_scheme.pdb_mon_id 
_pdbx_poly_seq_scheme.auth_mon_id 
_pdbx_poly_seq_scheme.pdb_strand_id 
_pdbx_poly_seq_scheme.pdb_ins_code 
_pdbx_poly_seq_scheme.hetero 
A 1 1   MET 1   1   ?   ?   ?   B . n 
A 1 2   ILE 2   2   ?   ?   ?   B . n 
A 1 3   PRO 3   3   ?   ?   ?   B . n 
A 1 4   LEU 4   4   ?   ?   ?   B . n 
A 1 5   GLU 5   5   5   GLU GLU B . n 
A 1 6   LEU 6   6   6   LEU LEU B . n 
A 1 7   ARG 7   7   7   ARG ARG B . n 
A 1 8   SER 8   8   8   SER SER B . n 
A 1 9   ARG 9   9   9   ARG ARG B . n 
A 1 10  SER 10  10  10  SER SER B . n 
A 1 11  THR 11  11  11  THR THR B . n 
A 1 12  GLU 12  12  12  GLU GLU B . n 
A 1 13  GLU 13  13  13  GLU GLU B . n 
A 1 14  GLU 14  14  14  GLU GLU B . n 
A 1 15  VAL 15  15  15  VAL VAL B . n 
A 1 16  ASP 16  16  16  ASP ASP B . n 
A 1 17  ALA 17  17  17  ALA ALA B . n 
A 1 18  VAL 18  18  18  VAL VAL B . n 
A 1 19  ILE 19  19  19  ILE ILE B . n 
A 1 20  LEU 20  20  20  LEU LEU B . n 
A 1 21  ALA 21  21  21  ALA ALA B . n 
A 1 22  VAL 22  22  22  VAL VAL B . n 
A 1 23  TYR 23  23  23  TYR TYR B . n 
A 1 24  ARG 24  24  24  ARG ARG B . n 
A 1 25  GLN 25  25  25  GLN GLN B . n 
A 1 26  VAL 26  26  26  VAL VAL B . n 
A 1 27  LEU 27  27  27  LEU LEU B . n 
A 1 28  GLY 28  28  28  GLY GLY B . n 
A 1 29  ASN 29  29  29  ASN ASN B . n 
A 1 30  ASP 30  30  30  ASP ASP B . n 
A 1 31  HIS 31  31  31  HIS HIS B . n 
A 1 32  LEU 32  32  32  LEU LEU B . n 
A 1 33  MET 33  33  33  MET MET B . n 
A 1 34  SER 34  34  34  SER SER B . n 
A 1 35  GLN 35  35  35  GLN GLN B . n 
A 1 36  GLU 36  36  36  GLU GLU B . n 
A 1 37  ARG 37  37  37  ARG ARG B . n 
A 1 38  LEU 38  38  38  LEU LEU B . n 
A 1 39  THR 39  39  39  THR THR B . n 
A 1 40  SER 40  40  40  SER SER B . n 
A 1 41  ALA 41  41  41  ALA ALA B . n 
A 1 42  GLU 42  42  42  GLU GLU B . n 
A 1 43  SER 43  43  43  SER SER B . n 
A 1 44  LEU 44  44  44  LEU LEU B . n 
A 1 45  LEU 45  45  45  LEU LEU B . n 
A 1 46  ARG 46  46  46  ARG ARG B . n 
A 1 47  GLY 47  47  47  GLY GLY B . n 
A 1 48  ARG 48  48  48  ARG ARG B . n 
A 1 49  GLU 49  49  49  GLU GLU B . n 
A 1 50  ILE 50  50  50  ILE ILE B . n 
A 1 51  SER 51  51  51  SER SER B . n 
A 1 52  VAL 52  52  52  VAL VAL B . n 
A 1 53  ARG 53  53  53  ARG ARG B . n 
A 1 54  ASP 54  54  54  ASP ASP B . n 
A 1 55  PHE 55  55  55  PHE PHE B . n 
A 1 56  VAL 56  56  56  VAL VAL B . n 
A 1 57  ARG 57  57  57  ARG ARG B . n 
A 1 58  ALA 58  58  58  ALA ALA B . n 
A 1 59  VAL 59  59  59  VAL VAL B . n 
A 1 60  ALA 60  60  60  ALA ALA B . n 
A 1 61  LEU 61  61  61  LEU LEU B . n 
A 1 62  SER 62  62  62  SER SER B . n 
A 1 63  GLU 63  63  63  GLU GLU B . n 
A 1 64  VAL 64  64  64  VAL VAL B . n 
A 1 65  TYR 65  65  65  TYR TYR B . n 
A 1 66  ARG 66  66  66  ARG ARG B . n 
A 1 67  GLN 67  67  67  GLN GLN B . n 
A 1 68  LYS 68  68  68  LYS LYS B . n 
A 1 69  PHE 69  69  69  PHE PHE B . n 
A 1 70  PHE 70  70  70  PHE PHE B . n 
A 1 71  HIS 71  71  71  HIS HIS B . n 
A 1 72  SER 72  72  72  SER SER B . n 
A 1 73  ASN 73  73  73  ASN ASN B . n 
A 1 74  PRO 74  74  74  PRO PRO B . n 
A 1 75  GLN 75  75  75  GLN GLN B . n 
A 1 76  ASN 76  76  76  ASN ASN B . n 
A 1 77  ARG 77  77  77  ARG ARG B . n 
A 1 78  PHE 78  78  78  PHE PHE B . n 
A 1 79  ILE 79  79  79  ILE ILE B . n 
A 1 80  GLU 80  80  80  GLU GLU B . n 
A 1 81  LEU 81  81  81  LEU LEU B . n 
A 1 82  ASN 82  82  82  ASN ASN B . n 
A 1 83  TYR 83  83  83  TYR TYR B . n 
A 1 84  LYS 84  84  84  LYS LYS B . n 
A 1 85  HIS 85  85  85  HIS HIS B . n 
A 1 86  LEU 86  86  86  LEU LEU B . n 
A 1 87  LEU 87  87  87  LEU LEU B . n 
A 1 88  GLY 88  88  88  GLY GLY B . n 
A 1 89  ARG 89  89  89  ARG ARG B . n 
A 1 90  ALA 90  90  90  ALA ALA B . n 
A 1 91  PRO 91  91  91  PRO PRO B . n 
A 1 92  TYR 92  92  92  TYR TYR B . n 
A 1 93  ASP 93  93  93  ASP ASP B . n 
A 1 94  GLN 94  94  94  GLN GLN B . n 
A 1 95  SER 95  95  95  SER SER B . n 
A 1 96  GLU 96  96  96  GLU GLU B . n 
A 1 97  ILE 97  97  97  ILE ILE B . n 
A 1 98  ALA 98  98  98  ALA ALA B . n 
A 1 99  PHE 99  99  99  PHE PHE B . n 
A 1 100 HIS 100 100 100 HIS HIS B . n 
A 1 101 THR 101 101 101 THR THR B . n 
A 1 102 ASP 102 102 102 ASP ASP B . n 
A 1 103 LEU 103 103 103 LEU LEU B . n 
A 1 104 TYR 104 104 104 TYR TYR B . n 
A 1 105 HIS 105 105 105 HIS HIS B . n 
A 1 106 GLN 106 106 106 GLN GLN B . n 
A 1 107 GLY 107 107 107 GLY GLY B . n 
A 1 108 GLY 108 108 108 GLY GLY B . n 
A 1 109 TYR 109 109 109 TYR TYR B . n 
A 1 110 GLU 110 110 110 GLU GLU B . n 
A 1 111 ALA 111 111 111 ALA ALA B . n 
A 1 112 GLU 112 112 112 GLU GLU B . n 
A 1 113 ILE 113 113 113 ILE ILE B . n 
A 1 114 ASN 114 114 114 ASN ASN B . n 
A 1 115 SER 115 115 115 SER SER B . n 
A 1 116 TYR 116 116 116 TYR TYR B . n 
A 1 117 ILE 117 117 117 ILE ILE B . n 
A 1 118 ASP 118 118 118 ASP ASP B . n 
A 1 119 SER 119 119 119 SER SER B . n 
A 1 120 VAL 120 120 120 VAL VAL B . n 
A 1 121 GLU 121 121 121 GLU GLU B . n 
A 1 122 TYR 122 122 122 TYR TYR B . n 
A 1 123 THR 123 123 123 THR THR B . n 
A 1 124 GLU 124 124 124 GLU GLU B . n 
A 1 125 ASN 125 125 125 ASN ASN B . n 
A 1 126 PHE 126 126 126 PHE PHE B . n 
A 1 127 GLY 127 127 127 GLY GLY B . n 
A 1 128 ASP 128 128 128 ASP ASP B . n 
A 1 129 TRP 129 129 129 TRP TRP B . n 
A 1 130 VAL 130 130 130 VAL VAL B . n 
A 1 131 VAL 131 131 131 VAL VAL B . n 
A 1 132 PRO 132 132 132 PRO PRO B . n 
A 1 133 TYR 133 133 133 TYR TYR B . n 
A 1 134 PHE 134 134 134 PHE PHE B . n 
A 1 135 ARG 135 135 135 ARG ARG B . n 
A 1 136 GLY 136 136 ?   ?   ?   B . n 
A 1 137 PHE 137 137 ?   ?   ?   B . n 
A 1 138 ALA 138 138 ?   ?   ?   B . n 
A 1 139 THR 139 139 ?   ?   ?   B . n 
A 1 140 GLN 140 140 ?   ?   ?   B . n 
A 1 141 LEU 141 141 ?   ?   ?   B . n 
A 1 142 GLU 142 142 ?   ?   ?   B . n 
A 1 143 HIS 143 143 ?   ?   ?   B . n 
A 1 144 HIS 144 144 ?   ?   ?   B . n 
A 1 145 HIS 145 145 ?   ?   ?   B . n 
A 1 146 HIS 146 146 ?   ?   ?   B . n 
A 1 147 HIS 147 147 ?   ?   ?   B . n 
A 1 148 HIS 148 148 ?   ?   ?   B . n 
# 
loop_
_pdbx_nonpoly_scheme.asym_id 
_pdbx_nonpoly_scheme.entity_id 
_pdbx_nonpoly_scheme.mon_id 
_pdbx_nonpoly_scheme.ndb_seq_num 
_pdbx_nonpoly_scheme.pdb_seq_num 
_pdbx_nonpoly_scheme.auth_seq_num 
_pdbx_nonpoly_scheme.pdb_mon_id 
_pdbx_nonpoly_scheme.auth_mon_id 
_pdbx_nonpoly_scheme.pdb_strand_id 
_pdbx_nonpoly_scheme.pdb_ins_code 
B 2 HOH 1   149 2   HOH HOH B . 
B 2 HOH 2   150 3   HOH HOH B . 
B 2 HOH 3   151 4   HOH HOH B . 
B 2 HOH 4   152 5   HOH HOH B . 
B 2 HOH 5   153 6   HOH HOH B . 
B 2 HOH 6   154 7   HOH HOH B . 
B 2 HOH 7   155 8   HOH HOH B . 
B 2 HOH 8   156 9   HOH HOH B . 
B 2 HOH 9   157 10  HOH HOH B . 
B 2 HOH 10  158 11  HOH HOH B . 
B 2 HOH 11  159 12  HOH HOH B . 
B 2 HOH 12  160 13  HOH HOH B . 
B 2 HOH 13  161 14  HOH HOH B . 
B 2 HOH 14  162 15  HOH HOH B . 
B 2 HOH 15  163 16  HOH HOH B . 
B 2 HOH 16  164 17  HOH HOH B . 
B 2 HOH 17  165 18  HOH HOH B . 
B 2 HOH 18  166 19  HOH HOH B . 
B 2 HOH 19  167 20  HOH HOH B . 
B 2 HOH 20  168 21  HOH HOH B . 
B 2 HOH 21  169 22  HOH HOH B . 
B 2 HOH 22  170 23  HOH HOH B . 
B 2 HOH 23  171 24  HOH HOH B . 
B 2 HOH 24  172 25  HOH HOH B . 
B 2 HOH 25  173 26  HOH HOH B . 
B 2 HOH 26  174 27  HOH HOH B . 
B 2 HOH 27  175 28  HOH HOH B . 
B 2 HOH 28  176 29  HOH HOH B . 
B 2 HOH 29  177 30  HOH HOH B . 
B 2 HOH 30  178 31  HOH HOH B . 
B 2 HOH 31  179 32  HOH HOH B . 
B 2 HOH 32  180 33  HOH HOH B . 
B 2 HOH 33  181 34  HOH HOH B . 
B 2 HOH 34  182 35  HOH HOH B . 
B 2 HOH 35  183 36  HOH HOH B . 
B 2 HOH 36  184 37  HOH HOH B . 
B 2 HOH 37  185 38  HOH HOH B . 
B 2 HOH 38  186 39  HOH HOH B . 
B 2 HOH 39  187 40  HOH HOH B . 
B 2 HOH 40  188 41  HOH HOH B . 
B 2 HOH 41  189 42  HOH HOH B . 
B 2 HOH 42  190 44  HOH HOH B . 
B 2 HOH 43  191 45  HOH HOH B . 
B 2 HOH 44  192 46  HOH HOH B . 
B 2 HOH 45  193 47  HOH HOH B . 
B 2 HOH 46  194 48  HOH HOH B . 
B 2 HOH 47  195 49  HOH HOH B . 
B 2 HOH 48  196 50  HOH HOH B . 
B 2 HOH 49  197 51  HOH HOH B . 
B 2 HOH 50  198 52  HOH HOH B . 
B 2 HOH 51  199 53  HOH HOH B . 
B 2 HOH 52  200 54  HOH HOH B . 
B 2 HOH 53  201 55  HOH HOH B . 
B 2 HOH 54  202 56  HOH HOH B . 
B 2 HOH 55  203 57  HOH HOH B . 
B 2 HOH 56  204 58  HOH HOH B . 
B 2 HOH 57  205 59  HOH HOH B . 
B 2 HOH 58  206 60  HOH HOH B . 
B 2 HOH 59  207 61  HOH HOH B . 
B 2 HOH 60  208 62  HOH HOH B . 
B 2 HOH 61  209 63  HOH HOH B . 
B 2 HOH 62  210 64  HOH HOH B . 
B 2 HOH 63  211 65  HOH HOH B . 
B 2 HOH 64  212 66  HOH HOH B . 
B 2 HOH 65  213 67  HOH HOH B . 
B 2 HOH 66  214 68  HOH HOH B . 
B 2 HOH 67  215 69  HOH HOH B . 
B 2 HOH 68  216 70  HOH HOH B . 
B 2 HOH 69  217 71  HOH HOH B . 
B 2 HOH 70  218 72  HOH HOH B . 
B 2 HOH 71  219 73  HOH HOH B . 
B 2 HOH 72  220 74  HOH HOH B . 
B 2 HOH 73  221 75  HOH HOH B . 
B 2 HOH 74  222 76  HOH HOH B . 
B 2 HOH 75  223 77  HOH HOH B . 
B 2 HOH 76  224 78  HOH HOH B . 
B 2 HOH 77  225 79  HOH HOH B . 
B 2 HOH 78  226 80  HOH HOH B . 
B 2 HOH 79  227 81  HOH HOH B . 
B 2 HOH 80  228 82  HOH HOH B . 
B 2 HOH 81  229 83  HOH HOH B . 
B 2 HOH 82  230 84  HOH HOH B . 
B 2 HOH 83  231 85  HOH HOH B . 
B 2 HOH 84  232 86  HOH HOH B . 
B 2 HOH 85  233 87  HOH HOH B . 
B 2 HOH 86  234 88  HOH HOH B . 
B 2 HOH 87  235 89  HOH HOH B . 
B 2 HOH 88  236 90  HOH HOH B . 
B 2 HOH 89  237 91  HOH HOH B . 
B 2 HOH 90  238 92  HOH HOH B . 
B 2 HOH 91  239 93  HOH HOH B . 
B 2 HOH 92  240 94  HOH HOH B . 
B 2 HOH 93  241 95  HOH HOH B . 
B 2 HOH 94  242 96  HOH HOH B . 
B 2 HOH 95  243 97  HOH HOH B . 
B 2 HOH 96  244 98  HOH HOH B . 
B 2 HOH 97  245 99  HOH HOH B . 
B 2 HOH 98  246 100 HOH HOH B . 
B 2 HOH 99  247 101 HOH HOH B . 
B 2 HOH 100 248 102 HOH HOH B . 
B 2 HOH 101 249 103 HOH HOH B . 
B 2 HOH 102 250 104 HOH HOH B . 
B 2 HOH 103 251 105 HOH HOH B . 
B 2 HOH 104 252 106 HOH HOH B . 
B 2 HOH 105 253 107 HOH HOH B . 
B 2 HOH 106 254 108 HOH HOH B . 
B 2 HOH 107 255 109 HOH HOH B . 
B 2 HOH 108 256 110 HOH HOH B . 
B 2 HOH 109 257 111 HOH HOH B . 
B 2 HOH 110 258 112 HOH HOH B . 
B 2 HOH 111 259 113 HOH HOH B . 
B 2 HOH 112 260 114 HOH HOH B . 
B 2 HOH 113 261 115 HOH HOH B . 
B 2 HOH 114 262 116 HOH HOH B . 
B 2 HOH 115 263 118 HOH HOH B . 
B 2 HOH 116 264 119 HOH HOH B . 
B 2 HOH 117 265 120 HOH HOH B . 
B 2 HOH 118 266 121 HOH HOH B . 
B 2 HOH 119 267 122 HOH HOH B . 
B 2 HOH 120 268 124 HOH HOH B . 
B 2 HOH 121 269 125 HOH HOH B . 
B 2 HOH 122 270 126 HOH HOH B . 
B 2 HOH 123 271 127 HOH HOH B . 
B 2 HOH 124 272 128 HOH HOH B . 
B 2 HOH 125 273 129 HOH HOH B . 
B 2 HOH 126 274 130 HOH HOH B . 
B 2 HOH 127 275 132 HOH HOH B . 
B 2 HOH 128 276 134 HOH HOH B . 
B 2 HOH 129 277 135 HOH HOH B . 
B 2 HOH 130 278 136 HOH HOH B . 
B 2 HOH 131 279 137 HOH HOH B . 
B 2 HOH 132 280 138 HOH HOH B . 
B 2 HOH 133 281 139 HOH HOH B . 
B 2 HOH 134 282 140 HOH HOH B . 
B 2 HOH 135 283 141 HOH HOH B . 
B 2 HOH 136 284 142 HOH HOH B . 
B 2 HOH 137 285 143 HOH HOH B . 
B 2 HOH 138 286 144 HOH HOH B . 
B 2 HOH 139 287 145 HOH HOH B . 
B 2 HOH 140 288 146 HOH HOH B . 
B 2 HOH 141 289 147 HOH HOH B . 
# 
loop_
_software.name 
_software.classification 
_software.version 
_software.citation_id 
_software.pdbx_ordinal 
CrystalClear 'data collection' .                 ? 1 
SOLVE        phasing           .                 ? 2 
PHENIX       refinement        '(phenix.refine)' ? 3 
HKL-2000     'data reduction'  .                 ? 4 
HKL-2000     'data scaling'    .                 ? 5 
# 
_cell.entry_id           3NPH 
_cell.length_a           55.675 
_cell.length_b           55.675 
_cell.length_c           79.187 
_cell.angle_alpha        90.00 
_cell.angle_beta         90.00 
_cell.angle_gamma        90.00 
_cell.Z_PDB              8 
_cell.pdbx_unique_axis   ? 
_cell.length_a_esd       ? 
_cell.length_b_esd       ? 
_cell.length_c_esd       ? 
_cell.angle_alpha_esd    ? 
_cell.angle_beta_esd     ? 
_cell.angle_gamma_esd    ? 
# 
_symmetry.entry_id                         3NPH 
_symmetry.space_group_name_H-M             'P 41 21 2' 
_symmetry.pdbx_full_space_group_name_H-M   ? 
_symmetry.cell_setting                     ? 
_symmetry.Int_Tables_number                92 
_symmetry.space_group_name_Hall            ? 
# 
_exptl.entry_id          3NPH 
_exptl.method            'X-RAY DIFFRACTION' 
_exptl.crystals_number   1 
# 
_exptl_crystal.id                    1 
_exptl_crystal.density_meas          ? 
_exptl_crystal.density_Matthews      1.78 
_exptl_crystal.density_percent_sol   31 
_exptl_crystal.description           ? 
_exptl_crystal.F_000                 ? 
_exptl_crystal.preparation           ? 
# 
_exptl_crystal_grow.crystal_id      1 
_exptl_crystal_grow.method          'VAPOR DIFFUSION, HANGING DROP' 
_exptl_crystal_grow.temp            298 
_exptl_crystal_grow.temp_details    ? 
_exptl_crystal_grow.pH              6.5 
_exptl_crystal_grow.pdbx_details    '12% PEG 3000, 0.1M Bis-Tris buffer (pH 6.5), VAPOR DIFFUSION, HANGING DROP, temperature 298K' 
_exptl_crystal_grow.pdbx_pH_range   . 
# 
_diffrn.id                     1 
_diffrn.ambient_temp           100 
_diffrn.ambient_temp_details   ? 
_diffrn.crystal_id             1 
# 
_diffrn_detector.diffrn_id              1 
_diffrn_detector.detector               'IMAGE PLATE' 
_diffrn_detector.type                   'RIGAKU RAXIS IV++' 
_diffrn_detector.pdbx_collection_date   2009-11-07 
_diffrn_detector.details                ? 
# 
_diffrn_radiation.diffrn_id                        1 
_diffrn_radiation.wavelength_id                    1 
_diffrn_radiation.pdbx_monochromatic_or_laue_m_l   M 
_diffrn_radiation.monochromator                    ? 
_diffrn_radiation.pdbx_diffrn_protocol             'SINGLE WAVELENGTH' 
_diffrn_radiation.pdbx_scattering_type             x-ray 
# 
_diffrn_radiation_wavelength.id           1 
_diffrn_radiation_wavelength.wavelength   1.498 
_diffrn_radiation_wavelength.wt           1.0 
# 
_diffrn_source.diffrn_id                   1 
_diffrn_source.source                      'ROTATING ANODE' 
_diffrn_source.type                        'RIGAKU FR-E+ DW' 
_diffrn_source.pdbx_synchrotron_site       ? 
_diffrn_source.pdbx_synchrotron_beamline   ? 
_diffrn_source.pdbx_wavelength             ? 
_diffrn_source.pdbx_wavelength_list        1.498 
# 
_reflns.entry_id                     3NPH 
_reflns.observed_criterion_sigma_I   0 
_reflns.observed_criterion_sigma_F   0 
_reflns.d_resolution_low             39.43 
_reflns.d_resolution_high            1.849 
_reflns.number_obs                   11164 
_reflns.number_all                   ? 
_reflns.percent_possible_obs         100 
_reflns.pdbx_Rmerge_I_obs            ? 
_reflns.pdbx_Rsym_value              ? 
_reflns.pdbx_netI_over_sigmaI        ? 
_reflns.B_iso_Wilson_estimate        21.030 
_reflns.pdbx_redundancy              ? 
_reflns.R_free_details               ? 
_reflns.limit_h_max                  ? 
_reflns.limit_h_min                  ? 
_reflns.limit_k_max                  ? 
_reflns.limit_k_min                  ? 
_reflns.limit_l_max                  ? 
_reflns.limit_l_min                  ? 
_reflns.observed_criterion_F_max     ? 
_reflns.observed_criterion_F_min     ? 
_reflns.pdbx_chi_squared             ? 
_reflns.pdbx_scaling_rejects         ? 
_reflns.pdbx_ordinal                 1 
_reflns.pdbx_diffrn_id               1 
# 
_reflns_shell.d_res_high                  1.849 
_reflns_shell.d_res_low                   1.91 
_reflns_shell.percent_possible_all        100 
_reflns_shell.Rmerge_I_obs                ? 
_reflns_shell.pdbx_Rsym_value             ? 
_reflns_shell.meanI_over_sigI_obs         ? 
_reflns_shell.pdbx_redundancy             ? 
_reflns_shell.percent_possible_obs        ? 
_reflns_shell.number_unique_all           ? 
_reflns_shell.number_measured_all         ? 
_reflns_shell.number_measured_obs         ? 
_reflns_shell.number_unique_obs           ? 
_reflns_shell.pdbx_chi_squared            ? 
_reflns_shell.pdbx_rejects                ? 
_reflns_shell.pdbx_netI_over_sigmaI_obs   ? 
_reflns_shell.number_possible             ? 
_reflns_shell.Rmerge_F_all                ? 
_reflns_shell.Rmerge_F_obs                ? 
_reflns_shell.Rmerge_I_all                ? 
_reflns_shell.meanI_over_sigI_all         ? 
_reflns_shell.pdbx_Rrim_I_all             ? 
_reflns_shell.pdbx_Rpim_I_all             ? 
_reflns_shell.pdbx_ordinal                1 
_reflns_shell.pdbx_diffrn_id              1 
# 
_refine.entry_id                                 3NPH 
_refine.pdbx_refine_id                           'X-RAY DIFFRACTION' 
_refine.ls_number_reflns_obs                     11164 
_refine.ls_number_reflns_all                     ? 
_refine.pdbx_ls_sigma_I                          ? 
_refine.pdbx_ls_sigma_F                          1.40 
_refine.pdbx_data_cutoff_high_absF               ? 
_refine.pdbx_data_cutoff_low_absF                ? 
_refine.pdbx_data_cutoff_high_rms_absF           ? 
_refine.ls_d_res_low                             22.772 
_refine.ls_d_res_high                            1.849 
_refine.ls_percent_reflns_obs                    99.82 
_refine.ls_R_factor_obs                          0.2040 
_refine.ls_R_factor_all                          ? 
_refine.ls_R_factor_R_work                       0.2025 
_refine.ls_R_factor_R_free                       0.2343 
_refine.ls_R_factor_R_free_error                 ? 
_refine.ls_R_factor_R_free_error_details         ? 
_refine.ls_percent_reflns_R_free                 10.01 
_refine.ls_number_reflns_R_free                  1117 
_refine.ls_number_reflns_R_work                  10047 
_refine.ls_number_parameters                     ? 
_refine.ls_number_restraints                     ? 
_refine.correlation_coeff_Fo_to_Fc               ? 
_refine.correlation_coeff_Fo_to_Fc_free          ? 
_refine.B_iso_mean                               25.7342 
_refine.aniso_B[1][1]                            -5.8544 
_refine.aniso_B[2][2]                            -5.8544 
_refine.aniso_B[3][3]                            2.4044 
_refine.aniso_B[1][2]                            -0.0000 
_refine.aniso_B[1][3]                            0.0000 
_refine.aniso_B[2][3]                            -0.0000 
_refine.solvent_model_details                    'FLAT BULK SOLVENT MODEL' 
_refine.solvent_model_param_ksol                 0.359 
_refine.solvent_model_param_bsol                 62.699 
_refine.pdbx_solvent_vdw_probe_radii             1.11 
_refine.pdbx_solvent_ion_probe_radii             ? 
_refine.pdbx_solvent_shrinkage_radii             0.90 
_refine.pdbx_ls_cross_valid_method               ? 
_refine.details                                  ? 
_refine.pdbx_starting_model                      ? 
_refine.pdbx_method_to_determine_struct          SAD 
_refine.pdbx_isotropic_thermal_model             ? 
_refine.pdbx_stereochemistry_target_values       ML 
_refine.pdbx_stereochem_target_val_spec_case     ? 
_refine.pdbx_R_Free_selection_details            RANDOM 
_refine.pdbx_overall_ESU_R_Free                  ? 
_refine.overall_SU_ML                            0.28 
_refine.pdbx_overall_phase_error                 23.97 
_refine.overall_SU_B                             ? 
_refine.overall_SU_R_Cruickshank_DPI             ? 
_refine.pdbx_overall_SU_R_free_Cruickshank_DPI   ? 
_refine.pdbx_overall_SU_R_Blow_DPI               ? 
_refine.pdbx_overall_SU_R_free_Blow_DPI          ? 
_refine.overall_FOM_work_R_set                   0.8205 
_refine.B_iso_max                                83.490 
_refine.B_iso_min                                13.870 
_refine.occupancy_max                            1.000 
_refine.occupancy_min                            1.000 
_refine.ls_redundancy_reflns_obs                 ? 
_refine.overall_SU_R_free                        ? 
_refine.ls_wR_factor_R_free                      ? 
_refine.ls_wR_factor_R_work                      ? 
_refine.overall_FOM_free_R_set                   ? 
_refine.pdbx_diffrn_id                           1 
_refine.pdbx_overall_ESU_R                       ? 
_refine.pdbx_TLS_residual_ADP_flag               ? 
# 
_refine_hist.pdbx_refine_id                   'X-RAY DIFFRACTION' 
_refine_hist.cycle_id                         LAST 
_refine_hist.pdbx_number_atoms_protein        1091 
_refine_hist.pdbx_number_atoms_nucleic_acid   0 
_refine_hist.pdbx_number_atoms_ligand         0 
_refine_hist.number_atoms_solvent             141 
_refine_hist.number_atoms_total               1232 
_refine_hist.d_res_high                       1.849 
_refine_hist.d_res_low                        22.772 
# 
loop_
_refine_ls_restr.type 
_refine_ls_restr.dev_ideal 
_refine_ls_restr.dev_ideal_target 
_refine_ls_restr.weight 
_refine_ls_restr.number 
_refine_ls_restr.pdbx_refine_id 
_refine_ls_restr.pdbx_restraint_function 
f_bond_d           0.006  ? ? 1116 'X-RAY DIFFRACTION' ? 
f_angle_d          0.988  ? ? 1510 'X-RAY DIFFRACTION' ? 
f_dihedral_angle_d 18.479 ? ? 402  'X-RAY DIFFRACTION' ? 
f_chiral_restr     0.073  ? ? 158  'X-RAY DIFFRACTION' ? 
f_plane_restr      0.004  ? ? 200  'X-RAY DIFFRACTION' ? 
# 
loop_
_refine_ls_shell.pdbx_refine_id 
_refine_ls_shell.pdbx_total_number_of_bins_used 
_refine_ls_shell.d_res_high 
_refine_ls_shell.d_res_low 
_refine_ls_shell.number_reflns_R_work 
_refine_ls_shell.R_factor_R_work 
_refine_ls_shell.percent_reflns_obs 
_refine_ls_shell.R_factor_R_free 
_refine_ls_shell.R_factor_R_free_error 
_refine_ls_shell.percent_reflns_R_free 
_refine_ls_shell.number_reflns_R_free 
_refine_ls_shell.number_reflns_all 
_refine_ls_shell.R_factor_all 
_refine_ls_shell.redundancy_reflns_obs 
_refine_ls_shell.number_reflns_obs 
'X-RAY DIFFRACTION' . 1.8487 1.9328  1218 0.2199 99.00  0.2720 . . 136 . . . . 
'X-RAY DIFFRACTION' . 1.9328 2.0347  1221 0.2126 100.00 0.3142 . . 135 . . . . 
'X-RAY DIFFRACTION' . 2.0347 2.1621  1229 0.2122 100.00 0.2894 . . 136 . . . . 
'X-RAY DIFFRACTION' . 2.1621 2.3288  1246 0.2129 100.00 0.2651 . . 139 . . . . 
'X-RAY DIFFRACTION' . 2.3288 2.5629  1237 0.2211 100.00 0.2415 . . 138 . . . . 
'X-RAY DIFFRACTION' . 2.5629 2.9331  1262 0.2260 100.00 0.3090 . . 140 . . . . 
'X-RAY DIFFRACTION' . 2.9331 3.6929  1273 0.2036 100.00 0.2551 . . 141 . . . . 
'X-RAY DIFFRACTION' . 3.6929 22.7741 1361 0.2090 100.00 0.2462 . . 152 . . . . 
# 
_struct.entry_id                  3NPH 
_struct.title                     'Crystal structure of the pfam00427 domain from Synechocystis sp. PCC 6803' 
_struct.pdbx_model_details        ? 
_struct.pdbx_CASP_flag            ? 
_struct.pdbx_model_type_details   ? 
# 
_struct_keywords.entry_id        3NPH 
_struct_keywords.pdbx_keywords   PHOTOSYNTHESIS 
_struct_keywords.text            'pfam00427 domain, Linker protein, phycobiliprotein, PHOTOSYNTHESIS' 
# 
loop_
_struct_asym.id 
_struct_asym.pdbx_blank_PDB_chainid_flag 
_struct_asym.pdbx_modified 
_struct_asym.entity_id 
_struct_asym.details 
A N N 1 ? 
B N N 2 ? 
# 
_struct_ref.id                         1 
_struct_ref.db_name                    UNP 
_struct_ref.db_code                    PYR2_SYNY3 
_struct_ref.pdbx_db_accession          P73204 
_struct_ref.entity_id                  1 
_struct_ref.pdbx_seq_one_letter_code   
;IPLELRSRSTEEEVDAVILAVYRQVLGNDHLMSQERLTSAESLLRGREISVRDFVRAVALSEVYRQKFFHSNPQNRFIEL
NYKHLLGRAPYDQSEIAFHTDLYHQGGYEAEINSYIDSVEYTENFGDWVVPYFRGFATQ
;
_struct_ref.pdbx_align_begin           19 
_struct_ref.pdbx_db_isoform            ? 
# 
_struct_ref_seq.align_id                      1 
_struct_ref_seq.ref_id                        1 
_struct_ref_seq.pdbx_PDB_id_code              3NPH 
_struct_ref_seq.pdbx_strand_id                B 
_struct_ref_seq.seq_align_beg                 2 
_struct_ref_seq.pdbx_seq_align_beg_ins_code   ? 
_struct_ref_seq.seq_align_end                 140 
_struct_ref_seq.pdbx_seq_align_end_ins_code   ? 
_struct_ref_seq.pdbx_db_accession             P73204 
_struct_ref_seq.db_align_beg                  19 
_struct_ref_seq.pdbx_db_align_beg_ins_code    ? 
_struct_ref_seq.db_align_end                  157 
_struct_ref_seq.pdbx_db_align_end_ins_code    ? 
_struct_ref_seq.pdbx_auth_seq_align_beg       2 
_struct_ref_seq.pdbx_auth_seq_align_end       140 
# 
loop_
_struct_ref_seq_dif.align_id 
_struct_ref_seq_dif.pdbx_pdb_id_code 
_struct_ref_seq_dif.mon_id 
_struct_ref_seq_dif.pdbx_pdb_strand_id 
_struct_ref_seq_dif.seq_num 
_struct_ref_seq_dif.pdbx_pdb_ins_code 
_struct_ref_seq_dif.pdbx_seq_db_name 
_struct_ref_seq_dif.pdbx_seq_db_accession_code 
_struct_ref_seq_dif.db_mon_id 
_struct_ref_seq_dif.pdbx_seq_db_seq_num 
_struct_ref_seq_dif.details 
_struct_ref_seq_dif.pdbx_auth_seq_num 
_struct_ref_seq_dif.pdbx_ordinal 
1 3NPH MET B 1   ? UNP P73204 ? ? 'expression tag' 1   1 
1 3NPH LEU B 141 ? UNP P73204 ? ? 'expression tag' 141 2 
1 3NPH GLU B 142 ? UNP P73204 ? ? 'expression tag' 142 3 
1 3NPH HIS B 143 ? UNP P73204 ? ? 'expression tag' 143 4 
1 3NPH HIS B 144 ? UNP P73204 ? ? 'expression tag' 144 5 
1 3NPH HIS B 145 ? UNP P73204 ? ? 'expression tag' 145 6 
1 3NPH HIS B 146 ? UNP P73204 ? ? 'expression tag' 146 7 
1 3NPH HIS B 147 ? UNP P73204 ? ? 'expression tag' 147 8 
1 3NPH HIS B 148 ? UNP P73204 ? ? 'expression tag' 148 9 
# 
_pdbx_struct_assembly.id                   1 
_pdbx_struct_assembly.details              author_and_software_defined_assembly 
_pdbx_struct_assembly.method_details       PISA 
_pdbx_struct_assembly.oligomeric_details   monomeric 
_pdbx_struct_assembly.oligomeric_count     1 
# 
_pdbx_struct_assembly_gen.assembly_id       1 
_pdbx_struct_assembly_gen.oper_expression   1 
_pdbx_struct_assembly_gen.asym_id_list      A,B 
# 
_pdbx_struct_oper_list.id                   1 
_pdbx_struct_oper_list.type                 'identity operation' 
_pdbx_struct_oper_list.name                 1_555 
_pdbx_struct_oper_list.symmetry_operation   x,y,z 
_pdbx_struct_oper_list.matrix[1][1]         1.0000000000 
_pdbx_struct_oper_list.matrix[1][2]         0.0000000000 
_pdbx_struct_oper_list.matrix[1][3]         0.0000000000 
_pdbx_struct_oper_list.vector[1]            0.0000000000 
_pdbx_struct_oper_list.matrix[2][1]         0.0000000000 
_pdbx_struct_oper_list.matrix[2][2]         1.0000000000 
_pdbx_struct_oper_list.matrix[2][3]         0.0000000000 
_pdbx_struct_oper_list.vector[2]            0.0000000000 
_pdbx_struct_oper_list.matrix[3][1]         0.0000000000 
_pdbx_struct_oper_list.matrix[3][2]         0.0000000000 
_pdbx_struct_oper_list.matrix[3][3]         1.0000000000 
_pdbx_struct_oper_list.vector[3]            0.0000000000 
# 
_struct_biol.id        1 
_struct_biol.details   ? 
# 
loop_
_struct_conf.conf_type_id 
_struct_conf.id 
_struct_conf.pdbx_PDB_helix_id 
_struct_conf.beg_label_comp_id 
_struct_conf.beg_label_asym_id 
_struct_conf.beg_label_seq_id 
_struct_conf.pdbx_beg_PDB_ins_code 
_struct_conf.end_label_comp_id 
_struct_conf.end_label_asym_id 
_struct_conf.end_label_seq_id 
_struct_conf.pdbx_end_PDB_ins_code 
_struct_conf.beg_auth_comp_id 
_struct_conf.beg_auth_asym_id 
_struct_conf.beg_auth_seq_id 
_struct_conf.end_auth_comp_id 
_struct_conf.end_auth_asym_id 
_struct_conf.end_auth_seq_id 
_struct_conf.pdbx_PDB_helix_class 
_struct_conf.details 
_struct_conf.pdbx_PDB_helix_length 
HELX_P HELX_P1 1 GLU A 12  ? GLY A 28  ? GLU B 12  GLY B 28  1 ? 17 
HELX_P HELX_P2 2 LEU A 38  ? GLY A 47  ? LEU B 38  GLY B 47  1 ? 10 
HELX_P HELX_P3 3 SER A 51  ? LEU A 61  ? SER B 51  LEU B 61  1 ? 11 
HELX_P HELX_P4 4 SER A 62  ? PHE A 70  ? SER B 62  PHE B 70  1 ? 9  
HELX_P HELX_P5 5 PRO A 74  ? LEU A 87  ? PRO B 74  LEU B 87  1 ? 14 
HELX_P HELX_P6 6 ASP A 93  ? GLY A 108 ? ASP B 93  GLY B 108 1 ? 16 
HELX_P HELX_P7 7 GLY A 108 ? ASP A 118 ? GLY B 108 ASP B 118 1 ? 11 
HELX_P HELX_P8 8 SER A 119 ? PHE A 126 ? SER B 119 PHE B 126 1 ? 8  
# 
_struct_conf_type.id          HELX_P 
_struct_conf_type.criteria    ? 
_struct_conf_type.reference   ? 
# 
_pdbx_validate_close_contact.id               1 
_pdbx_validate_close_contact.PDB_model_num    1 
_pdbx_validate_close_contact.auth_atom_id_1   O 
_pdbx_validate_close_contact.auth_asym_id_1   B 
_pdbx_validate_close_contact.auth_comp_id_1   SER 
_pdbx_validate_close_contact.auth_seq_id_1    10 
_pdbx_validate_close_contact.PDB_ins_code_1   ? 
_pdbx_validate_close_contact.label_alt_id_1   ? 
_pdbx_validate_close_contact.auth_atom_id_2   O 
_pdbx_validate_close_contact.auth_asym_id_2   B 
_pdbx_validate_close_contact.auth_comp_id_2   THR 
_pdbx_validate_close_contact.auth_seq_id_2    11 
_pdbx_validate_close_contact.PDB_ins_code_2   ? 
_pdbx_validate_close_contact.label_alt_id_2   ? 
_pdbx_validate_close_contact.dist             1.71 
# 
loop_
_pdbx_validate_torsion.id 
_pdbx_validate_torsion.PDB_model_num 
_pdbx_validate_torsion.auth_comp_id 
_pdbx_validate_torsion.auth_asym_id 
_pdbx_validate_torsion.auth_seq_id 
_pdbx_validate_torsion.PDB_ins_code 
_pdbx_validate_torsion.label_alt_id 
_pdbx_validate_torsion.phi 
_pdbx_validate_torsion.psi 
1 1 ARG B 7  ? ? -56.91  -131.10 
2 1 SER B 8  ? ? 110.47  -145.36 
3 1 SER B 10 ? ? -169.73 -38.58  
4 1 THR B 11 ? ? 30.39   178.57  
5 1 GLU B 12 ? ? 103.28  -76.43  
6 1 PHE B 70 ? ? -96.54  -60.73  
# 
_pdbx_validate_peptide_omega.id               1 
_pdbx_validate_peptide_omega.PDB_model_num    1 
_pdbx_validate_peptide_omega.auth_comp_id_1   SER 
_pdbx_validate_peptide_omega.auth_asym_id_1   B 
_pdbx_validate_peptide_omega.auth_seq_id_1    10 
_pdbx_validate_peptide_omega.PDB_ins_code_1   ? 
_pdbx_validate_peptide_omega.label_alt_id_1   ? 
_pdbx_validate_peptide_omega.auth_comp_id_2   THR 
_pdbx_validate_peptide_omega.auth_asym_id_2   B 
_pdbx_validate_peptide_omega.auth_seq_id_2    11 
_pdbx_validate_peptide_omega.PDB_ins_code_2   ? 
_pdbx_validate_peptide_omega.label_alt_id_2   ? 
_pdbx_validate_peptide_omega.omega            134.02 
# 
loop_
_pdbx_struct_special_symmetry.id 
_pdbx_struct_special_symmetry.PDB_model_num 
_pdbx_struct_special_symmetry.auth_asym_id 
_pdbx_struct_special_symmetry.auth_comp_id 
_pdbx_struct_special_symmetry.auth_seq_id 
_pdbx_struct_special_symmetry.PDB_ins_code 
_pdbx_struct_special_symmetry.label_asym_id 
_pdbx_struct_special_symmetry.label_comp_id 
_pdbx_struct_special_symmetry.label_seq_id 
1 1 B HOH 185 ? B HOH . 
2 1 B HOH 208 ? B HOH . 
3 1 B HOH 231 ? B HOH . 
# 
loop_
_pdbx_unobs_or_zero_occ_residues.id 
_pdbx_unobs_or_zero_occ_residues.PDB_model_num 
_pdbx_unobs_or_zero_occ_residues.polymer_flag 
_pdbx_unobs_or_zero_occ_residues.occupancy_flag 
_pdbx_unobs_or_zero_occ_residues.auth_asym_id 
_pdbx_unobs_or_zero_occ_residues.auth_comp_id 
_pdbx_unobs_or_zero_occ_residues.auth_seq_id 
_pdbx_unobs_or_zero_occ_residues.PDB_ins_code 
_pdbx_unobs_or_zero_occ_residues.label_asym_id 
_pdbx_unobs_or_zero_occ_residues.label_comp_id 
_pdbx_unobs_or_zero_occ_residues.label_seq_id 
1  1 Y 1 B MET 1   ? A MET 1   
2  1 Y 1 B ILE 2   ? A ILE 2   
3  1 Y 1 B PRO 3   ? A PRO 3   
4  1 Y 1 B LEU 4   ? A LEU 4   
5  1 Y 1 B GLY 136 ? A GLY 136 
6  1 Y 1 B PHE 137 ? A PHE 137 
7  1 Y 1 B ALA 138 ? A ALA 138 
8  1 Y 1 B THR 139 ? A THR 139 
9  1 Y 1 B GLN 140 ? A GLN 140 
10 1 Y 1 B LEU 141 ? A LEU 141 
11 1 Y 1 B GLU 142 ? A GLU 142 
12 1 Y 1 B HIS 143 ? A HIS 143 
13 1 Y 1 B HIS 144 ? A HIS 144 
14 1 Y 1 B HIS 145 ? A HIS 145 
15 1 Y 1 B HIS 146 ? A HIS 146 
16 1 Y 1 B HIS 147 ? A HIS 147 
17 1 Y 1 B HIS 148 ? A HIS 148 
# 
loop_
_chem_comp_atom.comp_id 
_chem_comp_atom.atom_id 
_chem_comp_atom.type_symbol 
_chem_comp_atom.pdbx_aromatic_flag 
_chem_comp_atom.pdbx_stereo_config 
_chem_comp_atom.pdbx_ordinal 
ALA N    N N N 1   
ALA CA   C N S 2   
ALA C    C N N 3   
ALA O    O N N 4   
ALA CB   C N N 5   
ALA OXT  O N N 6   
ALA H    H N N 7   
ALA H2   H N N 8   
ALA HA   H N N 9   
ALA HB1  H N N 10  
ALA HB2  H N N 11  
ALA HB3  H N N 12  
ALA HXT  H N N 13  
ARG N    N N N 14  
ARG CA   C N S 15  
ARG C    C N N 16  
ARG O    O N N 17  
ARG CB   C N N 18  
ARG CG   C N N 19  
ARG CD   C N N 20  
ARG NE   N N N 21  
ARG CZ   C N N 22  
ARG NH1  N N N 23  
ARG NH2  N N N 24  
ARG OXT  O N N 25  
ARG H    H N N 26  
ARG H2   H N N 27  
ARG HA   H N N 28  
ARG HB2  H N N 29  
ARG HB3  H N N 30  
ARG HG2  H N N 31  
ARG HG3  H N N 32  
ARG HD2  H N N 33  
ARG HD3  H N N 34  
ARG HE   H N N 35  
ARG HH11 H N N 36  
ARG HH12 H N N 37  
ARG HH21 H N N 38  
ARG HH22 H N N 39  
ARG HXT  H N N 40  
ASN N    N N N 41  
ASN CA   C N S 42  
ASN C    C N N 43  
ASN O    O N N 44  
ASN CB   C N N 45  
ASN CG   C N N 46  
ASN OD1  O N N 47  
ASN ND2  N N N 48  
ASN OXT  O N N 49  
ASN H    H N N 50  
ASN H2   H N N 51  
ASN HA   H N N 52  
ASN HB2  H N N 53  
ASN HB3  H N N 54  
ASN HD21 H N N 55  
ASN HD22 H N N 56  
ASN HXT  H N N 57  
ASP N    N N N 58  
ASP CA   C N S 59  
ASP C    C N N 60  
ASP O    O N N 61  
ASP CB   C N N 62  
ASP CG   C N N 63  
ASP OD1  O N N 64  
ASP OD2  O N N 65  
ASP OXT  O N N 66  
ASP H    H N N 67  
ASP H2   H N N 68  
ASP HA   H N N 69  
ASP HB2  H N N 70  
ASP HB3  H N N 71  
ASP HD2  H N N 72  
ASP HXT  H N N 73  
GLN N    N N N 74  
GLN CA   C N S 75  
GLN C    C N N 76  
GLN O    O N N 77  
GLN CB   C N N 78  
GLN CG   C N N 79  
GLN CD   C N N 80  
GLN OE1  O N N 81  
GLN NE2  N N N 82  
GLN OXT  O N N 83  
GLN H    H N N 84  
GLN H2   H N N 85  
GLN HA   H N N 86  
GLN HB2  H N N 87  
GLN HB3  H N N 88  
GLN HG2  H N N 89  
GLN HG3  H N N 90  
GLN HE21 H N N 91  
GLN HE22 H N N 92  
GLN HXT  H N N 93  
GLU N    N N N 94  
GLU CA   C N S 95  
GLU C    C N N 96  
GLU O    O N N 97  
GLU CB   C N N 98  
GLU CG   C N N 99  
GLU CD   C N N 100 
GLU OE1  O N N 101 
GLU OE2  O N N 102 
GLU OXT  O N N 103 
GLU H    H N N 104 
GLU H2   H N N 105 
GLU HA   H N N 106 
GLU HB2  H N N 107 
GLU HB3  H N N 108 
GLU HG2  H N N 109 
GLU HG3  H N N 110 
GLU HE2  H N N 111 
GLU HXT  H N N 112 
GLY N    N N N 113 
GLY CA   C N N 114 
GLY C    C N N 115 
GLY O    O N N 116 
GLY OXT  O N N 117 
GLY H    H N N 118 
GLY H2   H N N 119 
GLY HA2  H N N 120 
GLY HA3  H N N 121 
GLY HXT  H N N 122 
HIS N    N N N 123 
HIS CA   C N S 124 
HIS C    C N N 125 
HIS O    O N N 126 
HIS CB   C N N 127 
HIS CG   C Y N 128 
HIS ND1  N Y N 129 
HIS CD2  C Y N 130 
HIS CE1  C Y N 131 
HIS NE2  N Y N 132 
HIS OXT  O N N 133 
HIS H    H N N 134 
HIS H2   H N N 135 
HIS HA   H N N 136 
HIS HB2  H N N 137 
HIS HB3  H N N 138 
HIS HD1  H N N 139 
HIS HD2  H N N 140 
HIS HE1  H N N 141 
HIS HE2  H N N 142 
HIS HXT  H N N 143 
HOH O    O N N 144 
HOH H1   H N N 145 
HOH H2   H N N 146 
ILE N    N N N 147 
ILE CA   C N S 148 
ILE C    C N N 149 
ILE O    O N N 150 
ILE CB   C N S 151 
ILE CG1  C N N 152 
ILE CG2  C N N 153 
ILE CD1  C N N 154 
ILE OXT  O N N 155 
ILE H    H N N 156 
ILE H2   H N N 157 
ILE HA   H N N 158 
ILE HB   H N N 159 
ILE HG12 H N N 160 
ILE HG13 H N N 161 
ILE HG21 H N N 162 
ILE HG22 H N N 163 
ILE HG23 H N N 164 
ILE HD11 H N N 165 
ILE HD12 H N N 166 
ILE HD13 H N N 167 
ILE HXT  H N N 168 
LEU N    N N N 169 
LEU CA   C N S 170 
LEU C    C N N 171 
LEU O    O N N 172 
LEU CB   C N N 173 
LEU CG   C N N 174 
LEU CD1  C N N 175 
LEU CD2  C N N 176 
LEU OXT  O N N 177 
LEU H    H N N 178 
LEU H2   H N N 179 
LEU HA   H N N 180 
LEU HB2  H N N 181 
LEU HB3  H N N 182 
LEU HG   H N N 183 
LEU HD11 H N N 184 
LEU HD12 H N N 185 
LEU HD13 H N N 186 
LEU HD21 H N N 187 
LEU HD22 H N N 188 
LEU HD23 H N N 189 
LEU HXT  H N N 190 
LYS N    N N N 191 
LYS CA   C N S 192 
LYS C    C N N 193 
LYS O    O N N 194 
LYS CB   C N N 195 
LYS CG   C N N 196 
LYS CD   C N N 197 
LYS CE   C N N 198 
LYS NZ   N N N 199 
LYS OXT  O N N 200 
LYS H    H N N 201 
LYS H2   H N N 202 
LYS HA   H N N 203 
LYS HB2  H N N 204 
LYS HB3  H N N 205 
LYS HG2  H N N 206 
LYS HG3  H N N 207 
LYS HD2  H N N 208 
LYS HD3  H N N 209 
LYS HE2  H N N 210 
LYS HE3  H N N 211 
LYS HZ1  H N N 212 
LYS HZ2  H N N 213 
LYS HZ3  H N N 214 
LYS HXT  H N N 215 
MET N    N N N 216 
MET CA   C N S 217 
MET C    C N N 218 
MET O    O N N 219 
MET CB   C N N 220 
MET CG   C N N 221 
MET SD   S N N 222 
MET CE   C N N 223 
MET OXT  O N N 224 
MET H    H N N 225 
MET H2   H N N 226 
MET HA   H N N 227 
MET HB2  H N N 228 
MET HB3  H N N 229 
MET HG2  H N N 230 
MET HG3  H N N 231 
MET HE1  H N N 232 
MET HE2  H N N 233 
MET HE3  H N N 234 
MET HXT  H N N 235 
PHE N    N N N 236 
PHE CA   C N S 237 
PHE C    C N N 238 
PHE O    O N N 239 
PHE CB   C N N 240 
PHE CG   C Y N 241 
PHE CD1  C Y N 242 
PHE CD2  C Y N 243 
PHE CE1  C Y N 244 
PHE CE2  C Y N 245 
PHE CZ   C Y N 246 
PHE OXT  O N N 247 
PHE H    H N N 248 
PHE H2   H N N 249 
PHE HA   H N N 250 
PHE HB2  H N N 251 
PHE HB3  H N N 252 
PHE HD1  H N N 253 
PHE HD2  H N N 254 
PHE HE1  H N N 255 
PHE HE2  H N N 256 
PHE HZ   H N N 257 
PHE HXT  H N N 258 
PRO N    N N N 259 
PRO CA   C N S 260 
PRO C    C N N 261 
PRO O    O N N 262 
PRO CB   C N N 263 
PRO CG   C N N 264 
PRO CD   C N N 265 
PRO OXT  O N N 266 
PRO H    H N N 267 
PRO HA   H N N 268 
PRO HB2  H N N 269 
PRO HB3  H N N 270 
PRO HG2  H N N 271 
PRO HG3  H N N 272 
PRO HD2  H N N 273 
PRO HD3  H N N 274 
PRO HXT  H N N 275 
SER N    N N N 276 
SER CA   C N S 277 
SER C    C N N 278 
SER O    O N N 279 
SER CB   C N N 280 
SER OG   O N N 281 
SER OXT  O N N 282 
SER H    H N N 283 
SER H2   H N N 284 
SER HA   H N N 285 
SER HB2  H N N 286 
SER HB3  H N N 287 
SER HG   H N N 288 
SER HXT  H N N 289 
THR N    N N N 290 
THR CA   C N S 291 
THR C    C N N 292 
THR O    O N N 293 
THR CB   C N R 294 
THR OG1  O N N 295 
THR CG2  C N N 296 
THR OXT  O N N 297 
THR H    H N N 298 
THR H2   H N N 299 
THR HA   H N N 300 
THR HB   H N N 301 
THR HG1  H N N 302 
THR HG21 H N N 303 
THR HG22 H N N 304 
THR HG23 H N N 305 
THR HXT  H N N 306 
TRP N    N N N 307 
TRP CA   C N S 308 
TRP C    C N N 309 
TRP O    O N N 310 
TRP CB   C N N 311 
TRP CG   C Y N 312 
TRP CD1  C Y N 313 
TRP CD2  C Y N 314 
TRP NE1  N Y N 315 
TRP CE2  C Y N 316 
TRP CE3  C Y N 317 
TRP CZ2  C Y N 318 
TRP CZ3  C Y N 319 
TRP CH2  C Y N 320 
TRP OXT  O N N 321 
TRP H    H N N 322 
TRP H2   H N N 323 
TRP HA   H N N 324 
TRP HB2  H N N 325 
TRP HB3  H N N 326 
TRP HD1  H N N 327 
TRP HE1  H N N 328 
TRP HE3  H N N 329 
TRP HZ2  H N N 330 
TRP HZ3  H N N 331 
TRP HH2  H N N 332 
TRP HXT  H N N 333 
TYR N    N N N 334 
TYR CA   C N S 335 
TYR C    C N N 336 
TYR O    O N N 337 
TYR CB   C N N 338 
TYR CG   C Y N 339 
TYR CD1  C Y N 340 
TYR CD2  C Y N 341 
TYR CE1  C Y N 342 
TYR CE2  C Y N 343 
TYR CZ   C Y N 344 
TYR OH   O N N 345 
TYR OXT  O N N 346 
TYR H    H N N 347 
TYR H2   H N N 348 
TYR HA   H N N 349 
TYR HB2  H N N 350 
TYR HB3  H N N 351 
TYR HD1  H N N 352 
TYR HD2  H N N 353 
TYR HE1  H N N 354 
TYR HE2  H N N 355 
TYR HH   H N N 356 
TYR HXT  H N N 357 
VAL N    N N N 358 
VAL CA   C N S 359 
VAL C    C N N 360 
VAL O    O N N 361 
VAL CB   C N N 362 
VAL CG1  C N N 363 
VAL CG2  C N N 364 
VAL OXT  O N N 365 
VAL H    H N N 366 
VAL H2   H N N 367 
VAL HA   H N N 368 
VAL HB   H N N 369 
VAL HG11 H N N 370 
VAL HG12 H N N 371 
VAL HG13 H N N 372 
VAL HG21 H N N 373 
VAL HG22 H N N 374 
VAL HG23 H N N 375 
VAL HXT  H N N 376 
# 
loop_
_chem_comp_bond.comp_id 
_chem_comp_bond.atom_id_1 
_chem_comp_bond.atom_id_2 
_chem_comp_bond.value_order 
_chem_comp_bond.pdbx_aromatic_flag 
_chem_comp_bond.pdbx_stereo_config 
_chem_comp_bond.pdbx_ordinal 
ALA N   CA   sing N N 1   
ALA N   H    sing N N 2   
ALA N   H2   sing N N 3   
ALA CA  C    sing N N 4   
ALA CA  CB   sing N N 5   
ALA CA  HA   sing N N 6   
ALA C   O    doub N N 7   
ALA C   OXT  sing N N 8   
ALA CB  HB1  sing N N 9   
ALA CB  HB2  sing N N 10  
ALA CB  HB3  sing N N 11  
ALA OXT HXT  sing N N 12  
ARG N   CA   sing N N 13  
ARG N   H    sing N N 14  
ARG N   H2   sing N N 15  
ARG CA  C    sing N N 16  
ARG CA  CB   sing N N 17  
ARG CA  HA   sing N N 18  
ARG C   O    doub N N 19  
ARG C   OXT  sing N N 20  
ARG CB  CG   sing N N 21  
ARG CB  HB2  sing N N 22  
ARG CB  HB3  sing N N 23  
ARG CG  CD   sing N N 24  
ARG CG  HG2  sing N N 25  
ARG CG  HG3  sing N N 26  
ARG CD  NE   sing N N 27  
ARG CD  HD2  sing N N 28  
ARG CD  HD3  sing N N 29  
ARG NE  CZ   sing N N 30  
ARG NE  HE   sing N N 31  
ARG CZ  NH1  sing N N 32  
ARG CZ  NH2  doub N N 33  
ARG NH1 HH11 sing N N 34  
ARG NH1 HH12 sing N N 35  
ARG NH2 HH21 sing N N 36  
ARG NH2 HH22 sing N N 37  
ARG OXT HXT  sing N N 38  
ASN N   CA   sing N N 39  
ASN N   H    sing N N 40  
ASN N   H2   sing N N 41  
ASN CA  C    sing N N 42  
ASN CA  CB   sing N N 43  
ASN CA  HA   sing N N 44  
ASN C   O    doub N N 45  
ASN C   OXT  sing N N 46  
ASN CB  CG   sing N N 47  
ASN CB  HB2  sing N N 48  
ASN CB  HB3  sing N N 49  
ASN CG  OD1  doub N N 50  
ASN CG  ND2  sing N N 51  
ASN ND2 HD21 sing N N 52  
ASN ND2 HD22 sing N N 53  
ASN OXT HXT  sing N N 54  
ASP N   CA   sing N N 55  
ASP N   H    sing N N 56  
ASP N   H2   sing N N 57  
ASP CA  C    sing N N 58  
ASP CA  CB   sing N N 59  
ASP CA  HA   sing N N 60  
ASP C   O    doub N N 61  
ASP C   OXT  sing N N 62  
ASP CB  CG   sing N N 63  
ASP CB  HB2  sing N N 64  
ASP CB  HB3  sing N N 65  
ASP CG  OD1  doub N N 66  
ASP CG  OD2  sing N N 67  
ASP OD2 HD2  sing N N 68  
ASP OXT HXT  sing N N 69  
GLN N   CA   sing N N 70  
GLN N   H    sing N N 71  
GLN N   H2   sing N N 72  
GLN CA  C    sing N N 73  
GLN CA  CB   sing N N 74  
GLN CA  HA   sing N N 75  
GLN C   O    doub N N 76  
GLN C   OXT  sing N N 77  
GLN CB  CG   sing N N 78  
GLN CB  HB2  sing N N 79  
GLN CB  HB3  sing N N 80  
GLN CG  CD   sing N N 81  
GLN CG  HG2  sing N N 82  
GLN CG  HG3  sing N N 83  
GLN CD  OE1  doub N N 84  
GLN CD  NE2  sing N N 85  
GLN NE2 HE21 sing N N 86  
GLN NE2 HE22 sing N N 87  
GLN OXT HXT  sing N N 88  
GLU N   CA   sing N N 89  
GLU N   H    sing N N 90  
GLU N   H2   sing N N 91  
GLU CA  C    sing N N 92  
GLU CA  CB   sing N N 93  
GLU CA  HA   sing N N 94  
GLU C   O    doub N N 95  
GLU C   OXT  sing N N 96  
GLU CB  CG   sing N N 97  
GLU CB  HB2  sing N N 98  
GLU CB  HB3  sing N N 99  
GLU CG  CD   sing N N 100 
GLU CG  HG2  sing N N 101 
GLU CG  HG3  sing N N 102 
GLU CD  OE1  doub N N 103 
GLU CD  OE2  sing N N 104 
GLU OE2 HE2  sing N N 105 
GLU OXT HXT  sing N N 106 
GLY N   CA   sing N N 107 
GLY N   H    sing N N 108 
GLY N   H2   sing N N 109 
GLY CA  C    sing N N 110 
GLY CA  HA2  sing N N 111 
GLY CA  HA3  sing N N 112 
GLY C   O    doub N N 113 
GLY C   OXT  sing N N 114 
GLY OXT HXT  sing N N 115 
HIS N   CA   sing N N 116 
HIS N   H    sing N N 117 
HIS N   H2   sing N N 118 
HIS CA  C    sing N N 119 
HIS CA  CB   sing N N 120 
HIS CA  HA   sing N N 121 
HIS C   O    doub N N 122 
HIS C   OXT  sing N N 123 
HIS CB  CG   sing N N 124 
HIS CB  HB2  sing N N 125 
HIS CB  HB3  sing N N 126 
HIS CG  ND1  sing Y N 127 
HIS CG  CD2  doub Y N 128 
HIS ND1 CE1  doub Y N 129 
HIS ND1 HD1  sing N N 130 
HIS CD2 NE2  sing Y N 131 
HIS CD2 HD2  sing N N 132 
HIS CE1 NE2  sing Y N 133 
HIS CE1 HE1  sing N N 134 
HIS NE2 HE2  sing N N 135 
HIS OXT HXT  sing N N 136 
HOH O   H1   sing N N 137 
HOH O   H2   sing N N 138 
ILE N   CA   sing N N 139 
ILE N   H    sing N N 140 
ILE N   H2   sing N N 141 
ILE CA  C    sing N N 142 
ILE CA  CB   sing N N 143 
ILE CA  HA   sing N N 144 
ILE C   O    doub N N 145 
ILE C   OXT  sing N N 146 
ILE CB  CG1  sing N N 147 
ILE CB  CG2  sing N N 148 
ILE CB  HB   sing N N 149 
ILE CG1 CD1  sing N N 150 
ILE CG1 HG12 sing N N 151 
ILE CG1 HG13 sing N N 152 
ILE CG2 HG21 sing N N 153 
ILE CG2 HG22 sing N N 154 
ILE CG2 HG23 sing N N 155 
ILE CD1 HD11 sing N N 156 
ILE CD1 HD12 sing N N 157 
ILE CD1 HD13 sing N N 158 
ILE OXT HXT  sing N N 159 
LEU N   CA   sing N N 160 
LEU N   H    sing N N 161 
LEU N   H2   sing N N 162 
LEU CA  C    sing N N 163 
LEU CA  CB   sing N N 164 
LEU CA  HA   sing N N 165 
LEU C   O    doub N N 166 
LEU C   OXT  sing N N 167 
LEU CB  CG   sing N N 168 
LEU CB  HB2  sing N N 169 
LEU CB  HB3  sing N N 170 
LEU CG  CD1  sing N N 171 
LEU CG  CD2  sing N N 172 
LEU CG  HG   sing N N 173 
LEU CD1 HD11 sing N N 174 
LEU CD1 HD12 sing N N 175 
LEU CD1 HD13 sing N N 176 
LEU CD2 HD21 sing N N 177 
LEU CD2 HD22 sing N N 178 
LEU CD2 HD23 sing N N 179 
LEU OXT HXT  sing N N 180 
LYS N   CA   sing N N 181 
LYS N   H    sing N N 182 
LYS N   H2   sing N N 183 
LYS CA  C    sing N N 184 
LYS CA  CB   sing N N 185 
LYS CA  HA   sing N N 186 
LYS C   O    doub N N 187 
LYS C   OXT  sing N N 188 
LYS CB  CG   sing N N 189 
LYS CB  HB2  sing N N 190 
LYS CB  HB3  sing N N 191 
LYS CG  CD   sing N N 192 
LYS CG  HG2  sing N N 193 
LYS CG  HG3  sing N N 194 
LYS CD  CE   sing N N 195 
LYS CD  HD2  sing N N 196 
LYS CD  HD3  sing N N 197 
LYS CE  NZ   sing N N 198 
LYS CE  HE2  sing N N 199 
LYS CE  HE3  sing N N 200 
LYS NZ  HZ1  sing N N 201 
LYS NZ  HZ2  sing N N 202 
LYS NZ  HZ3  sing N N 203 
LYS OXT HXT  sing N N 204 
MET N   CA   sing N N 205 
MET N   H    sing N N 206 
MET N   H2   sing N N 207 
MET CA  C    sing N N 208 
MET CA  CB   sing N N 209 
MET CA  HA   sing N N 210 
MET C   O    doub N N 211 
MET C   OXT  sing N N 212 
MET CB  CG   sing N N 213 
MET CB  HB2  sing N N 214 
MET CB  HB3  sing N N 215 
MET CG  SD   sing N N 216 
MET CG  HG2  sing N N 217 
MET CG  HG3  sing N N 218 
MET SD  CE   sing N N 219 
MET CE  HE1  sing N N 220 
MET CE  HE2  sing N N 221 
MET CE  HE3  sing N N 222 
MET OXT HXT  sing N N 223 
PHE N   CA   sing N N 224 
PHE N   H    sing N N 225 
PHE N   H2   sing N N 226 
PHE CA  C    sing N N 227 
PHE CA  CB   sing N N 228 
PHE CA  HA   sing N N 229 
PHE C   O    doub N N 230 
PHE C   OXT  sing N N 231 
PHE CB  CG   sing N N 232 
PHE CB  HB2  sing N N 233 
PHE CB  HB3  sing N N 234 
PHE CG  CD1  doub Y N 235 
PHE CG  CD2  sing Y N 236 
PHE CD1 CE1  sing Y N 237 
PHE CD1 HD1  sing N N 238 
PHE CD2 CE2  doub Y N 239 
PHE CD2 HD2  sing N N 240 
PHE CE1 CZ   doub Y N 241 
PHE CE1 HE1  sing N N 242 
PHE CE2 CZ   sing Y N 243 
PHE CE2 HE2  sing N N 244 
PHE CZ  HZ   sing N N 245 
PHE OXT HXT  sing N N 246 
PRO N   CA   sing N N 247 
PRO N   CD   sing N N 248 
PRO N   H    sing N N 249 
PRO CA  C    sing N N 250 
PRO CA  CB   sing N N 251 
PRO CA  HA   sing N N 252 
PRO C   O    doub N N 253 
PRO C   OXT  sing N N 254 
PRO CB  CG   sing N N 255 
PRO CB  HB2  sing N N 256 
PRO CB  HB3  sing N N 257 
PRO CG  CD   sing N N 258 
PRO CG  HG2  sing N N 259 
PRO CG  HG3  sing N N 260 
PRO CD  HD2  sing N N 261 
PRO CD  HD3  sing N N 262 
PRO OXT HXT  sing N N 263 
SER N   CA   sing N N 264 
SER N   H    sing N N 265 
SER N   H2   sing N N 266 
SER CA  C    sing N N 267 
SER CA  CB   sing N N 268 
SER CA  HA   sing N N 269 
SER C   O    doub N N 270 
SER C   OXT  sing N N 271 
SER CB  OG   sing N N 272 
SER CB  HB2  sing N N 273 
SER CB  HB3  sing N N 274 
SER OG  HG   sing N N 275 
SER OXT HXT  sing N N 276 
THR N   CA   sing N N 277 
THR N   H    sing N N 278 
THR N   H2   sing N N 279 
THR CA  C    sing N N 280 
THR CA  CB   sing N N 281 
THR CA  HA   sing N N 282 
THR C   O    doub N N 283 
THR C   OXT  sing N N 284 
THR CB  OG1  sing N N 285 
THR CB  CG2  sing N N 286 
THR CB  HB   sing N N 287 
THR OG1 HG1  sing N N 288 
THR CG2 HG21 sing N N 289 
THR CG2 HG22 sing N N 290 
THR CG2 HG23 sing N N 291 
THR OXT HXT  sing N N 292 
TRP N   CA   sing N N 293 
TRP N   H    sing N N 294 
TRP N   H2   sing N N 295 
TRP CA  C    sing N N 296 
TRP CA  CB   sing N N 297 
TRP CA  HA   sing N N 298 
TRP C   O    doub N N 299 
TRP C   OXT  sing N N 300 
TRP CB  CG   sing N N 301 
TRP CB  HB2  sing N N 302 
TRP CB  HB3  sing N N 303 
TRP CG  CD1  doub Y N 304 
TRP CG  CD2  sing Y N 305 
TRP CD1 NE1  sing Y N 306 
TRP CD1 HD1  sing N N 307 
TRP CD2 CE2  doub Y N 308 
TRP CD2 CE3  sing Y N 309 
TRP NE1 CE2  sing Y N 310 
TRP NE1 HE1  sing N N 311 
TRP CE2 CZ2  sing Y N 312 
TRP CE3 CZ3  doub Y N 313 
TRP CE3 HE3  sing N N 314 
TRP CZ2 CH2  doub Y N 315 
TRP CZ2 HZ2  sing N N 316 
TRP CZ3 CH2  sing Y N 317 
TRP CZ3 HZ3  sing N N 318 
TRP CH2 HH2  sing N N 319 
TRP OXT HXT  sing N N 320 
TYR N   CA   sing N N 321 
TYR N   H    sing N N 322 
TYR N   H2   sing N N 323 
TYR CA  C    sing N N 324 
TYR CA  CB   sing N N 325 
TYR CA  HA   sing N N 326 
TYR C   O    doub N N 327 
TYR C   OXT  sing N N 328 
TYR CB  CG   sing N N 329 
TYR CB  HB2  sing N N 330 
TYR CB  HB3  sing N N 331 
TYR CG  CD1  doub Y N 332 
TYR CG  CD2  sing Y N 333 
TYR CD1 CE1  sing Y N 334 
TYR CD1 HD1  sing N N 335 
TYR CD2 CE2  doub Y N 336 
TYR CD2 HD2  sing N N 337 
TYR CE1 CZ   doub Y N 338 
TYR CE1 HE1  sing N N 339 
TYR CE2 CZ   sing Y N 340 
TYR CE2 HE2  sing N N 341 
TYR CZ  OH   sing N N 342 
TYR OH  HH   sing N N 343 
TYR OXT HXT  sing N N 344 
VAL N   CA   sing N N 345 
VAL N   H    sing N N 346 
VAL N   H2   sing N N 347 
VAL CA  C    sing N N 348 
VAL CA  CB   sing N N 349 
VAL CA  HA   sing N N 350 
VAL C   O    doub N N 351 
VAL C   OXT  sing N N 352 
VAL CB  CG1  sing N N 353 
VAL CB  CG2  sing N N 354 
VAL CB  HB   sing N N 355 
VAL CG1 HG11 sing N N 356 
VAL CG1 HG12 sing N N 357 
VAL CG1 HG13 sing N N 358 
VAL CG2 HG21 sing N N 359 
VAL CG2 HG22 sing N N 360 
VAL CG2 HG23 sing N N 361 
VAL OXT HXT  sing N N 362 
# 
_atom_sites.entry_id                    3NPH 
_atom_sites.fract_transf_matrix[1][1]   -0.00240092 
_atom_sites.fract_transf_matrix[1][2]   0.01514391 
_atom_sites.fract_transf_matrix[1][3]   -0.00935389 
_atom_sites.fract_transf_matrix[2][1]   0.01237129 
_atom_sites.fract_transf_matrix[2][2]   -0.00536651 
_atom_sites.fract_transf_matrix[2][3]   -0.01186377 
_atom_sites.fract_transf_matrix[3][1]   -0.00899788 
_atom_sites.fract_transf_matrix[3][2]   -0.00564482 
_atom_sites.fract_transf_matrix[3][3]   -0.00682940 
_atom_sites.fract_transf_vector[1]      0.740211 
_atom_sites.fract_transf_vector[2]      0.202338 
_atom_sites.fract_transf_vector[3]      0.401104 
# 
loop_
_atom_type.symbol 
C 
N 
O 
S 
# 
loop_
_atom_site.group_PDB 
_atom_site.id 
_atom_site.type_symbol 
_atom_site.label_atom_id 
_atom_site.label_alt_id 
_atom_site.label_comp_id 
_atom_site.label_asym_id 
_atom_site.label_entity_id 
_atom_site.label_seq_id 
_atom_site.pdbx_PDB_ins_code 
_atom_site.Cartn_x 
_atom_site.Cartn_y 
_atom_site.Cartn_z 
_atom_site.occupancy 
_atom_site.B_iso_or_equiv 
_atom_site.pdbx_formal_charge 
_atom_site.auth_seq_id 
_atom_site.auth_comp_id 
_atom_site.auth_asym_id 
_atom_site.auth_atom_id 
_atom_site.pdbx_PDB_model_num 
ATOM   1    N N   . GLU A 1 5   ? -14.491 -0.556  2.102   1.00 33.91 ? 5   GLU B N   1 
ATOM   2    C CA  . GLU A 1 5   ? -14.475 0.172   3.371   1.00 33.52 ? 5   GLU B CA  1 
ATOM   3    C C   . GLU A 1 5   ? -13.958 1.597   3.235   1.00 34.55 ? 5   GLU B C   1 
ATOM   4    O O   . GLU A 1 5   ? -12.865 1.817   2.715   1.00 28.04 ? 5   GLU B O   1 
ATOM   5    C CB  . GLU A 1 5   ? -13.610 -0.549  4.391   1.00 34.78 ? 5   GLU B CB  1 
ATOM   6    C CG  . GLU A 1 5   ? -13.893 -2.016  4.514   1.00 40.04 ? 5   GLU B CG  1 
ATOM   7    C CD  . GLU A 1 5   ? -12.928 -2.672  5.455   1.00 37.20 ? 5   GLU B CD  1 
ATOM   8    O OE1 . GLU A 1 5   ? -12.561 -2.012  6.449   1.00 38.81 ? 5   GLU B OE1 1 
ATOM   9    O OE2 . GLU A 1 5   ? -12.532 -3.833  5.198   1.00 48.47 ? 5   GLU B OE2 1 
ATOM   10   N N   . LEU A 1 6   ? -14.739 2.544   3.753   1.00 33.51 ? 6   LEU B N   1 
ATOM   11   C CA  . LEU A 1 6   ? -14.454 3.972   3.666   1.00 34.62 ? 6   LEU B CA  1 
ATOM   12   C C   . LEU A 1 6   ? -14.287 4.556   5.075   1.00 39.87 ? 6   LEU B C   1 
ATOM   13   O O   . LEU A 1 6   ? -14.876 4.053   6.028   1.00 39.60 ? 6   LEU B O   1 
ATOM   14   C CB  . LEU A 1 6   ? -15.620 4.662   2.955   1.00 38.68 ? 6   LEU B CB  1 
ATOM   15   C CG  . LEU A 1 6   ? -15.388 5.480   1.684   1.00 39.68 ? 6   LEU B CG  1 
ATOM   16   C CD1 . LEU A 1 6   ? -16.352 5.038   0.587   1.00 41.46 ? 6   LEU B CD1 1 
ATOM   17   C CD2 . LEU A 1 6   ? -15.532 6.960   1.927   1.00 42.41 ? 6   LEU B CD2 1 
ATOM   18   N N   . ARG A 1 7   ? -13.479 5.606   5.198   1.00 39.90 ? 7   ARG B N   1 
ATOM   19   C CA  . ARG A 1 7   ? -13.318 6.389   6.432   1.00 42.64 ? 7   ARG B CA  1 
ATOM   20   C C   . ARG A 1 7   ? -14.630 6.983   6.977   1.00 52.20 ? 7   ARG B C   1 
ATOM   21   O O   . ARG A 1 7   ? -15.633 6.283   7.116   1.00 57.93 ? 7   ARG B O   1 
ATOM   22   C CB  . ARG A 1 7   ? -12.397 7.569   6.133   1.00 48.75 ? 7   ARG B CB  1 
ATOM   23   C CG  . ARG A 1 7   ? -13.096 8.718   5.358   1.00 41.70 ? 7   ARG B CG  1 
ATOM   24   C CD  . ARG A 1 7   ? -14.139 8.221   4.313   1.00 48.44 ? 7   ARG B CD  1 
ATOM   25   N NE  . ARG A 1 7   ? -15.321 9.085   4.135   1.00 54.26 ? 7   ARG B NE  1 
ATOM   26   C CZ  . ARG A 1 7   ? -15.551 9.870   3.080   1.00 52.42 ? 7   ARG B CZ  1 
ATOM   27   N NH1 . ARG A 1 7   ? -16.669 10.589  3.027   1.00 55.76 ? 7   ARG B NH1 1 
ATOM   28   N NH2 . ARG A 1 7   ? -14.685 9.939   2.076   1.00 47.26 ? 7   ARG B NH2 1 
ATOM   29   N N   . SER A 1 8   ? -14.581 8.282   7.288   1.00 52.96 ? 8   SER B N   1 
ATOM   30   C CA  . SER A 1 8   ? -15.719 9.118   7.675   1.00 51.52 ? 8   SER B CA  1 
ATOM   31   C C   . SER A 1 8   ? -15.633 9.505   9.146   1.00 57.35 ? 8   SER B C   1 
ATOM   32   O O   . SER A 1 8   ? -14.544 9.754   9.665   1.00 55.96 ? 8   SER B O   1 
ATOM   33   C CB  . SER A 1 8   ? -17.066 8.471   7.352   1.00 55.26 ? 8   SER B CB  1 
ATOM   34   O OG  . SER A 1 8   ? -17.333 8.489   5.962   1.00 54.42 ? 8   SER B OG  1 
ATOM   35   N N   . ARG A 1 9   ? -16.801 9.597   9.775   1.00 64.14 ? 9   ARG B N   1 
ATOM   36   C CA  . ARG A 1 9   ? -16.938 9.836   11.196  1.00 64.01 ? 9   ARG B CA  1 
ATOM   37   C C   . ARG A 1 9   ? -17.965 8.965   11.887  1.00 63.34 ? 9   ARG B C   1 
ATOM   38   O O   . ARG A 1 9   ? -19.081 9.382   12.056  1.00 64.65 ? 9   ARG B O   1 
ATOM   39   C CB  . ARG A 1 9   ? -17.256 11.253  11.425  1.00 61.26 ? 9   ARG B CB  1 
ATOM   40   C CG  . ARG A 1 9   ? -16.115 12.128  11.011  1.00 66.01 ? 9   ARG B CG  1 
ATOM   41   C CD  . ARG A 1 9   ? -16.213 13.464  11.721  1.00 73.47 ? 9   ARG B CD  1 
ATOM   42   N NE  . ARG A 1 9   ? -16.317 14.651  10.876  1.00 79.77 ? 9   ARG B NE  1 
ATOM   43   C CZ  . ARG A 1 9   ? -17.353 15.487  10.878  1.00 82.70 ? 9   ARG B CZ  1 
ATOM   44   N NH1 . ARG A 1 9   ? -18.393 15.266  11.662  1.00 80.71 ? 9   ARG B NH1 1 
ATOM   45   N NH2 . ARG A 1 9   ? -17.379 16.521  10.064  1.00 83.49 ? 9   ARG B NH2 1 
ATOM   46   N N   . SER A 1 10  ? -17.563 7.775   12.310  1.00 63.16 ? 10  SER B N   1 
ATOM   47   C CA  . SER A 1 10  ? -18.426 6.954   13.165  1.00 65.26 ? 10  SER B CA  1 
ATOM   48   C C   . SER A 1 10  ? -17.665 5.729   13.747  1.00 60.98 ? 10  SER B C   1 
ATOM   49   O O   . SER A 1 10  ? -17.870 5.229   14.857  1.00 64.27 ? 10  SER B O   1 
ATOM   50   C CB  . SER A 1 10  ? -19.752 6.576   12.453  1.00 65.85 ? 10  SER B CB  1 
ATOM   51   O OG  . SER A 1 10  ? -19.665 6.507   11.040  1.00 62.77 ? 10  SER B OG  1 
ATOM   52   N N   . THR A 1 11  ? -16.858 5.228   12.871  1.00 59.73 ? 11  THR B N   1 
ATOM   53   C CA  . THR A 1 11  ? -15.522 4.863   13.135  1.00 56.73 ? 11  THR B CA  1 
ATOM   54   C C   . THR A 1 11  ? -15.442 4.444   14.572  1.00 49.50 ? 11  THR B C   1 
ATOM   55   O O   . THR A 1 11  ? -16.391 4.492   15.284  1.00 56.39 ? 11  THR B O   1 
ATOM   56   C CB  . THR A 1 11  ? -14.710 6.111   12.878  1.00 61.85 ? 11  THR B CB  1 
ATOM   57   O OG1 . THR A 1 11  ? -15.273 7.153   13.673  1.00 65.34 ? 11  THR B OG1 1 
ATOM   58   C CG2 . THR A 1 11  ? -14.802 6.531   11.342  1.00 60.36 ? 11  THR B CG2 1 
ATOM   59   N N   . GLU A 1 12  ? -14.272 4.047   14.971  1.00 48.90 ? 12  GLU B N   1 
ATOM   60   C CA  . GLU A 1 12  ? -13.995 3.494   16.257  1.00 48.79 ? 12  GLU B CA  1 
ATOM   61   C C   . GLU A 1 12  ? -13.866 1.999   16.024  1.00 42.82 ? 12  GLU B C   1 
ATOM   62   O O   . GLU A 1 12  ? -12.777 1.530   15.945  1.00 40.56 ? 12  GLU B O   1 
ATOM   63   C CB  . GLU A 1 12  ? -15.006 3.902   17.301  1.00 54.43 ? 12  GLU B CB  1 
ATOM   64   C CG  . GLU A 1 12  ? -14.413 3.865   18.711  1.00 53.77 ? 12  GLU B CG  1 
ATOM   65   C CD  . GLU A 1 12  ? -15.281 4.542   19.810  1.00 59.81 ? 12  GLU B CD  1 
ATOM   66   O OE1 . GLU A 1 12  ? -16.513 4.716   19.603  1.00 61.44 ? 12  GLU B OE1 1 
ATOM   67   O OE2 . GLU A 1 12  ? -14.705 4.890   20.892  1.00 51.52 ? 12  GLU B OE2 1 
ATOM   68   N N   . GLU A 1 13  ? -14.964 1.281   15.846  1.00 43.13 ? 13  GLU B N   1 
ATOM   69   C CA  . GLU A 1 13  ? -14.920 -0.081  15.289  1.00 42.92 ? 13  GLU B CA  1 
ATOM   70   C C   . GLU A 1 13  ? -14.542 0.063   13.853  1.00 38.44 ? 13  GLU B C   1 
ATOM   71   O O   . GLU A 1 13  ? -13.857 -0.764  13.312  1.00 35.23 ? 13  GLU B O   1 
ATOM   72   C CB  . GLU A 1 13  ? -16.241 -0.901  15.277  1.00 43.06 ? 13  GLU B CB  1 
ATOM   73   C CG  . GLU A 1 13  ? -16.718 -1.234  13.763  1.00 45.17 ? 13  GLU B CG  1 
ATOM   74   C CD  . GLU A 1 13  ? -17.095 -2.712  13.311  1.00 48.19 ? 13  GLU B CD  1 
ATOM   75   O OE1 . GLU A 1 13  ? -18.307 -2.998  13.179  1.00 50.91 ? 13  GLU B OE1 1 
ATOM   76   O OE2 . GLU A 1 13  ? -16.231 -3.571  12.988  1.00 49.41 ? 13  GLU B OE2 1 
ATOM   77   N N   . GLU A 1 14  ? -15.042 1.113   13.214  1.00 39.55 ? 14  GLU B N   1 
ATOM   78   C CA  . GLU A 1 14  ? -14.788 1.299   11.788  1.00 39.69 ? 14  GLU B CA  1 
ATOM   79   C C   . GLU A 1 14  ? -13.351 1.594   11.541  1.00 32.77 ? 14  GLU B C   1 
ATOM   80   O O   . GLU A 1 14  ? -12.759 1.045   10.672  1.00 27.14 ? 14  GLU B O   1 
ATOM   81   C CB  . GLU A 1 14  ? -15.602 2.401   11.193  1.00 40.42 ? 14  GLU B CB  1 
ATOM   82   C CG  . GLU A 1 14  ? -16.752 2.734   11.947  1.00 45.11 ? 14  GLU B CG  1 
ATOM   83   C CD  . GLU A 1 14  ? -17.914 2.238   11.264  1.00 58.31 ? 14  GLU B CD  1 
ATOM   84   O OE1 . GLU A 1 14  ? -17.906 1.023   11.136  1.00 61.67 ? 14  GLU B OE1 1 
ATOM   85   O OE2 . GLU A 1 14  ? -18.792 3.034   10.831  1.00 60.30 ? 14  GLU B OE2 1 
ATOM   86   N N   . VAL A 1 15  ? -12.807 2.498   12.324  1.00 34.10 ? 15  VAL B N   1 
ATOM   87   C CA  . VAL A 1 15  ? -11.388 2.795   12.213  1.00 32.64 ? 15  VAL B CA  1 
ATOM   88   C C   . VAL A 1 15  ? -10.578 1.518   12.395  1.00 29.55 ? 15  VAL B C   1 
ATOM   89   O O   . VAL A 1 15  ? -9.677  1.229   11.617  1.00 26.16 ? 15  VAL B O   1 
ATOM   90   C CB  . VAL A 1 15  ? -10.934 3.841   13.245  1.00 33.40 ? 15  VAL B CB  1 
ATOM   91   C CG1 . VAL A 1 15  ? -9.414  3.969   13.239  1.00 35.92 ? 15  VAL B CG1 1 
ATOM   92   C CG2 . VAL A 1 15  ? -11.588 5.180   12.956  1.00 41.20 ? 15  VAL B CG2 1 
ATOM   93   N N   . ASP A 1 16  ? -10.908 0.751   13.429  1.00 30.27 ? 16  ASP B N   1 
ATOM   94   C CA  . ASP A 1 16  ? -10.197 -0.491  13.690  1.00 27.28 ? 16  ASP B CA  1 
ATOM   95   C C   . ASP A 1 16  ? -10.234 -1.404  12.458  1.00 26.35 ? 16  ASP B C   1 
ATOM   96   O O   . ASP A 1 16  ? -9.208  -1.944  12.057  1.00 24.43 ? 16  ASP B O   1 
ATOM   97   C CB  . ASP A 1 16  ? -10.774 -1.206  14.920  1.00 30.46 ? 16  ASP B CB  1 
ATOM   98   C CG  . ASP A 1 16  ? -10.440 -0.498  16.225  1.00 39.30 ? 16  ASP B CG  1 
ATOM   99   O OD1 . ASP A 1 16  ? -9.378  0.153   16.304  1.00 45.18 ? 16  ASP B OD1 1 
ATOM   100  O OD2 . ASP A 1 16  ? -11.239 -0.596  17.181  1.00 46.24 ? 16  ASP B OD2 1 
ATOM   101  N N   . ALA A 1 17  ? -11.414 -1.565  11.862  1.00 23.53 ? 17  ALA B N   1 
ATOM   102  C CA  . ALA A 1 17  ? -11.577 -2.411  10.683  1.00 25.39 ? 17  ALA B CA  1 
ATOM   103  C C   . ALA A 1 17  ? -10.793 -1.867  9.489   1.00 22.61 ? 17  ALA B C   1 
ATOM   104  O O   . ALA A 1 17  ? -10.236 -2.628  8.702   1.00 19.87 ? 17  ALA B O   1 
ATOM   105  C CB  . ALA A 1 17  ? -13.049 -2.552  10.325  1.00 24.55 ? 17  ALA B CB  1 
ATOM   106  N N   . VAL A 1 18  ? -10.765 -0.547  9.347   1.00 24.23 ? 18  VAL B N   1 
ATOM   107  C CA  . VAL A 1 18  ? -10.012 0.055   8.247   1.00 24.54 ? 18  VAL B CA  1 
ATOM   108  C C   . VAL A 1 18  ? -8.533  -0.283  8.379   1.00 21.22 ? 18  VAL B C   1 
ATOM   109  O O   . VAL A 1 18  ? -7.892  -0.729  7.424   1.00 20.37 ? 18  VAL B O   1 
ATOM   110  C CB  . VAL A 1 18  ? -10.194 1.578   8.192   1.00 24.69 ? 18  VAL B CB  1 
ATOM   111  C CG1 . VAL A 1 18  ? -9.153  2.199   7.258   1.00 22.50 ? 18  VAL B CG1 1 
ATOM   112  C CG2 . VAL A 1 18  ? -11.611 1.902   7.730   1.00 25.11 ? 18  VAL B CG2 1 
ATOM   113  N N   . ILE A 1 19  ? -8.006  -0.066  9.577   1.00 20.51 ? 19  ILE B N   1 
ATOM   114  C CA  . ILE A 1 19  ? -6.614  -0.367  9.869   1.00 20.99 ? 19  ILE B CA  1 
ATOM   115  C C   . ILE A 1 19  ? -6.244  -1.809  9.517   1.00 19.23 ? 19  ILE B C   1 
ATOM   116  O O   . ILE A 1 19  ? -5.282  -2.038  8.798   1.00 18.44 ? 19  ILE B O   1 
ATOM   117  C CB  . ILE A 1 19  ? -6.266  -0.063  11.349  1.00 21.80 ? 19  ILE B CB  1 
ATOM   118  C CG1 . ILE A 1 19  ? -6.322  1.449   11.608  1.00 24.27 ? 19  ILE B CG1 1 
ATOM   119  C CG2 . ILE A 1 19  ? -4.900  -0.585  11.680  1.00 23.09 ? 19  ILE B CG2 1 
ATOM   120  C CD1 . ILE A 1 19  ? -5.813  1.850   12.972  1.00 26.22 ? 19  ILE B CD1 1 
ATOM   121  N N   . LEU A 1 20  ? -7.003  -2.782  10.019  1.00 20.39 ? 20  LEU B N   1 
ATOM   122  C CA  . LEU A 1 20  ? -6.709  -4.181  9.720   1.00 19.09 ? 20  LEU B CA  1 
ATOM   123  C C   . LEU A 1 20  ? -6.821  -4.473  8.228   1.00 17.97 ? 20  LEU B C   1 
ATOM   124  O O   . LEU A 1 20  ? -5.999  -5.186  7.668   1.00 21.06 ? 20  LEU B O   1 
ATOM   125  C CB  . LEU A 1 20  ? -7.644  -5.119  10.494  1.00 20.83 ? 20  LEU B CB  1 
ATOM   126  C CG  . LEU A 1 20  ? -7.546  -5.005  12.020  1.00 25.04 ? 20  LEU B CG  1 
ATOM   127  C CD1 . LEU A 1 20  ? -8.405  -6.053  12.706  1.00 25.37 ? 20  LEU B CD1 1 
ATOM   128  C CD2 . LEU A 1 20  ? -6.103  -5.114  12.482  1.00 24.33 ? 20  LEU B CD2 1 
ATOM   129  N N   . ALA A 1 21  ? -7.858  -3.937  7.599   1.00 19.40 ? 21  ALA B N   1 
ATOM   130  C CA  . ALA A 1 21  ? -8.075  -4.124  6.166   1.00 19.42 ? 21  ALA B CA  1 
ATOM   131  C C   . ALA A 1 21  ? -6.901  -3.614  5.323   1.00 20.14 ? 21  ALA B C   1 
ATOM   132  O O   . ALA A 1 21  ? -6.537  -4.227  4.309   1.00 19.11 ? 21  ALA B O   1 
ATOM   133  C CB  . ALA A 1 21  ? -9.386  -3.456  5.727   1.00 20.69 ? 21  ALA B CB  1 
ATOM   134  N N   . VAL A 1 22  ? -6.306  -2.497  5.733   1.00 19.20 ? 22  VAL B N   1 
ATOM   135  C CA  . VAL A 1 22  ? -5.132  -1.984  5.015   1.00 17.63 ? 22  VAL B CA  1 
ATOM   136  C C   . VAL A 1 22  ? -3.969  -2.977  5.088   1.00 18.61 ? 22  VAL B C   1 
ATOM   137  O O   . VAL A 1 22  ? -3.302  -3.268  4.078   1.00 17.28 ? 22  VAL B O   1 
ATOM   138  C CB  . VAL A 1 22  ? -4.696  -0.597  5.540   1.00 16.34 ? 22  VAL B CB  1 
ATOM   139  C CG1 . VAL A 1 22  ? -3.335  -0.213  4.982   1.00 17.43 ? 22  VAL B CG1 1 
ATOM   140  C CG2 . VAL A 1 22  ? -5.745  0.448   5.195   1.00 18.05 ? 22  VAL B CG2 1 
ATOM   141  N N   . TYR A 1 23  ? -3.732  -3.506  6.286   1.00 18.08 ? 23  TYR B N   1 
ATOM   142  C CA  . TYR A 1 23  ? -2.709  -4.525  6.465   1.00 20.09 ? 23  TYR B CA  1 
ATOM   143  C C   . TYR A 1 23  ? -2.968  -5.729  5.574   1.00 18.49 ? 23  TYR B C   1 
ATOM   144  O O   . TYR A 1 23  ? -2.058  -6.216  4.907   1.00 16.70 ? 23  TYR B O   1 
ATOM   145  C CB  . TYR A 1 23  ? -2.624  -4.942  7.936   1.00 20.78 ? 23  TYR B CB  1 
ATOM   146  C CG  . TYR A 1 23  ? -1.848  -3.946  8.774   1.00 21.39 ? 23  TYR B CG  1 
ATOM   147  C CD1 . TYR A 1 23  ? -0.536  -3.657  8.460   1.00 20.32 ? 23  TYR B CD1 1 
ATOM   148  C CD2 . TYR A 1 23  ? -2.418  -3.303  9.866   1.00 23.44 ? 23  TYR B CD2 1 
ATOM   149  C CE1 . TYR A 1 23  ? 0.189   -2.771  9.181   1.00 26.03 ? 23  TYR B CE1 1 
ATOM   150  C CE2 . TYR A 1 23  ? -1.678  -2.390  10.628  1.00 21.07 ? 23  TYR B CE2 1 
ATOM   151  C CZ  . TYR A 1 23  ? -0.358  -2.140  10.268  1.00 23.01 ? 23  TYR B CZ  1 
ATOM   152  O OH  . TYR A 1 23  ? 0.438   -1.275  10.963  1.00 21.46 ? 23  TYR B OH  1 
ATOM   153  N N   . ARG A 1 24  ? -4.208  -6.217  5.575   1.00 18.14 ? 24  ARG B N   1 
ATOM   154  C CA  . ARG A 1 24  ? -4.563  -7.376  4.755   1.00 19.69 ? 24  ARG B CA  1 
ATOM   155  C C   . ARG A 1 24  ? -4.318  -7.130  3.274   1.00 18.85 ? 24  ARG B C   1 
ATOM   156  O O   . ARG A 1 24  ? -3.759  -7.983  2.581   1.00 19.55 ? 24  ARG B O   1 
ATOM   157  C CB  . ARG A 1 24  ? -6.023  -7.783  4.989   1.00 19.51 ? 24  ARG B CB  1 
ATOM   158  C CG  . ARG A 1 24  ? -6.201  -8.696  6.192   1.00 21.49 ? 24  ARG B CG  1 
ATOM   159  C CD  . ARG A 1 24  ? -7.653  -9.082  6.410   1.00 23.97 ? 24  ARG B CD  1 
ATOM   160  N NE  . ARG A 1 24  ? -8.158  -8.377  7.574   1.00 38.16 ? 24  ARG B NE  1 
ATOM   161  C CZ  . ARG A 1 24  ? -9.152  -7.500  7.571   1.00 23.24 ? 24  ARG B CZ  1 
ATOM   162  N NH1 . ARG A 1 24  ? -9.825  -7.222  6.457   1.00 24.94 ? 24  ARG B NH1 1 
ATOM   163  N NH2 . ARG A 1 24  ? -9.482  -6.925  8.711   1.00 32.41 ? 24  ARG B NH2 1 
ATOM   164  N N   . GLN A 1 25  ? -4.724  -5.963  2.788   1.00 20.83 ? 25  GLN B N   1 
ATOM   165  C CA  . GLN A 1 25  ? -4.561  -5.661  1.369   1.00 18.53 ? 25  GLN B CA  1 
ATOM   166  C C   . GLN A 1 25  ? -3.099  -5.435  0.972   1.00 18.85 ? 25  GLN B C   1 
ATOM   167  O O   . GLN A 1 25  ? -2.613  -5.977  -0.030  1.00 17.65 ? 25  GLN B O   1 
ATOM   168  C CB  . GLN A 1 25  ? -5.407  -4.447  0.984   1.00 19.11 ? 25  GLN B CB  1 
ATOM   169  C CG  . GLN A 1 25  ? -5.066  -3.888  -0.388  1.00 20.47 ? 25  GLN B CG  1 
ATOM   170  C CD  . GLN A 1 25  ? -5.340  -4.874  -1.506  1.00 24.00 ? 25  GLN B CD  1 
ATOM   171  O OE1 . GLN A 1 25  ? -6.208  -5.739  -1.388  1.00 20.82 ? 25  GLN B OE1 1 
ATOM   172  N NE2 . GLN A 1 25  ? -4.601  -4.744  -2.603  1.00 22.06 ? 25  GLN B NE2 1 
ATOM   173  N N   . VAL A 1 26  ? -2.402  -4.630  1.762   1.00 19.58 ? 26  VAL B N   1 
ATOM   174  C CA  . VAL A 1 26  ? -1.076  -4.151  1.392   1.00 14.64 ? 26  VAL B CA  1 
ATOM   175  C C   . VAL A 1 26  ? 0.025   -5.153  1.719   1.00 20.07 ? 26  VAL B C   1 
ATOM   176  O O   . VAL A 1 26  ? 0.973   -5.317  0.945   1.00 17.88 ? 26  VAL B O   1 
ATOM   177  C CB  . VAL A 1 26  ? -0.789  -2.797  2.046   1.00 16.52 ? 26  VAL B CB  1 
ATOM   178  C CG1 . VAL A 1 26  ? 0.657   -2.356  1.781   1.00 14.86 ? 26  VAL B CG1 1 
ATOM   179  C CG2 . VAL A 1 26  ? -1.787  -1.751  1.512   1.00 16.50 ? 26  VAL B CG2 1 
ATOM   180  N N   . LEU A 1 27  ? -0.114  -5.840  2.849   1.00 18.97 ? 27  LEU B N   1 
ATOM   181  C CA  . LEU A 1 27  ? 0.898   -6.802  3.287   1.00 20.57 ? 27  LEU B CA  1 
ATOM   182  C C   . LEU A 1 27  ? 0.474   -8.263  3.120   1.00 22.34 ? 27  LEU B C   1 
ATOM   183  O O   . LEU A 1 27  ? 1.310   -9.177  3.188   1.00 22.44 ? 27  LEU B O   1 
ATOM   184  C CB  . LEU A 1 27  ? 1.272   -6.531  4.740   1.00 20.73 ? 27  LEU B CB  1 
ATOM   185  C CG  . LEU A 1 27  ? 2.068   -5.245  4.991   1.00 18.22 ? 27  LEU B CG  1 
ATOM   186  C CD1 . LEU A 1 27  ? 2.393   -5.112  6.470   1.00 22.25 ? 27  LEU B CD1 1 
ATOM   187  C CD2 . LEU A 1 27  ? 3.346   -5.234  4.162   1.00 20.59 ? 27  LEU B CD2 1 
ATOM   188  N N   . GLY A 1 28  ? -0.819  -8.481  2.904   1.00 19.19 ? 28  GLY B N   1 
ATOM   189  C CA  . GLY A 1 28  ? -1.338  -9.823  2.715   1.00 20.61 ? 28  GLY B CA  1 
ATOM   190  C C   . GLY A 1 28  ? -1.926  -10.437 3.977   1.00 20.14 ? 28  GLY B C   1 
ATOM   191  O O   . GLY A 1 28  ? -2.558  -11.487 3.908   1.00 21.07 ? 28  GLY B O   1 
ATOM   192  N N   . ASN A 1 29  ? -1.724  -9.788  5.124   1.00 18.66 ? 29  ASN B N   1 
ATOM   193  C CA  . ASN A 1 29  ? -2.287  -10.271 6.390   1.00 22.54 ? 29  ASN B CA  1 
ATOM   194  C C   . ASN A 1 29  ? -2.282  -9.219  7.509   1.00 22.12 ? 29  ASN B C   1 
ATOM   195  O O   . ASN A 1 29  ? -1.531  -8.242  7.452   1.00 21.22 ? 29  ASN B O   1 
ATOM   196  C CB  . ASN A 1 29  ? -1.553  -11.533 6.854   1.00 21.82 ? 29  ASN B CB  1 
ATOM   197  C CG  . ASN A 1 29  ? -0.232  -11.221 7.510   1.00 22.25 ? 29  ASN B CG  1 
ATOM   198  O OD1 . ASN A 1 29  ? 0.797   -11.134 6.844   1.00 27.48 ? 29  ASN B OD1 1 
ATOM   199  N ND2 . ASN A 1 29  ? -0.256  -11.014 8.825   1.00 22.30 ? 29  ASN B ND2 1 
ATOM   200  N N   . ASP A 1 30  ? -3.120  -9.434  8.524   1.00 15.62 ? 30  ASP B N   1 
ATOM   201  C CA  . ASP A 1 30  ? -3.246  -8.486  9.629   1.00 20.70 ? 30  ASP B CA  1 
ATOM   202  C C   . ASP A 1 30  ? -2.837  -9.127  10.958  1.00 20.67 ? 30  ASP B C   1 
ATOM   203  O O   . ASP A 1 30  ? -3.262  -8.702  12.035  1.00 22.27 ? 30  ASP B O   1 
ATOM   204  C CB  . ASP A 1 30  ? -4.663  -7.897  9.700   1.00 21.22 ? 30  ASP B CB  1 
ATOM   205  C CG  . ASP A 1 30  ? -5.750  -8.965  9.847   1.00 23.17 ? 30  ASP B CG  1 
ATOM   206  O OD1 . ASP A 1 30  ? -5.418  -10.142 10.060  1.00 22.71 ? 30  ASP B OD1 1 
ATOM   207  O OD2 . ASP A 1 30  ? -6.946  -8.606  9.757   1.00 22.74 ? 30  ASP B OD2 1 
ATOM   208  N N   . HIS A 1 31  ? -2.010  -10.158 10.869  1.00 18.52 ? 31  HIS B N   1 
ATOM   209  C CA  . HIS A 1 31  ? -1.494  -10.824 12.060  1.00 20.22 ? 31  HIS B CA  1 
ATOM   210  C C   . HIS A 1 31  ? 0.027   -10.754 12.028  1.00 19.52 ? 31  HIS B C   1 
ATOM   211  O O   . HIS A 1 31  ? 0.724   -11.743 11.814  1.00 19.74 ? 31  HIS B O   1 
ATOM   212  C CB  . HIS A 1 31  ? -2.038  -12.252 12.170  1.00 18.53 ? 31  HIS B CB  1 
ATOM   213  C CG  . HIS A 1 31  ? -3.532  -12.316 12.129  1.00 21.58 ? 31  HIS B CG  1 
ATOM   214  N ND1 . HIS A 1 31  ? -4.327  -11.699 13.075  1.00 25.13 ? 31  HIS B ND1 1 
ATOM   215  C CD2 . HIS A 1 31  ? -4.380  -12.896 11.247  1.00 21.38 ? 31  HIS B CD2 1 
ATOM   216  C CE1 . HIS A 1 31  ? -5.598  -11.903 12.781  1.00 24.39 ? 31  HIS B CE1 1 
ATOM   217  N NE2 . HIS A 1 31  ? -5.660  -12.628 11.676  1.00 23.79 ? 31  HIS B NE2 1 
ATOM   218  N N   . LEU A 1 32  ? 0.515   -9.533  12.214  1.00 18.56 ? 32  LEU B N   1 
ATOM   219  C CA  . LEU A 1 32  ? 1.928   -9.211  12.197  1.00 19.43 ? 32  LEU B CA  1 
ATOM   220  C C   . LEU A 1 32  ? 2.455   -9.235  13.623  1.00 18.19 ? 32  LEU B C   1 
ATOM   221  O O   . LEU A 1 32  ? 1.672   -9.241  14.568  1.00 20.07 ? 32  LEU B O   1 
ATOM   222  C CB  . LEU A 1 32  ? 2.103   -7.806  11.621  1.00 19.82 ? 32  LEU B CB  1 
ATOM   223  C CG  . LEU A 1 32  ? 1.474   -7.582  10.245  1.00 23.09 ? 32  LEU B CG  1 
ATOM   224  C CD1 . LEU A 1 32  ? 1.381   -6.115  9.939   1.00 29.01 ? 32  LEU B CD1 1 
ATOM   225  C CD2 . LEU A 1 32  ? 2.306   -8.300  9.196   1.00 23.15 ? 32  LEU B CD2 1 
ATOM   226  N N   . MET A 1 33  ? 3.776   -9.250  13.777  1.00 17.83 ? 33  MET B N   1 
ATOM   227  C CA  . MET A 1 33  ? 4.392   -9.063  15.093  1.00 20.74 ? 33  MET B CA  1 
ATOM   228  C C   . MET A 1 33  ? 4.191   -7.627  15.534  1.00 19.42 ? 33  MET B C   1 
ATOM   229  O O   . MET A 1 33  ? 4.009   -6.741  14.700  1.00 18.47 ? 33  MET B O   1 
ATOM   230  C CB  . MET A 1 33  ? 5.899   -9.341  15.050  1.00 18.30 ? 33  MET B CB  1 
ATOM   231  C CG  . MET A 1 33  ? 6.301   -10.699 14.515  1.00 24.48 ? 33  MET B CG  1 
ATOM   232  S SD  . MET A 1 33  ? 6.043   -12.023 15.720  1.00 29.03 ? 33  MET B SD  1 
ATOM   233  C CE  . MET A 1 33  ? 7.135   -11.561 17.069  1.00 21.86 ? 33  MET B CE  1 
ATOM   234  N N   . SER A 1 34  ? 4.281   -7.379  16.835  1.00 17.94 ? 34  SER B N   1 
ATOM   235  C CA  . SER A 1 34  ? 4.076   -6.022  17.338  1.00 23.19 ? 34  SER B CA  1 
ATOM   236  C C   . SER A 1 34  ? 5.157   -5.057  16.848  1.00 22.27 ? 34  SER B C   1 
ATOM   237  O O   . SER A 1 34  ? 4.876   -3.877  16.641  1.00 20.16 ? 34  SER B O   1 
ATOM   238  C CB  . SER A 1 34  ? 3.957   -6.004  18.873  1.00 20.55 ? 34  SER B CB  1 
ATOM   239  O OG  . SER A 1 34  ? 5.108   -6.560  19.475  1.00 27.33 ? 34  SER B OG  1 
ATOM   240  N N   . GLN A 1 35  ? 6.376   -5.557  16.625  1.00 18.92 ? 35  GLN B N   1 
ATOM   241  C CA  . GLN A 1 35  ? 7.455   -4.720  16.106  1.00 20.67 ? 35  GLN B CA  1 
ATOM   242  C C   . GLN A 1 35  ? 7.164   -4.263  14.676  1.00 20.57 ? 35  GLN B C   1 
ATOM   243  O O   . GLN A 1 35  ? 7.728   -3.276  14.201  1.00 20.79 ? 35  GLN B O   1 
ATOM   244  C CB  . GLN A 1 35  ? 8.806   -5.435  16.131  1.00 20.21 ? 35  GLN B CB  1 
ATOM   245  C CG  . GLN A 1 35  ? 9.932   -4.535  15.625  1.00 24.80 ? 35  GLN B CG  1 
ATOM   246  C CD  . GLN A 1 35  ? 11.183  -5.286  15.213  1.00 26.31 ? 35  GLN B CD  1 
ATOM   247  O OE1 . GLN A 1 35  ? 11.136  -6.212  14.399  1.00 29.20 ? 35  GLN B OE1 1 
ATOM   248  N NE2 . GLN A 1 35  ? 12.317  -4.874  15.761  1.00 25.48 ? 35  GLN B NE2 1 
ATOM   249  N N   . GLU A 1 36  ? 6.278   -4.989  14.004  1.00 17.80 ? 36  GLU B N   1 
ATOM   250  C CA  . GLU A 1 36  ? 5.930   -4.697  12.624  1.00 19.85 ? 36  GLU B CA  1 
ATOM   251  C C   . GLU A 1 36  ? 4.765   -3.710  12.519  1.00 19.46 ? 36  GLU B C   1 
ATOM   252  O O   . GLU A 1 36  ? 4.616   -3.034  11.508  1.00 21.66 ? 36  GLU B O   1 
ATOM   253  C CB  . GLU A 1 36  ? 5.610   -5.996  11.884  1.00 18.47 ? 36  GLU B CB  1 
ATOM   254  C CG  . GLU A 1 36  ? 6.797   -6.961  11.835  1.00 19.05 ? 36  GLU B CG  1 
ATOM   255  C CD  . GLU A 1 36  ? 6.502   -8.259  11.087  1.00 18.26 ? 36  GLU B CD  1 
ATOM   256  O OE1 . GLU A 1 36  ? 5.617   -9.034  11.530  1.00 20.05 ? 36  GLU B OE1 1 
ATOM   257  O OE2 . GLU A 1 36  ? 7.182   -8.513  10.070  1.00 18.82 ? 36  GLU B OE2 1 
ATOM   258  N N   . ARG A 1 37  ? 3.927   -3.652  13.549  1.00 19.42 ? 37  ARG B N   1 
ATOM   259  C CA  . ARG A 1 37  ? 2.773   -2.763  13.526  1.00 22.50 ? 37  ARG B CA  1 
ATOM   260  C C   . ARG A 1 37  ? 3.296   -1.331  13.507  1.00 21.27 ? 37  ARG B C   1 
ATOM   261  O O   . ARG A 1 37  ? 4.137   -0.984  14.323  1.00 22.39 ? 37  ARG B O   1 
ATOM   262  C CB  . ARG A 1 37  ? 1.882   -2.996  14.754  1.00 23.44 ? 37  ARG B CB  1 
ATOM   263  C CG  . ARG A 1 37  ? 1.195   -4.356  14.774  1.00 21.74 ? 37  ARG B CG  1 
ATOM   264  C CD  . ARG A 1 37  ? 0.077   -4.428  13.734  1.00 23.65 ? 37  ARG B CD  1 
ATOM   265  N NE  . ARG A 1 37  ? -1.016  -3.516  14.057  1.00 25.43 ? 37  ARG B NE  1 
ATOM   266  C CZ  . ARG A 1 37  ? -2.204  -3.891  14.531  1.00 25.70 ? 37  ARG B CZ  1 
ATOM   267  N NH1 . ARG A 1 37  ? -2.475  -5.170  14.736  1.00 23.69 ? 37  ARG B NH1 1 
ATOM   268  N NH2 . ARG A 1 37  ? -3.130  -2.978  14.802  1.00 26.34 ? 37  ARG B NH2 1 
ATOM   269  N N   . LEU A 1 38  ? 2.826   -0.525  12.555  1.00 18.75 ? 38  LEU B N   1 
ATOM   270  C CA  . LEU A 1 38  ? 3.169   0.898   12.503  1.00 20.45 ? 38  LEU B CA  1 
ATOM   271  C C   . LEU A 1 38  ? 2.243   1.682   13.424  1.00 21.73 ? 38  LEU B C   1 
ATOM   272  O O   . LEU A 1 38  ? 1.383   2.440   12.989  1.00 19.99 ? 38  LEU B O   1 
ATOM   273  C CB  . LEU A 1 38  ? 3.075   1.432   11.078  1.00 20.16 ? 38  LEU B CB  1 
ATOM   274  C CG  . LEU A 1 38  ? 4.104   0.875   10.097  1.00 21.56 ? 38  LEU B CG  1 
ATOM   275  C CD1 . LEU A 1 38  ? 3.943   1.524   8.739   1.00 24.27 ? 38  LEU B CD1 1 
ATOM   276  C CD2 . LEU A 1 38  ? 5.512   1.062   10.621  1.00 22.08 ? 38  LEU B CD2 1 
ATOM   277  N N   . THR A 1 39  ? 2.425   1.480   14.714  1.00 23.60 ? 39  THR B N   1 
ATOM   278  C CA  . THR A 1 39  ? 1.475   1.990   15.690  1.00 21.71 ? 39  THR B CA  1 
ATOM   279  C C   . THR A 1 39  ? 1.346   3.514   15.671  1.00 21.06 ? 39  THR B C   1 
ATOM   280  O O   . THR A 1 39  ? 0.245   4.042   15.821  1.00 19.34 ? 39  THR B O   1 
ATOM   281  C CB  . THR A 1 39  ? 1.825   1.454   17.071  1.00 24.17 ? 39  THR B CB  1 
ATOM   282  O OG1 . THR A 1 39  ? 1.846   0.022   16.999  1.00 23.50 ? 39  THR B OG1 1 
ATOM   283  C CG2 . THR A 1 39  ? 0.794   1.885   18.092  1.00 25.08 ? 39  THR B CG2 1 
ATOM   284  N N   . SER A 1 40  ? 2.460   4.208   15.448  1.00 22.15 ? 40  SER B N   1 
ATOM   285  C CA  . SER A 1 40  ? 2.444   5.666   15.323  1.00 22.32 ? 40  SER B CA  1 
ATOM   286  C C   . SER A 1 40  ? 1.502   6.146   14.223  1.00 19.88 ? 40  SER B C   1 
ATOM   287  O O   . SER A 1 40  ? 0.726   7.082   14.415  1.00 19.72 ? 40  SER B O   1 
ATOM   288  C CB  . SER A 1 40  ? 3.853   6.190   15.051  1.00 22.88 ? 40  SER B CB  1 
ATOM   289  O OG  . SER A 1 40  ? 4.735   5.743   16.066  1.00 39.72 ? 40  SER B OG  1 
ATOM   290  N N   . ALA A 1 41  ? 1.566   5.509   13.061  1.00 18.31 ? 41  ALA B N   1 
ATOM   291  C CA  . ALA A 1 41  ? 0.733   5.943   11.946  1.00 21.83 ? 41  ALA B CA  1 
ATOM   292  C C   . ALA A 1 41  ? -0.727  5.534   12.149  1.00 21.84 ? 41  ALA B C   1 
ATOM   293  O O   . ALA A 1 41  ? -1.650  6.246   11.739  1.00 20.23 ? 41  ALA B O   1 
ATOM   294  C CB  . ALA A 1 41  ? 1.278   5.416   10.613  1.00 25.37 ? 41  ALA B CB  1 
ATOM   295  N N   . GLU A 1 42  ? -0.928  4.381   12.779  1.00 19.10 ? 42  GLU B N   1 
ATOM   296  C CA  . GLU A 1 42  ? -2.269  3.944   13.182  1.00 17.72 ? 42  GLU B CA  1 
ATOM   297  C C   . GLU A 1 42  ? -2.925  4.993   14.075  1.00 21.21 ? 42  GLU B C   1 
ATOM   298  O O   . GLU A 1 42  ? -4.095  5.332   13.908  1.00 23.10 ? 42  GLU B O   1 
ATOM   299  C CB  . GLU A 1 42  ? -2.203  2.604   13.913  1.00 18.04 ? 42  GLU B CB  1 
ATOM   300  C CG  . GLU A 1 42  ? -1.859  1.441   13.009  1.00 17.03 ? 42  GLU B CG  1 
ATOM   301  C CD  . GLU A 1 42  ? -1.823  0.112   13.736  1.00 23.21 ? 42  GLU B CD  1 
ATOM   302  O OE1 . GLU A 1 42  ? -2.457  -0.021  14.818  1.00 20.46 ? 42  GLU B OE1 1 
ATOM   303  O OE2 . GLU A 1 42  ? -1.166  -0.803  13.208  1.00 23.98 ? 42  GLU B OE2 1 
ATOM   304  N N   . SER A 1 43  ? -2.163  5.503   15.028  1.00 20.82 ? 43  SER B N   1 
ATOM   305  C CA  . SER A 1 43  ? -2.667  6.550   15.909  1.00 26.27 ? 43  SER B CA  1 
ATOM   306  C C   . SER A 1 43  ? -3.065  7.799   15.121  1.00 22.43 ? 43  SER B C   1 
ATOM   307  O O   . SER A 1 43  ? -4.117  8.378   15.367  1.00 24.68 ? 43  SER B O   1 
ATOM   308  C CB  . SER A 1 43  ? -1.633  6.880   16.977  1.00 25.07 ? 43  SER B CB  1 
ATOM   309  O OG  . SER A 1 43  ? -1.342  5.723   17.746  1.00 28.81 ? 43  SER B OG  1 
ATOM   310  N N   . LEU A 1 44  ? -2.231  8.205   14.168  1.00 22.38 ? 44  LEU B N   1 
ATOM   311  C CA  . LEU A 1 44  ? -2.551  9.373   13.348  1.00 22.71 ? 44  LEU B CA  1 
ATOM   312  C C   . LEU A 1 44  ? -3.852  9.186   12.560  1.00 24.94 ? 44  LEU B C   1 
ATOM   313  O O   . LEU A 1 44  ? -4.693  10.078  12.508  1.00 25.56 ? 44  LEU B O   1 
ATOM   314  C CB  . LEU A 1 44  ? -1.393  9.707   12.404  1.00 20.51 ? 44  LEU B CB  1 
ATOM   315  C CG  . LEU A 1 44  ? -0.157  10.267  13.103  1.00 21.88 ? 44  LEU B CG  1 
ATOM   316  C CD1 . LEU A 1 44  ? 0.976   10.471  12.113  1.00 23.43 ? 44  LEU B CD1 1 
ATOM   317  C CD2 . LEU A 1 44  ? -0.492  11.565  13.816  1.00 25.44 ? 44  LEU B CD2 1 
ATOM   318  N N   . LEU A 1 45  ? -4.012  8.018   11.951  1.00 20.89 ? 45  LEU B N   1 
ATOM   319  C CA  . LEU A 1 45  ? -5.211  7.716   11.189  1.00 20.71 ? 45  LEU B CA  1 
ATOM   320  C C   . LEU A 1 45  ? -6.448  7.778   12.098  1.00 26.45 ? 45  LEU B C   1 
ATOM   321  O O   . LEU A 1 45  ? -7.447  8.439   11.779  1.00 23.84 ? 45  LEU B O   1 
ATOM   322  C CB  . LEU A 1 45  ? -5.080  6.335   10.535  1.00 20.22 ? 45  LEU B CB  1 
ATOM   323  C CG  . LEU A 1 45  ? -6.223  5.893   9.614   1.00 22.71 ? 45  LEU B CG  1 
ATOM   324  C CD1 . LEU A 1 45  ? -6.293  6.807   8.396   1.00 19.87 ? 45  LEU B CD1 1 
ATOM   325  C CD2 . LEU A 1 45  ? -6.006  4.464   9.174   1.00 20.43 ? 45  LEU B CD2 1 
ATOM   326  N N   . ARG A 1 46  ? -6.359  7.109   13.244  1.00 24.66 ? 46  ARG B N   1 
ATOM   327  C CA  . ARG A 1 46  ? -7.439  7.110   14.224  1.00 26.88 ? 46  ARG B CA  1 
ATOM   328  C C   . ARG A 1 46  ? -7.800  8.530   14.670  1.00 28.15 ? 46  ARG B C   1 
ATOM   329  O O   . ARG A 1 46  ? -8.979  8.867   14.806  1.00 29.16 ? 46  ARG B O   1 
ATOM   330  C CB  . ARG A 1 46  ? -7.065  6.244   15.428  1.00 27.73 ? 46  ARG B CB  1 
ATOM   331  C CG  . ARG A 1 46  ? -8.063  6.295   16.561  1.00 35.28 ? 46  ARG B CG  1 
ATOM   332  C CD  . ARG A 1 46  ? -7.747  5.250   17.616  1.00 37.26 ? 46  ARG B CD  1 
ATOM   333  N NE  . ARG A 1 46  ? -7.822  3.891   17.079  1.00 38.96 ? 46  ARG B NE  1 
ATOM   334  C CZ  . ARG A 1 46  ? -6.773  3.096   16.910  1.00 40.20 ? 46  ARG B CZ  1 
ATOM   335  N NH1 . ARG A 1 46  ? -5.557  3.521   17.237  1.00 36.25 ? 46  ARG B NH1 1 
ATOM   336  N NH2 . ARG A 1 46  ? -6.939  1.876   16.413  1.00 38.20 ? 46  ARG B NH2 1 
ATOM   337  N N   . GLY A 1 47  ? -6.780  9.354   14.886  1.00 27.02 ? 47  GLY B N   1 
ATOM   338  C CA  . GLY A 1 47  ? -6.969  10.736  15.288  1.00 27.56 ? 47  GLY B CA  1 
ATOM   339  C C   . GLY A 1 47  ? -7.345  11.644  14.134  1.00 30.16 ? 47  GLY B C   1 
ATOM   340  O O   . GLY A 1 47  ? -7.488  12.856  14.308  1.00 29.82 ? 47  GLY B O   1 
ATOM   341  N N   . ARG A 1 48  ? -7.508  11.059  12.951  1.00 32.02 ? 48  ARG B N   1 
ATOM   342  C CA  . ARG A 1 48  ? -7.856  11.817  11.749  1.00 32.31 ? 48  ARG B CA  1 
ATOM   343  C C   . ARG A 1 48  ? -6.792  12.828  11.354  1.00 33.13 ? 48  ARG B C   1 
ATOM   344  O O   . ARG A 1 48  ? -7.104  13.876  10.786  1.00 35.05 ? 48  ARG B O   1 
ATOM   345  C CB  . ARG A 1 48  ? -9.200  12.521  11.925  1.00 38.58 ? 48  ARG B CB  1 
ATOM   346  C CG  . ARG A 1 48  ? -10.346 11.561  12.163  1.00 41.61 ? 48  ARG B CG  1 
ATOM   347  C CD  . ARG A 1 48  ? -10.221 10.355  11.242  1.00 43.74 ? 48  ARG B CD  1 
ATOM   348  N NE  . ARG A 1 48  ? -11.512 9.711   11.029  1.00 50.23 ? 48  ARG B NE  1 
ATOM   349  C CZ  . ARG A 1 48  ? -12.105 8.915   11.912  1.00 53.21 ? 48  ARG B CZ  1 
ATOM   350  N NH1 . ARG A 1 48  ? -11.520 8.656   13.075  1.00 47.25 ? 48  ARG B NH1 1 
ATOM   351  N NH2 . ARG A 1 48  ? -13.283 8.374   11.630  1.00 57.89 ? 48  ARG B NH2 1 
ATOM   352  N N   . GLU A 1 49  ? -5.535  12.514  11.648  1.00 27.28 ? 49  GLU B N   1 
ATOM   353  C CA  . GLU A 1 49  ? -4.440  13.409  11.319  1.00 23.79 ? 49  GLU B CA  1 
ATOM   354  C C   . GLU A 1 49  ? -3.802  13.057  9.976   1.00 24.34 ? 49  GLU B C   1 
ATOM   355  O O   . GLU A 1 49  ? -3.087  13.871  9.383   1.00 26.72 ? 49  GLU B O   1 
ATOM   356  C CB  . GLU A 1 49  ? -3.397  13.413  12.431  1.00 27.10 ? 49  GLU B CB  1 
ATOM   357  C CG  . GLU A 1 49  ? -3.801  14.249  13.618  1.00 29.56 ? 49  GLU B CG  1 
ATOM   358  C CD  . GLU A 1 49  ? -3.752  15.732  13.315  1.00 30.27 ? 49  GLU B CD  1 
ATOM   359  O OE1 . GLU A 1 49  ? -2.657  16.236  12.997  1.00 34.01 ? 49  GLU B OE1 1 
ATOM   360  O OE2 . GLU A 1 49  ? -4.805  16.396  13.399  1.00 29.81 ? 49  GLU B OE2 1 
ATOM   361  N N   . ILE A 1 50  ? -4.047  11.832  9.519   1.00 25.60 ? 50  ILE B N   1 
ATOM   362  C CA  . ILE A 1 50  ? -3.675  11.417  8.172   1.00 27.49 ? 50  ILE B CA  1 
ATOM   363  C C   . ILE A 1 50  ? -4.840  10.680  7.522   1.00 23.21 ? 50  ILE B C   1 
ATOM   364  O O   . ILE A 1 50  ? -5.834  10.377  8.176   1.00 21.21 ? 50  ILE B O   1 
ATOM   365  C CB  . ILE A 1 50  ? -2.421  10.523  8.163   1.00 24.38 ? 50  ILE B CB  1 
ATOM   366  C CG1 . ILE A 1 50  ? -2.713  9.209   8.881   1.00 23.36 ? 50  ILE B CG1 1 
ATOM   367  C CG2 . ILE A 1 50  ? -1.247  11.241  8.814   1.00 20.80 ? 50  ILE B CG2 1 
ATOM   368  C CD1 . ILE A 1 50  ? -1.526  8.302   8.950   1.00 23.64 ? 50  ILE B CD1 1 
ATOM   369  N N   . SER A 1 51  ? -4.721  10.415  6.222   1.00 23.01 ? 51  SER B N   1 
ATOM   370  C CA  . SER A 1 51  ? -5.791  9.781   5.473   1.00 22.42 ? 51  SER B CA  1 
ATOM   371  C C   . SER A 1 51  ? -5.521  8.290   5.328   1.00 20.21 ? 51  SER B C   1 
ATOM   372  O O   . SER A 1 51  ? -4.464  7.795   5.730   1.00 17.92 ? 51  SER B O   1 
ATOM   373  C CB  . SER A 1 51  ? -5.902  10.416  4.081   1.00 23.07 ? 51  SER B CB  1 
ATOM   374  O OG  . SER A 1 51  ? -4.719  10.154  3.342   1.00 22.00 ? 51  SER B OG  1 
ATOM   375  N N   . VAL A 1 52  ? -6.477  7.571   4.750   1.00 20.67 ? 52  VAL B N   1 
ATOM   376  C CA  . VAL A 1 52  ? -6.268  6.161   4.439   1.00 18.71 ? 52  VAL B CA  1 
ATOM   377  C C   . VAL A 1 52  ? -5.096  5.981   3.463   1.00 17.98 ? 52  VAL B C   1 
ATOM   378  O O   . VAL A 1 52  ? -4.286  5.082   3.626   1.00 16.03 ? 52  VAL B O   1 
ATOM   379  C CB  . VAL A 1 52  ? -7.550  5.492   3.905   1.00 19.26 ? 52  VAL B CB  1 
ATOM   380  C CG1 . VAL A 1 52  ? -7.284  4.047   3.525   1.00 17.53 ? 52  VAL B CG1 1 
ATOM   381  C CG2 . VAL A 1 52  ? -8.669  5.564   4.957   1.00 21.99 ? 52  VAL B CG2 1 
ATOM   382  N N   . ARG A 1 53  ? -5.005  6.855   2.460   1.00 18.17 ? 53  ARG B N   1 
ATOM   383  C CA  . ARG A 1 53  ? -3.901  6.829   1.493   1.00 18.56 ? 53  ARG B CA  1 
ATOM   384  C C   . ARG A 1 53  ? -2.537  7.019   2.173   1.00 17.73 ? 53  ARG B C   1 
ATOM   385  O O   . ARG A 1 53  ? -1.560  6.312   1.881   1.00 15.84 ? 53  ARG B O   1 
ATOM   386  C CB  . ARG A 1 53  ? -4.113  7.947   0.480   1.00 20.77 ? 53  ARG B CB  1 
ATOM   387  C CG  . ARG A 1 53  ? -3.209  7.921   -0.726  1.00 21.61 ? 53  ARG B CG  1 
ATOM   388  C CD  . ARG A 1 53  ? -3.629  9.094   -1.618  1.00 27.08 ? 53  ARG B CD  1 
ATOM   389  N NE  . ARG A 1 53  ? -3.372  8.786   -2.999  1.00 30.19 ? 53  ARG B NE  1 
ATOM   390  C CZ  . ARG A 1 53  ? -4.119  9.182   -4.017  1.00 22.46 ? 53  ARG B CZ  1 
ATOM   391  N NH1 . ARG A 1 53  ? -5.215  9.930   -3.835  1.00 22.39 ? 53  ARG B NH1 1 
ATOM   392  N NH2 . ARG A 1 53  ? -3.754  8.820   -5.224  1.00 23.94 ? 53  ARG B NH2 1 
ATOM   393  N N   . ASP A 1 54  ? -2.479  7.987   3.085   1.00 18.21 ? 54  ASP B N   1 
ATOM   394  C CA  . ASP A 1 54  ? -1.272  8.237   3.854   1.00 17.50 ? 54  ASP B CA  1 
ATOM   395  C C   . ASP A 1 54  ? -0.879  6.979   4.600   1.00 16.85 ? 54  ASP B C   1 
ATOM   396  O O   . ASP A 1 54  ? 0.307   6.668   4.735   1.00 16.69 ? 54  ASP B O   1 
ATOM   397  C CB  . ASP A 1 54  ? -1.502  9.352   4.872   1.00 19.88 ? 54  ASP B CB  1 
ATOM   398  C CG  . ASP A 1 54  ? -1.711  10.705  4.229   1.00 23.84 ? 54  ASP B CG  1 
ATOM   399  O OD1 . ASP A 1 54  ? -1.152  10.959  3.134   1.00 20.27 ? 54  ASP B OD1 1 
ATOM   400  O OD2 . ASP A 1 54  ? -2.426  11.524  4.845   1.00 23.39 ? 54  ASP B OD2 1 
ATOM   401  N N   . PHE A 1 55  ? -1.877  6.261   5.105   1.00 17.54 ? 55  PHE B N   1 
ATOM   402  C CA  . PHE A 1 55  ? -1.594  5.094   5.930   1.00 16.73 ? 55  PHE B CA  1 
ATOM   403  C C   . PHE A 1 55  ? -1.142  3.915   5.085   1.00 18.59 ? 55  PHE B C   1 
ATOM   404  O O   . PHE A 1 55  ? -0.222  3.176   5.451   1.00 16.88 ? 55  PHE B O   1 
ATOM   405  C CB  . PHE A 1 55  ? -2.793  4.706   6.806   1.00 17.19 ? 55  PHE B CB  1 
ATOM   406  C CG  . PHE A 1 55  ? -2.507  3.540   7.701   1.00 17.29 ? 55  PHE B CG  1 
ATOM   407  C CD1 . PHE A 1 55  ? -1.514  3.629   8.670   1.00 19.17 ? 55  PHE B CD1 1 
ATOM   408  C CD2 . PHE A 1 55  ? -3.194  2.349   7.561   1.00 16.61 ? 55  PHE B CD2 1 
ATOM   409  C CE1 . PHE A 1 55  ? -1.207  2.546   9.488   1.00 20.22 ? 55  PHE B CE1 1 
ATOM   410  C CE2 . PHE A 1 55  ? -2.906  1.257   8.387   1.00 21.18 ? 55  PHE B CE2 1 
ATOM   411  C CZ  . PHE A 1 55  ? -1.906  1.362   9.354   1.00 20.93 ? 55  PHE B CZ  1 
ATOM   412  N N   . VAL A 1 56  ? -1.796  3.750   3.942   1.00 15.93 ? 56  VAL B N   1 
ATOM   413  C CA  . VAL A 1 56  ? -1.356  2.795   2.933   1.00 17.85 ? 56  VAL B CA  1 
ATOM   414  C C   . VAL A 1 56  ? 0.110   3.037   2.571   1.00 15.66 ? 56  VAL B C   1 
ATOM   415  O O   . VAL A 1 56  ? 0.913   2.099   2.525   1.00 15.80 ? 56  VAL B O   1 
ATOM   416  C CB  . VAL A 1 56  ? -2.259  2.854   1.668   1.00 14.96 ? 56  VAL B CB  1 
ATOM   417  C CG1 . VAL A 1 56  ? -1.602  2.122   0.498   1.00 16.86 ? 56  VAL B CG1 1 
ATOM   418  C CG2 . VAL A 1 56  ? -3.643  2.263   1.976   1.00 16.11 ? 56  VAL B CG2 1 
ATOM   419  N N   . ARG A 1 57  ? 0.464   4.299   2.352   1.00 15.65 ? 57  ARG B N   1 
ATOM   420  C CA  . ARG A 1 57  ? 1.821   4.670   1.969   1.00 16.54 ? 57  ARG B CA  1 
ATOM   421  C C   . ARG A 1 57  ? 2.833   4.309   3.066   1.00 17.85 ? 57  ARG B C   1 
ATOM   422  O O   . ARG A 1 57  ? 3.899   3.753   2.790   1.00 15.68 ? 57  ARG B O   1 
ATOM   423  C CB  . ARG A 1 57  ? 1.886   6.175   1.649   1.00 15.36 ? 57  ARG B CB  1 
ATOM   424  C CG  . ARG A 1 57  ? 3.128   6.590   0.901   1.00 14.21 ? 57  ARG B CG  1 
ATOM   425  C CD  . ARG A 1 57  ? 3.423   8.064   1.052   1.00 18.95 ? 57  ARG B CD  1 
ATOM   426  N NE  . ARG A 1 57  ? 2.328   8.906   0.572   1.00 20.23 ? 57  ARG B NE  1 
ATOM   427  C CZ  . ARG A 1 57  ? 2.055   9.141   -0.709  1.00 19.74 ? 57  ARG B CZ  1 
ATOM   428  N NH1 . ARG A 1 57  ? 2.788   8.592   -1.669  1.00 19.68 ? 57  ARG B NH1 1 
ATOM   429  N NH2 . ARG A 1 57  ? 1.038   9.927   -1.030  1.00 18.68 ? 57  ARG B NH2 1 
ATOM   430  N N   . ALA A 1 58  ? 2.494   4.619   4.312   1.00 17.42 ? 58  ALA B N   1 
ATOM   431  C CA  . ALA A 1 58  ? 3.395   4.335   5.422   1.00 19.60 ? 58  ALA B CA  1 
ATOM   432  C C   . ALA A 1 58  ? 3.682   2.835   5.522   1.00 19.31 ? 58  ALA B C   1 
ATOM   433  O O   . ALA A 1 58  ? 4.812   2.426   5.798   1.00 18.41 ? 58  ALA B O   1 
ATOM   434  C CB  . ALA A 1 58  ? 2.813   4.889   6.747   1.00 19.96 ? 58  ALA B CB  1 
ATOM   435  N N   . VAL A 1 59  ? 2.664   2.019   5.266   1.00 17.01 ? 59  VAL B N   1 
ATOM   436  C CA  . VAL A 1 59  ? 2.836   0.569   5.283   1.00 15.30 ? 59  VAL B CA  1 
ATOM   437  C C   . VAL A 1 59  ? 3.747   0.135   4.123   1.00 15.20 ? 59  VAL B C   1 
ATOM   438  O O   . VAL A 1 59  ? 4.689   -0.640  4.317   1.00 16.52 ? 59  VAL B O   1 
ATOM   439  C CB  . VAL A 1 59  ? 1.473   -0.178  5.225   1.00 17.26 ? 59  VAL B CB  1 
ATOM   440  C CG1 . VAL A 1 59  ? 1.677   -1.676  5.125   1.00 17.36 ? 59  VAL B CG1 1 
ATOM   441  C CG2 . VAL A 1 59  ? 0.600   0.176   6.437   1.00 22.16 ? 59  VAL B CG2 1 
ATOM   442  N N   . ALA A 1 60  ? 3.485   0.653   2.927   1.00 15.79 ? 60  ALA B N   1 
ATOM   443  C CA  . ALA A 1 60  ? 4.258   0.240   1.749   1.00 16.28 ? 60  ALA B CA  1 
ATOM   444  C C   . ALA A 1 60  ? 5.711   0.722   1.799   1.00 17.14 ? 60  ALA B C   1 
ATOM   445  O O   . ALA A 1 60  ? 6.583   0.142   1.150   1.00 15.88 ? 60  ALA B O   1 
ATOM   446  C CB  . ALA A 1 60  ? 3.596   0.729   0.464   1.00 16.93 ? 60  ALA B CB  1 
ATOM   447  N N   . LEU A 1 61  ? 5.989   1.778   2.528   1.00 15.03 ? 61  LEU B N   1 
ATOM   448  C CA  . LEU A 1 61  ? 7.301   2.305   2.601   1.00 14.90 ? 61  LEU B CA  1 
ATOM   449  C C   . LEU A 1 61  ? 8.045   1.737   3.821   1.00 14.71 ? 61  LEU B C   1 
ATOM   450  O O   . LEU A 1 61  ? 9.192   2.012   4.017   1.00 15.53 ? 61  LEU B O   1 
ATOM   451  C CB  . LEU A 1 61  ? 7.227   3.821   2.697   1.00 16.15 ? 61  LEU B CB  1 
ATOM   452  C CG  . LEU A 1 61  ? 6.761   4.591   1.485   1.00 14.38 ? 61  LEU B CG  1 
ATOM   453  C CD1 . LEU A 1 61  ? 6.741   6.078   1.688   1.00 14.15 ? 61  LEU B CD1 1 
ATOM   454  C CD2 . LEU A 1 61  ? 7.656   4.215   0.395   1.00 15.65 ? 61  LEU B CD2 1 
ATOM   455  N N   . SER A 1 62  ? 7.341   0.966   4.630   1.00 14.97 ? 62  SER B N   1 
ATOM   456  C CA  . SER A 1 62  ? 7.949   0.426   5.847   1.00 15.13 ? 62  SER B CA  1 
ATOM   457  C C   . SER A 1 62  ? 8.933   -0.700  5.571   1.00 15.86 ? 62  SER B C   1 
ATOM   458  O O   . SER A 1 62  ? 8.917   -1.336  4.502   1.00 15.32 ? 62  SER B O   1 
ATOM   459  C CB  . SER A 1 62  ? 6.886   -0.071  6.837   1.00 17.92 ? 62  SER B CB  1 
ATOM   460  O OG  . SER A 1 62  ? 6.273   -1.280  6.397   1.00 16.79 ? 62  SER B OG  1 
ATOM   461  N N   . GLU A 1 63  ? 9.775   -0.957  6.562   1.00 16.12 ? 63  GLU B N   1 
ATOM   462  C CA  . GLU A 1 63  ? 10.691  -2.092  6.483   1.00 16.04 ? 63  GLU B CA  1 
ATOM   463  C C   . GLU A 1 63  ? 9.926   -3.411  6.347   1.00 19.79 ? 63  GLU B C   1 
ATOM   464  O O   . GLU A 1 63  ? 10.424  -4.348  5.723   1.00 18.97 ? 63  GLU B O   1 
ATOM   465  C CB  . GLU A 1 63  ? 11.662  -2.094  7.675   1.00 18.84 ? 63  GLU B CB  1 
ATOM   466  C CG  . GLU A 1 63  ? 12.845  -3.028  7.543   1.00 20.83 ? 63  GLU B CG  1 
ATOM   467  C CD  . GLU A 1 63  ? 13.738  -2.713  6.357   1.00 20.38 ? 63  GLU B CD  1 
ATOM   468  O OE1 . GLU A 1 63  ? 13.706  -1.579  5.812   1.00 18.90 ? 63  GLU B OE1 1 
ATOM   469  O OE2 . GLU A 1 63  ? 14.511  -3.610  5.977   1.00 25.22 ? 63  GLU B OE2 1 
ATOM   470  N N   . VAL A 1 64  ? 8.705   -3.480  6.886   1.00 16.36 ? 64  VAL B N   1 
ATOM   471  C CA  . VAL A 1 64  ? 7.884   -4.691  6.733   1.00 19.41 ? 64  VAL B CA  1 
ATOM   472  C C   . VAL A 1 64  ? 7.636   -5.022  5.247   1.00 17.12 ? 64  VAL B C   1 
ATOM   473  O O   . VAL A 1 64  ? 7.860   -6.147  4.789   1.00 17.23 ? 64  VAL B O   1 
ATOM   474  C CB  . VAL A 1 64  ? 6.511   -4.541  7.454   1.00 20.89 ? 64  VAL B CB  1 
ATOM   475  C CG1 . VAL A 1 64  ? 5.708   -5.823  7.359   1.00 19.44 ? 64  VAL B CG1 1 
ATOM   476  C CG2 . VAL A 1 64  ? 6.708   -4.134  8.913   1.00 24.19 ? 64  VAL B CG2 1 
ATOM   477  N N   . TYR A 1 65  ? 7.188   -4.028  4.491   1.00 17.83 ? 65  TYR B N   1 
ATOM   478  C CA  . TYR A 1 65  ? 6.936   -4.226  3.062   1.00 18.62 ? 65  TYR B CA  1 
ATOM   479  C C   . TYR A 1 65  ? 8.231   -4.492  2.295   1.00 16.68 ? 65  TYR B C   1 
ATOM   480  O O   . TYR A 1 65  ? 8.287   -5.380  1.437   1.00 19.72 ? 65  TYR B O   1 
ATOM   481  C CB  . TYR A 1 65  ? 6.211   -3.009  2.493   1.00 17.71 ? 65  TYR B CB  1 
ATOM   482  C CG  . TYR A 1 65  ? 5.591   -3.212  1.132   1.00 17.82 ? 65  TYR B CG  1 
ATOM   483  C CD1 . TYR A 1 65  ? 6.368   -3.172  -0.024  1.00 18.03 ? 65  TYR B CD1 1 
ATOM   484  C CD2 . TYR A 1 65  ? 4.225   -3.423  0.999   1.00 17.85 ? 65  TYR B CD2 1 
ATOM   485  C CE1 . TYR A 1 65  ? 5.799   -3.325  -1.273  1.00 17.46 ? 65  TYR B CE1 1 
ATOM   486  C CE2 . TYR A 1 65  ? 3.638   -3.594  -0.248  1.00 18.17 ? 65  TYR B CE2 1 
ATOM   487  C CZ  . TYR A 1 65  ? 4.437   -3.548  -1.382  1.00 17.75 ? 65  TYR B CZ  1 
ATOM   488  O OH  . TYR A 1 65  ? 3.873   -3.721  -2.624  1.00 20.01 ? 65  TYR B OH  1 
ATOM   489  N N   . ARG A 1 66  ? 9.269   -3.720  2.602   1.00 19.04 ? 66  ARG B N   1 
ATOM   490  C CA  . ARG A 1 66  ? 10.564  -3.909  1.965   1.00 17.52 ? 66  ARG B CA  1 
ATOM   491  C C   . ARG A 1 66  ? 11.072  -5.341  2.114   1.00 19.11 ? 66  ARG B C   1 
ATOM   492  O O   . ARG A 1 66  ? 11.426  -5.977  1.124   1.00 20.23 ? 66  ARG B O   1 
ATOM   493  C CB  . ARG A 1 66  ? 11.595  -2.910  2.496   1.00 18.19 ? 66  ARG B CB  1 
ATOM   494  C CG  . ARG A 1 66  ? 11.254  -1.466  2.135   1.00 16.89 ? 66  ARG B CG  1 
ATOM   495  C CD  . ARG A 1 66  ? 12.007  -0.474  2.983   1.00 17.66 ? 66  ARG B CD  1 
ATOM   496  N NE  . ARG A 1 66  ? 11.385  0.851   2.909   1.00 17.04 ? 66  ARG B NE  1 
ATOM   497  C CZ  . ARG A 1 66  ? 11.930  1.899   2.306   1.00 14.83 ? 66  ARG B CZ  1 
ATOM   498  N NH1 . ARG A 1 66  ? 13.122  1.797   1.722   1.00 16.49 ? 66  ARG B NH1 1 
ATOM   499  N NH2 . ARG A 1 66  ? 11.288  3.064   2.300   1.00 15.51 ? 66  ARG B NH2 1 
ATOM   500  N N   . GLN A 1 67  ? 11.088  -5.852  3.341   1.00 17.73 ? 67  GLN B N   1 
ATOM   501  C CA  . GLN A 1 67  ? 11.545  -7.226  3.566   1.00 20.10 ? 67  GLN B CA  1 
ATOM   502  C C   . GLN A 1 67  ? 10.596  -8.278  3.002   1.00 22.10 ? 67  GLN B C   1 
ATOM   503  O O   . GLN A 1 67  ? 11.042  -9.344  2.561   1.00 24.82 ? 67  GLN B O   1 
ATOM   504  C CB  . GLN A 1 67  ? 11.809  -7.500  5.050   1.00 19.67 ? 67  GLN B CB  1 
ATOM   505  C CG  . GLN A 1 67  ? 12.993  -6.724  5.615   1.00 22.29 ? 67  GLN B CG  1 
ATOM   506  C CD  . GLN A 1 67  ? 14.231  -6.877  4.757   1.00 24.49 ? 67  GLN B CD  1 
ATOM   507  O OE1 . GLN A 1 67  ? 14.501  -7.951  4.232   1.00 25.85 ? 67  GLN B OE1 1 
ATOM   508  N NE2 . GLN A 1 67  ? 14.992  -5.798  4.610   1.00 28.47 ? 67  GLN B NE2 1 
ATOM   509  N N   . LYS A 1 68  ? 9.293   -8.011  3.029   1.00 18.57 ? 68  LYS B N   1 
ATOM   510  C CA  . LYS A 1 68  ? 8.341   -9.018  2.565   1.00 20.22 ? 68  LYS B CA  1 
ATOM   511  C C   . LYS A 1 68  ? 8.320   -9.225  1.042   1.00 21.26 ? 68  LYS B C   1 
ATOM   512  O O   . LYS A 1 68  ? 8.370   -10.370 0.573   1.00 21.41 ? 68  LYS B O   1 
ATOM   513  C CB  . LYS A 1 68  ? 6.939   -8.766  3.120   1.00 23.57 ? 68  LYS B CB  1 
ATOM   514  C CG  . LYS A 1 68  ? 5.960   -9.869  2.785   1.00 28.93 ? 68  LYS B CG  1 
ATOM   515  C CD  . LYS A 1 68  ? 4.917   -10.066 3.869   1.00 31.12 ? 68  LYS B CD  1 
ATOM   516  C CE  . LYS A 1 68  ? 4.286   -11.448 3.732   1.00 32.85 ? 68  LYS B CE  1 
ATOM   517  N NZ  . LYS A 1 68  ? 3.577   -11.894 4.956   1.00 34.62 ? 68  LYS B NZ  1 
ATOM   518  N N   . PHE A 1 69  ? 8.270   -8.128  0.279   1.00 20.33 ? 69  PHE B N   1 
ATOM   519  C CA  . PHE A 1 69  ? 8.101   -8.189  -1.185  1.00 23.01 ? 69  PHE B CA  1 
ATOM   520  C C   . PHE A 1 69  ? 9.289   -7.711  -2.037  1.00 19.68 ? 69  PHE B C   1 
ATOM   521  O O   . PHE A 1 69  ? 9.399   -8.067  -3.218  1.00 20.01 ? 69  PHE B O   1 
ATOM   522  C CB  . PHE A 1 69  ? 6.858   -7.391  -1.606  1.00 22.27 ? 69  PHE B CB  1 
ATOM   523  C CG  . PHE A 1 69  ? 5.597   -7.824  -0.912  1.00 25.16 ? 69  PHE B CG  1 
ATOM   524  C CD1 . PHE A 1 69  ? 5.153   -9.137  -1.008  1.00 23.21 ? 69  PHE B CD1 1 
ATOM   525  C CD2 . PHE A 1 69  ? 4.851   -6.917  -0.166  1.00 25.45 ? 69  PHE B CD2 1 
ATOM   526  C CE1 . PHE A 1 69  ? 3.989   -9.541  -0.364  1.00 25.62 ? 69  PHE B CE1 1 
ATOM   527  C CE2 . PHE A 1 69  ? 3.685   -7.318  0.481   1.00 25.43 ? 69  PHE B CE2 1 
ATOM   528  C CZ  . PHE A 1 69  ? 3.257   -8.631  0.382   1.00 25.46 ? 69  PHE B CZ  1 
ATOM   529  N N   . PHE A 1 70  ? 10.166  -6.907  -1.447  1.00 18.46 ? 70  PHE B N   1 
ATOM   530  C CA  . PHE A 1 70  ? 11.211  -6.222  -2.205  1.00 19.90 ? 70  PHE B CA  1 
ATOM   531  C C   . PHE A 1 70  ? 12.561  -6.954  -2.183  1.00 21.53 ? 70  PHE B C   1 
ATOM   532  O O   . PHE A 1 70  ? 13.067  -7.372  -3.224  1.00 22.22 ? 70  PHE B O   1 
ATOM   533  C CB  . PHE A 1 70  ? 11.352  -4.774  -1.704  1.00 19.74 ? 70  PHE B CB  1 
ATOM   534  C CG  . PHE A 1 70  ? 12.510  -4.022  -2.299  1.00 20.52 ? 70  PHE B CG  1 
ATOM   535  C CD1 . PHE A 1 70  ? 12.717  -4.000  -3.667  1.00 19.22 ? 70  PHE B CD1 1 
ATOM   536  C CD2 . PHE A 1 70  ? 13.369  -3.297  -1.484  1.00 22.48 ? 70  PHE B CD2 1 
ATOM   537  C CE1 . PHE A 1 70  ? 13.783  -3.308  -4.207  1.00 24.53 ? 70  PHE B CE1 1 
ATOM   538  C CE2 . PHE A 1 70  ? 14.427  -2.596  -2.022  1.00 23.75 ? 70  PHE B CE2 1 
ATOM   539  C CZ  . PHE A 1 70  ? 14.634  -2.601  -3.382  1.00 24.51 ? 70  PHE B CZ  1 
ATOM   540  N N   . HIS A 1 71  ? 13.123  -7.128  -0.995  1.00 19.08 ? 71  HIS B N   1 
ATOM   541  C CA  . HIS A 1 71  ? 14.511  -7.575  -0.876  1.00 22.72 ? 71  HIS B CA  1 
ATOM   542  C C   . HIS A 1 71  ? 14.791  -8.985  -1.394  1.00 31.09 ? 71  HIS B C   1 
ATOM   543  O O   . HIS A 1 71  ? 15.824  -9.219  -2.027  1.00 37.93 ? 71  HIS B O   1 
ATOM   544  C CB  . HIS A 1 71  ? 15.018  -7.412  0.557   1.00 24.88 ? 71  HIS B CB  1 
ATOM   545  C CG  . HIS A 1 71  ? 15.262  -5.984  0.943   1.00 24.83 ? 71  HIS B CG  1 
ATOM   546  N ND1 . HIS A 1 71  ? 16.082  -5.147  0.217   1.00 30.12 ? 71  HIS B ND1 1 
ATOM   547  C CD2 . HIS A 1 71  ? 14.784  -5.242  1.971   1.00 26.70 ? 71  HIS B CD2 1 
ATOM   548  C CE1 . HIS A 1 71  ? 16.098  -3.952  0.780   1.00 24.23 ? 71  HIS B CE1 1 
ATOM   549  N NE2 . HIS A 1 71  ? 15.328  -3.985  1.851   1.00 26.18 ? 71  HIS B NE2 1 
ATOM   550  N N   . SER A 1 72  ? 13.882  -9.915  -1.138  1.00 29.56 ? 72  SER B N   1 
ATOM   551  C CA  . SER A 1 72  ? 14.125  -11.312 -1.512  1.00 34.69 ? 72  SER B CA  1 
ATOM   552  C C   . SER A 1 72  ? 13.251  -11.749 -2.680  1.00 33.97 ? 72  SER B C   1 
ATOM   553  O O   . SER A 1 72  ? 12.818  -12.902 -2.751  1.00 35.57 ? 72  SER B O   1 
ATOM   554  C CB  . SER A 1 72  ? 13.931  -12.249 -0.314  1.00 40.46 ? 72  SER B CB  1 
ATOM   555  O OG  . SER A 1 72  ? 15.024  -12.160 0.587   1.00 43.56 ? 72  SER B OG  1 
ATOM   556  N N   . ASN A 1 73  ? 12.992  -10.821 -3.593  1.00 27.93 ? 73  ASN B N   1 
ATOM   557  C CA  . ASN A 1 73  ? 12.232  -11.129 -4.792  1.00 26.73 ? 73  ASN B CA  1 
ATOM   558  C C   . ASN A 1 73  ? 12.942  -10.587 -6.003  1.00 26.68 ? 73  ASN B C   1 
ATOM   559  O O   . ASN A 1 73  ? 13.565  -9.529  -5.935  1.00 23.92 ? 73  ASN B O   1 
ATOM   560  C CB  . ASN A 1 73  ? 10.830  -10.518 -4.730  1.00 27.00 ? 73  ASN B CB  1 
ATOM   561  C CG  . ASN A 1 73  ? 9.809   -11.462 -4.160  1.00 27.47 ? 73  ASN B CG  1 
ATOM   562  O OD1 . ASN A 1 73  ? 9.928   -12.679 -4.295  1.00 27.90 ? 73  ASN B OD1 1 
ATOM   563  N ND2 . ASN A 1 73  ? 8.785   -10.908 -3.518  1.00 27.06 ? 73  ASN B ND2 1 
ATOM   564  N N   . PRO A 1 74  ? 12.868  -11.323 -7.122  1.00 30.58 ? 74  PRO B N   1 
ATOM   565  C CA  . PRO A 1 74  ? 13.331  -10.776 -8.397  1.00 27.89 ? 74  PRO B CA  1 
ATOM   566  C C   . PRO A 1 74  ? 12.568  -9.483  -8.659  1.00 27.72 ? 74  PRO B C   1 
ATOM   567  O O   . PRO A 1 74  ? 11.405  -9.382  -8.278  1.00 24.58 ? 74  PRO B O   1 
ATOM   568  C CB  . PRO A 1 74  ? 12.918  -11.847 -9.413  1.00 27.88 ? 74  PRO B CB  1 
ATOM   569  C CG  . PRO A 1 74  ? 12.753  -13.089 -8.628  1.00 32.29 ? 74  PRO B CG  1 
ATOM   570  C CD  . PRO A 1 74  ? 12.284  -12.666 -7.264  1.00 29.44 ? 74  PRO B CD  1 
ATOM   571  N N   . GLN A 1 75  ? 13.214  -8.516  -9.295  1.00 27.33 ? 75  GLN B N   1 
ATOM   572  C CA  . GLN A 1 75  ? 12.590  -7.233  -9.594  1.00 27.07 ? 75  GLN B CA  1 
ATOM   573  C C   . GLN A 1 75  ? 11.193  -7.333  -10.207 1.00 26.87 ? 75  GLN B C   1 
ATOM   574  O O   . GLN A 1 75  ? 10.307  -6.572  -9.843  1.00 26.41 ? 75  GLN B O   1 
ATOM   575  C CB  . GLN A 1 75  ? 13.483  -6.421  -10.524 1.00 32.37 ? 75  GLN B CB  1 
ATOM   576  C CG  . GLN A 1 75  ? 14.076  -5.174  -9.910  1.00 39.60 ? 75  GLN B CG  1 
ATOM   577  C CD  . GLN A 1 75  ? 14.265  -4.106  -10.960 1.00 39.73 ? 75  GLN B CD  1 
ATOM   578  O OE1 . GLN A 1 75  ? 14.814  -3.035  -10.699 1.00 39.40 ? 75  GLN B OE1 1 
ATOM   579  N NE2 . GLN A 1 75  ? 13.803  -4.398  -12.171 1.00 38.74 ? 75  GLN B NE2 1 
ATOM   580  N N   . ASN A 1 76  ? 10.997  -8.243  -11.155 1.00 28.24 ? 76  ASN B N   1 
ATOM   581  C CA  . ASN A 1 76  ? 9.700   -8.346  -11.823 1.00 29.12 ? 76  ASN B CA  1 
ATOM   582  C C   . ASN A 1 76  ? 8.602   -8.874  -10.893 1.00 26.73 ? 76  ASN B C   1 
ATOM   583  O O   . ASN A 1 76  ? 7.422   -8.533  -11.044 1.00 27.11 ? 76  ASN B O   1 
ATOM   584  C CB  . ASN A 1 76  ? 9.804   -9.216  -13.077 1.00 33.30 ? 76  ASN B CB  1 
ATOM   585  C CG  . ASN A 1 76  ? 10.216  -10.635 -12.759 1.00 36.31 ? 76  ASN B CG  1 
ATOM   586  O OD1 . ASN A 1 76  ? 11.263  -10.866 -12.148 1.00 37.18 ? 76  ASN B OD1 1 
ATOM   587  N ND2 . ASN A 1 76  ? 9.389   -11.596 -13.159 1.00 42.85 ? 76  ASN B ND2 1 
ATOM   588  N N   . ARG A 1 77  ? 8.986   -9.708  -9.931  1.00 26.58 ? 77  ARG B N   1 
ATOM   589  C CA  . ARG A 1 77  ? 8.036   -10.179 -8.924  1.00 25.16 ? 77  ARG B CA  1 
ATOM   590  C C   . ARG A 1 77  ? 7.663   -9.058  -7.951  1.00 21.51 ? 77  ARG B C   1 
ATOM   591  O O   . ARG A 1 77  ? 6.502   -8.914  -7.581  1.00 21.45 ? 77  ARG B O   1 
ATOM   592  C CB  . ARG A 1 77  ? 8.587   -11.388 -8.160  1.00 28.59 ? 77  ARG B CB  1 
ATOM   593  C CG  . ARG A 1 77  ? 8.314   -12.712 -8.862  1.00 34.76 ? 77  ARG B CG  1 
ATOM   594  C CD  . ARG A 1 77  ? 6.839   -13.067 -8.785  1.00 36.42 ? 77  ARG B CD  1 
ATOM   595  N NE  . ARG A 1 77  ? 6.471   -13.528 -7.451  1.00 37.35 ? 77  ARG B NE  1 
ATOM   596  C CZ  . ARG A 1 77  ? 5.239   -13.485 -6.951  1.00 37.53 ? 77  ARG B CZ  1 
ATOM   597  N NH1 . ARG A 1 77  ? 4.244   -12.981 -7.673  1.00 35.39 ? 77  ARG B NH1 1 
ATOM   598  N NH2 . ARG A 1 77  ? 5.008   -13.936 -5.723  1.00 38.75 ? 77  ARG B NH2 1 
ATOM   599  N N   . PHE A 1 78  ? 8.658   -8.281  -7.539  1.00 22.72 ? 78  PHE B N   1 
ATOM   600  C CA  . PHE A 1 78  ? 8.443   -7.083  -6.719  1.00 21.57 ? 78  PHE B CA  1 
ATOM   601  C C   . PHE A 1 78  ? 7.390   -6.181  -7.379  1.00 18.59 ? 78  PHE B C   1 
ATOM   602  O O   . PHE A 1 78  ? 6.439   -5.733  -6.735  1.00 19.23 ? 78  PHE B O   1 
ATOM   603  C CB  . PHE A 1 78  ? 9.787   -6.353  -6.571  1.00 22.33 ? 78  PHE B CB  1 
ATOM   604  C CG  . PHE A 1 78  ? 9.700   -4.959  -5.983  1.00 18.76 ? 78  PHE B CG  1 
ATOM   605  C CD1 . PHE A 1 78  ? 9.011   -4.709  -4.804  1.00 20.47 ? 78  PHE B CD1 1 
ATOM   606  C CD2 . PHE A 1 78  ? 10.375  -3.909  -6.592  1.00 21.21 ? 78  PHE B CD2 1 
ATOM   607  C CE1 . PHE A 1 78  ? 8.955   -3.415  -4.259  1.00 16.81 ? 78  PHE B CE1 1 
ATOM   608  C CE2 . PHE A 1 78  ? 10.338  -2.624  -6.051  1.00 18.65 ? 78  PHE B CE2 1 
ATOM   609  C CZ  . PHE A 1 78  ? 9.634   -2.377  -4.887  1.00 19.24 ? 78  PHE B CZ  1 
ATOM   610  N N   . ILE A 1 79  ? 7.551   -5.963  -8.677  1.00 17.18 ? 79  ILE B N   1 
ATOM   611  C CA  . ILE A 1 79  ? 6.679   -5.061  -9.437  1.00 17.58 ? 79  ILE B CA  1 
ATOM   612  C C   . ILE A 1 79  ? 5.264   -5.614  -9.519  1.00 18.20 ? 79  ILE B C   1 
ATOM   613  O O   . ILE A 1 79  ? 4.289   -4.911  -9.244  1.00 17.91 ? 79  ILE B O   1 
ATOM   614  C CB  . ILE A 1 79  ? 7.241   -4.796  -10.851 1.00 19.48 ? 79  ILE B CB  1 
ATOM   615  C CG1 . ILE A 1 79  ? 8.453   -3.861  -10.758 1.00 20.64 ? 79  ILE B CG1 1 
ATOM   616  C CG2 . ILE A 1 79  ? 6.175   -4.183  -11.751 1.00 18.92 ? 79  ILE B CG2 1 
ATOM   617  C CD1 . ILE A 1 79  ? 9.284   -3.766  -12.037 1.00 21.55 ? 79  ILE B CD1 1 
ATOM   618  N N   . GLU A 1 80  ? 5.155   -6.890  -9.870  1.00 21.42 ? 80  GLU B N   1 
ATOM   619  C CA  . GLU A 1 80  ? 3.860   -7.559  -9.928  1.00 19.01 ? 80  GLU B CA  1 
ATOM   620  C C   . GLU A 1 80  ? 3.131   -7.464  -8.588  1.00 19.78 ? 80  GLU B C   1 
ATOM   621  O O   . GLU A 1 80  ? 1.922   -7.215  -8.532  1.00 19.39 ? 80  GLU B O   1 
ATOM   622  C CB  . GLU A 1 80  ? 4.079   -9.015  -10.326 1.00 25.21 ? 80  GLU B CB  1 
ATOM   623  C CG  . GLU A 1 80  ? 2.834   -9.839  -10.418 1.00 26.22 ? 80  GLU B CG  1 
ATOM   624  C CD  . GLU A 1 80  ? 3.133   -11.262 -10.859 1.00 34.26 ? 80  GLU B CD  1 
ATOM   625  O OE1 . GLU A 1 80  ? 4.322   -11.646 -10.849 1.00 32.52 ? 80  GLU B OE1 1 
ATOM   626  O OE2 . GLU A 1 80  ? 2.180   -11.987 -11.211 1.00 41.61 ? 80  GLU B OE2 1 
ATOM   627  N N   . LEU A 1 81  ? 3.882   -7.655  -7.510  1.00 18.29 ? 81  LEU B N   1 
ATOM   628  C CA  . LEU A 1 81  ? 3.340   -7.581  -6.156  1.00 18.28 ? 81  LEU B CA  1 
ATOM   629  C C   . LEU A 1 81  ? 2.911   -6.163  -5.782  1.00 16.54 ? 81  LEU B C   1 
ATOM   630  O O   . LEU A 1 81  ? 1.925   -5.972  -5.059  1.00 18.56 ? 81  LEU B O   1 
ATOM   631  C CB  . LEU A 1 81  ? 4.374   -8.106  -5.161  1.00 19.48 ? 81  LEU B CB  1 
ATOM   632  C CG  . LEU A 1 81  ? 4.523   -9.629  -5.245  1.00 23.08 ? 81  LEU B CG  1 
ATOM   633  C CD1 . LEU A 1 81  ? 5.790   -10.101 -4.524  1.00 27.03 ? 81  LEU B CD1 1 
ATOM   634  C CD2 . LEU A 1 81  ? 3.284   -10.291 -4.683  1.00 25.14 ? 81  LEU B CD2 1 
ATOM   635  N N   . ASN A 1 82  ? 3.664   -5.174  -6.250  1.00 15.30 ? 82  ASN B N   1 
ATOM   636  C CA  . ASN A 1 82  ? 3.253   -3.777  -6.101  1.00 18.04 ? 82  ASN B CA  1 
ATOM   637  C C   . ASN A 1 82  ? 1.894   -3.547  -6.758  1.00 17.09 ? 82  ASN B C   1 
ATOM   638  O O   . ASN A 1 82  ? 1.007   -2.901  -6.184  1.00 16.39 ? 82  ASN B O   1 
ATOM   639  C CB  . ASN A 1 82  ? 4.287   -2.833  -6.738  1.00 16.95 ? 82  ASN B CB  1 
ATOM   640  C CG  . ASN A 1 82  ? 5.577   -2.745  -5.945  1.00 18.36 ? 82  ASN B CG  1 
ATOM   641  O OD1 . ASN A 1 82  ? 6.599   -2.275  -6.457  1.00 21.62 ? 82  ASN B OD1 1 
ATOM   642  N ND2 . ASN A 1 82  ? 5.542   -3.183  -4.699  1.00 15.90 ? 82  ASN B ND2 1 
ATOM   643  N N   . TYR A 1 83  ? 1.725   -4.062  -7.979  1.00 16.46 ? 83  TYR B N   1 
ATOM   644  C CA  . TYR A 1 83  ? 0.454   -3.878  -8.666  1.00 17.00 ? 83  TYR B CA  1 
ATOM   645  C C   . TYR A 1 83  ? -0.681  -4.514  -7.868  1.00 17.52 ? 83  TYR B C   1 
ATOM   646  O O   . TYR A 1 83  ? -1.718  -3.905  -7.664  1.00 17.98 ? 83  TYR B O   1 
ATOM   647  C CB  . TYR A 1 83  ? 0.484   -4.427  -10.102 1.00 15.27 ? 83  TYR B CB  1 
ATOM   648  C CG  . TYR A 1 83  ? 0.962   -3.422  -11.128 1.00 17.32 ? 83  TYR B CG  1 
ATOM   649  C CD1 . TYR A 1 83  ? 0.100   -2.459  -11.639 1.00 19.19 ? 83  TYR B CD1 1 
ATOM   650  C CD2 . TYR A 1 83  ? 2.270   -3.443  -11.605 1.00 18.53 ? 83  TYR B CD2 1 
ATOM   651  C CE1 . TYR A 1 83  ? 0.527   -1.540  -12.583 1.00 21.58 ? 83  TYR B CE1 1 
ATOM   652  C CE2 . TYR A 1 83  ? 2.711   -2.521  -12.562 1.00 15.74 ? 83  TYR B CE2 1 
ATOM   653  C CZ  . TYR A 1 83  ? 1.823   -1.573  -13.045 1.00 17.19 ? 83  TYR B CZ  1 
ATOM   654  O OH  . TYR A 1 83  ? 2.235   -0.635  -13.986 1.00 17.20 ? 83  TYR B OH  1 
ATOM   655  N N   . LYS A 1 84  ? -0.474  -5.736  -7.404  1.00 16.90 ? 84  LYS B N   1 
ATOM   656  C CA  . LYS A 1 84  ? -1.548  -6.442  -6.739  1.00 18.57 ? 84  LYS B CA  1 
ATOM   657  C C   . LYS A 1 84  ? -1.905  -5.798  -5.404  1.00 17.20 ? 84  LYS B C   1 
ATOM   658  O O   . LYS A 1 84  ? -3.078  -5.660  -5.084  1.00 19.72 ? 84  LYS B O   1 
ATOM   659  C CB  . LYS A 1 84  ? -1.191  -7.917  -6.546  1.00 18.28 ? 84  LYS B CB  1 
ATOM   660  C CG  . LYS A 1 84  ? -1.032  -8.693  -7.847  1.00 23.29 ? 84  LYS B CG  1 
ATOM   661  C CD  . LYS A 1 84  ? -0.660  -10.140 -7.555  1.00 24.42 ? 84  LYS B CD  1 
ATOM   662  C CE  . LYS A 1 84  ? -0.832  -11.044 -8.772  1.00 32.64 ? 84  LYS B CE  1 
ATOM   663  N NZ  . LYS A 1 84  ? -0.001  -10.600 -9.908  1.00 35.84 ? 84  LYS B NZ  1 
ATOM   664  N N   . HIS A 1 85  ? -0.896  -5.400  -4.638  1.00 18.36 ? 85  HIS B N   1 
ATOM   665  C CA  . HIS A 1 85  ? -1.110  -4.860  -3.288  1.00 18.80 ? 85  HIS B CA  1 
ATOM   666  C C   . HIS A 1 85  ? -1.545  -3.402  -3.255  1.00 21.55 ? 85  HIS B C   1 
ATOM   667  O O   . HIS A 1 85  ? -2.381  -3.009  -2.421  1.00 20.75 ? 85  HIS B O   1 
ATOM   668  C CB  . HIS A 1 85  ? 0.147   -5.031  -2.430  1.00 17.86 ? 85  HIS B CB  1 
ATOM   669  C CG  . HIS A 1 85  ? 0.460   -6.460  -2.121  1.00 20.24 ? 85  HIS B CG  1 
ATOM   670  N ND1 . HIS A 1 85  ? -0.431  -7.285  -1.480  1.00 23.29 ? 85  HIS B ND1 1 
ATOM   671  C CD2 . HIS A 1 85  ? 1.562   -7.205  -2.371  1.00 26.45 ? 85  HIS B CD2 1 
ATOM   672  C CE1 . HIS A 1 85  ? 0.101   -8.494  -1.361  1.00 28.25 ? 85  HIS B CE1 1 
ATOM   673  N NE2 . HIS A 1 85  ? 1.304   -8.469  -1.891  1.00 24.44 ? 85  HIS B NE2 1 
ATOM   674  N N   . LEU A 1 86  ? -0.974  -2.598  -4.147  1.00 17.24 ? 86  LEU B N   1 
ATOM   675  C CA  . LEU A 1 86  ? -1.205  -1.151  -4.099  1.00 16.42 ? 86  LEU B CA  1 
ATOM   676  C C   . LEU A 1 86  ? -2.334  -0.670  -5.015  1.00 18.72 ? 86  LEU B C   1 
ATOM   677  O O   . LEU A 1 86  ? -3.046  0.297   -4.692  1.00 20.48 ? 86  LEU B O   1 
ATOM   678  C CB  . LEU A 1 86  ? 0.097   -0.385  -4.362  1.00 15.67 ? 86  LEU B CB  1 
ATOM   679  C CG  . LEU A 1 86  ? 1.306   -0.873  -3.554  1.00 17.13 ? 86  LEU B CG  1 
ATOM   680  C CD1 . LEU A 1 86  ? 2.522   -0.031  -3.846  1.00 19.17 ? 86  LEU B CD1 1 
ATOM   681  C CD2 . LEU A 1 86  ? 1.013   -0.879  -2.048  1.00 17.88 ? 86  LEU B CD2 1 
ATOM   682  N N   . LEU A 1 87  ? -2.517  -1.341  -6.149  1.00 17.67 ? 87  LEU B N   1 
ATOM   683  C CA  . LEU A 1 87  ? -3.599  -0.970  -7.069  1.00 19.08 ? 87  LEU B CA  1 
ATOM   684  C C   . LEU A 1 87  ? -4.724  -2.015  -7.131  1.00 21.32 ? 87  LEU B C   1 
ATOM   685  O O   . LEU A 1 87  ? -5.758  -1.777  -7.745  1.00 20.10 ? 87  LEU B O   1 
ATOM   686  C CB  . LEU A 1 87  ? -3.055  -0.690  -8.486  1.00 19.43 ? 87  LEU B CB  1 
ATOM   687  C CG  . LEU A 1 87  ? -2.261  0.606   -8.735  1.00 18.60 ? 87  LEU B CG  1 
ATOM   688  C CD1 . LEU A 1 87  ? -1.802  0.697   -10.190 1.00 18.51 ? 87  LEU B CD1 1 
ATOM   689  C CD2 . LEU A 1 87  ? -3.081  1.834   -8.374  1.00 20.51 ? 87  LEU B CD2 1 
ATOM   690  N N   . GLY A 1 88  ? -4.517  -3.178  -6.518  1.00 18.65 ? 88  GLY B N   1 
ATOM   691  C CA  . GLY A 1 88  ? -5.533  -4.220  -6.526  1.00 19.74 ? 88  GLY B CA  1 
ATOM   692  C C   . GLY A 1 88  ? -5.748  -4.897  -7.875  1.00 22.56 ? 88  GLY B C   1 
ATOM   693  O O   . GLY A 1 88  ? -6.864  -5.299  -8.219  1.00 22.89 ? 88  GLY B O   1 
ATOM   694  N N   . ARG A 1 89  ? -4.683  -5.010  -8.660  1.00 18.70 ? 89  ARG B N   1 
ATOM   695  C CA  . ARG A 1 89  ? -4.792  -5.662  -9.961  1.00 20.99 ? 89  ARG B CA  1 
ATOM   696  C C   . ARG A 1 89  ? -3.454  -6.199  -10.413 1.00 21.45 ? 89  ARG B C   1 
ATOM   697  O O   . ARG A 1 89  ? -2.411  -5.739  -9.953  1.00 21.87 ? 89  ARG B O   1 
ATOM   698  C CB  . ARG A 1 89  ? -5.340  -4.693  -11.013 1.00 22.02 ? 89  ARG B CB  1 
ATOM   699  C CG  . ARG A 1 89  ? -4.332  -3.622  -11.457 1.00 23.07 ? 89  ARG B CG  1 
ATOM   700  C CD  . ARG A 1 89  ? -4.775  -2.958  -12.756 1.00 22.30 ? 89  ARG B CD  1 
ATOM   701  N NE  . ARG A 1 89  ? -4.067  -1.712  -13.067 1.00 19.04 ? 89  ARG B NE  1 
ATOM   702  C CZ  . ARG A 1 89  ? -2.939  -1.648  -13.769 1.00 20.46 ? 89  ARG B CZ  1 
ATOM   703  N NH1 . ARG A 1 89  ? -2.371  -2.767  -14.206 1.00 20.33 ? 89  ARG B NH1 1 
ATOM   704  N NH2 . ARG A 1 89  ? -2.377  -0.469  -14.034 1.00 20.59 ? 89  ARG B NH2 1 
ATOM   705  N N   . ALA A 1 90  ? -3.473  -7.169  -11.324 1.00 22.65 ? 90  ALA B N   1 
ATOM   706  C CA  . ALA A 1 90  ? -2.235  -7.618  -11.945 1.00 23.01 ? 90  ALA B CA  1 
ATOM   707  C C   . ALA A 1 90  ? -1.819  -6.588  -12.994 1.00 22.02 ? 90  ALA B C   1 
ATOM   708  O O   . ALA A 1 90  ? -2.658  -5.832  -13.484 1.00 21.23 ? 90  ALA B O   1 
ATOM   709  C CB  . ALA A 1 90  ? -2.429  -8.988  -12.588 1.00 23.11 ? 90  ALA B CB  1 
ATOM   710  N N   . PRO A 1 91  ? -0.518  -6.534  -13.326 1.00 22.08 ? 91  PRO B N   1 
ATOM   711  C CA  . PRO A 1 91  ? -0.086  -5.722  -14.466 1.00 21.58 ? 91  PRO B CA  1 
ATOM   712  C C   . PRO A 1 91  ? -0.835  -6.145  -15.734 1.00 27.50 ? 91  PRO B C   1 
ATOM   713  O O   . PRO A 1 91  ? -1.142  -7.324  -15.902 1.00 27.05 ? 91  PRO B O   1 
ATOM   714  C CB  . PRO A 1 91  ? 1.396   -6.067  -14.603 1.00 22.33 ? 91  PRO B CB  1 
ATOM   715  C CG  . PRO A 1 91  ? 1.800   -6.580  -13.268 1.00 24.21 ? 91  PRO B CG  1 
ATOM   716  C CD  . PRO A 1 91  ? 0.603   -7.257  -12.696 1.00 22.06 ? 91  PRO B CD  1 
ATOM   717  N N   . TYR A 1 92  ? -1.120  -5.194  -16.614 1.00 23.87 ? 92  TYR B N   1 
ATOM   718  C CA  . TYR A 1 92  ? -1.859  -5.485  -17.842 1.00 28.59 ? 92  TYR B CA  1 
ATOM   719  C C   . TYR A 1 92  ? -1.074  -6.388  -18.782 1.00 29.29 ? 92  TYR B C   1 
ATOM   720  O O   . TYR A 1 92  ? -1.647  -7.231  -19.470 1.00 30.81 ? 92  TYR B O   1 
ATOM   721  C CB  . TYR A 1 92  ? -2.213  -4.187  -18.569 1.00 27.09 ? 92  TYR B CB  1 
ATOM   722  C CG  . TYR A 1 92  ? -3.154  -3.300  -17.795 1.00 25.03 ? 92  TYR B CG  1 
ATOM   723  C CD1 . TYR A 1 92  ? -4.339  -3.801  -17.281 1.00 27.11 ? 92  TYR B CD1 1 
ATOM   724  C CD2 . TYR A 1 92  ? -2.868  -1.953  -17.595 1.00 28.09 ? 92  TYR B CD2 1 
ATOM   725  C CE1 . TYR A 1 92  ? -5.207  -2.994  -16.572 1.00 25.39 ? 92  TYR B CE1 1 
ATOM   726  C CE2 . TYR A 1 92  ? -3.735  -1.136  -16.889 1.00 24.81 ? 92  TYR B CE2 1 
ATOM   727  C CZ  . TYR A 1 92  ? -4.900  -1.666  -16.380 1.00 23.07 ? 92  TYR B CZ  1 
ATOM   728  O OH  . TYR A 1 92  ? -5.768  -0.866  -15.678 1.00 27.01 ? 92  TYR B OH  1 
ATOM   729  N N   . ASP A 1 93  ? 0.243   -6.205  -18.789 1.00 26.30 ? 93  ASP B N   1 
ATOM   730  C CA  . ASP A 1 93  ? 1.131   -6.930  -19.681 1.00 30.78 ? 93  ASP B CA  1 
ATOM   731  C C   . ASP A 1 93  ? 2.577   -6.687  -19.274 1.00 28.47 ? 93  ASP B C   1 
ATOM   732  O O   . ASP A 1 93  ? 2.853   -5.983  -18.301 1.00 26.32 ? 93  ASP B O   1 
ATOM   733  C CB  . ASP A 1 93  ? 0.910   -6.466  -21.120 1.00 30.85 ? 93  ASP B CB  1 
ATOM   734  C CG  . ASP A 1 93  ? 0.900   -4.958  -21.248 1.00 31.09 ? 93  ASP B CG  1 
ATOM   735  O OD1 . ASP A 1 93  ? 1.800   -4.304  -20.680 1.00 31.94 ? 93  ASP B OD1 1 
ATOM   736  O OD2 . ASP A 1 93  ? -0.007  -4.421  -21.920 1.00 37.25 ? 93  ASP B OD2 1 
ATOM   737  N N   . GLN A 1 94  ? 3.503   -7.252  -20.040 1.00 27.55 ? 94  GLN B N   1 
ATOM   738  C CA  . GLN A 1 94  ? 4.908   -7.173  -19.684 1.00 29.82 ? 94  GLN B CA  1 
ATOM   739  C C   . GLN A 1 94  ? 5.448   -5.761  -19.845 1.00 29.31 ? 94  GLN B C   1 
ATOM   740  O O   . GLN A 1 94  ? 6.463   -5.409  -19.247 1.00 29.22 ? 94  GLN B O   1 
ATOM   741  C CB  . GLN A 1 94  ? 5.740   -8.162  -20.511 1.00 35.92 ? 94  GLN B CB  1 
ATOM   742  C CG  . GLN A 1 94  ? 6.821   -8.871  -19.713 1.00 41.29 ? 94  GLN B CG  1 
ATOM   743  C CD  . GLN A 1 94  ? 8.041   -8.003  -19.465 1.00 42.52 ? 94  GLN B CD  1 
ATOM   744  O OE1 . GLN A 1 94  ? 8.325   -7.086  -20.234 1.00 48.89 ? 94  GLN B OE1 1 
ATOM   745  N NE2 . GLN A 1 94  ? 8.777   -8.298  -18.399 1.00 40.62 ? 94  GLN B NE2 1 
ATOM   746  N N   . SER A 1 95  ? 4.770   -4.943  -20.647 1.00 28.35 ? 95  SER B N   1 
ATOM   747  C CA  . SER A 1 95  ? 5.239   -3.580  -20.858 1.00 28.34 ? 95  SER B CA  1 
ATOM   748  C C   . SER A 1 95  ? 5.178   -2.800  -19.549 1.00 25.52 ? 95  SER B C   1 
ATOM   749  O O   . SER A 1 95  ? 6.032   -1.956  -19.281 1.00 22.73 ? 95  SER B O   1 
ATOM   750  C CB  . SER A 1 95  ? 4.439   -2.868  -21.950 1.00 29.95 ? 95  SER B CB  1 
ATOM   751  O OG  . SER A 1 95  ? 3.229   -2.341  -21.436 1.00 35.29 ? 95  SER B OG  1 
ATOM   752  N N   . GLU A 1 96  ? 4.166   -3.080  -18.738 1.00 25.00 ? 96  GLU B N   1 
ATOM   753  C CA  . GLU A 1 96  ? 4.065   -2.448  -17.422 1.00 25.43 ? 96  GLU B CA  1 
ATOM   754  C C   . GLU A 1 96  ? 5.235   -2.836  -16.519 1.00 24.45 ? 96  GLU B C   1 
ATOM   755  O O   . GLU A 1 96  ? 5.716   -2.027  -15.725 1.00 21.55 ? 96  GLU B O   1 
ATOM   756  C CB  . GLU A 1 96  ? 2.734   -2.785  -16.754 1.00 24.16 ? 96  GLU B CB  1 
ATOM   757  C CG  . GLU A 1 96  ? 1.574   -1.977  -17.321 1.00 25.72 ? 96  GLU B CG  1 
ATOM   758  C CD  . GLU A 1 96  ? 0.440   -1.824  -16.333 1.00 23.23 ? 96  GLU B CD  1 
ATOM   759  O OE1 . GLU A 1 96  ? -0.191  -2.842  -15.999 1.00 24.27 ? 96  GLU B OE1 1 
ATOM   760  O OE2 . GLU A 1 96  ? 0.179   -0.685  -15.899 1.00 28.15 ? 96  GLU B OE2 1 
ATOM   761  N N   . ILE A 1 97  ? 5.691   -4.076  -16.658 1.00 23.30 ? 97  ILE B N   1 
ATOM   762  C CA  . ILE A 1 97  ? 6.813   -4.572  -15.870 1.00 24.97 ? 97  ILE B CA  1 
ATOM   763  C C   . ILE A 1 97  ? 8.130   -3.943  -16.324 1.00 24.72 ? 97  ILE B C   1 
ATOM   764  O O   . ILE A 1 97  ? 8.960   -3.564  -15.499 1.00 23.24 ? 97  ILE B O   1 
ATOM   765  C CB  . ILE A 1 97  ? 6.879   -6.111  -15.911 1.00 24.82 ? 97  ILE B CB  1 
ATOM   766  C CG1 . ILE A 1 97  ? 5.663   -6.696  -15.181 1.00 26.88 ? 97  ILE B CG1 1 
ATOM   767  C CG2 . ILE A 1 97  ? 8.165   -6.613  -15.286 1.00 27.38 ? 97  ILE B CG2 1 
ATOM   768  C CD1 . ILE A 1 97  ? 5.591   -8.201  -15.210 1.00 36.25 ? 97  ILE B CD1 1 
ATOM   769  N N   . ALA A 1 98  ? 8.312   -3.836  -17.639 1.00 23.62 ? 98  ALA B N   1 
ATOM   770  C CA  . ALA A 1 98  ? 9.457   -3.140  -18.215 1.00 24.29 ? 98  ALA B CA  1 
ATOM   771  C C   . ALA A 1 98  ? 9.492   -1.678  -17.774 1.00 21.93 ? 98  ALA B C   1 
ATOM   772  O O   . ALA A 1 98  ? 10.548  -1.129  -17.453 1.00 21.71 ? 98  ALA B O   1 
ATOM   773  C CB  . ALA A 1 98  ? 9.401   -3.227  -19.732 1.00 26.51 ? 98  ALA B CB  1 
ATOM   774  N N   . PHE A 1 99  ? 8.325   -1.047  -17.767 1.00 20.47 ? 99  PHE B N   1 
ATOM   775  C CA  . PHE A 1 99  ? 8.229   0.372   -17.475 1.00 20.46 ? 99  PHE B CA  1 
ATOM   776  C C   . PHE A 1 99  ? 8.645   0.662   -16.032 1.00 18.70 ? 99  PHE B C   1 
ATOM   777  O O   . PHE A 1 99  ? 9.358   1.629   -15.755 1.00 19.21 ? 99  PHE B O   1 
ATOM   778  C CB  . PHE A 1 99  ? 6.801   0.860   -17.737 1.00 20.92 ? 99  PHE B CB  1 
ATOM   779  C CG  . PHE A 1 99  ? 6.588   2.319   -17.440 1.00 21.47 ? 99  PHE B CG  1 
ATOM   780  C CD1 . PHE A 1 99  ? 6.205   2.735   -16.178 1.00 19.40 ? 99  PHE B CD1 1 
ATOM   781  C CD2 . PHE A 1 99  ? 6.758   3.275   -18.434 1.00 24.51 ? 99  PHE B CD2 1 
ATOM   782  C CE1 . PHE A 1 99  ? 6.008   4.082   -15.907 1.00 22.44 ? 99  PHE B CE1 1 
ATOM   783  C CE2 . PHE A 1 99  ? 6.556   4.615   -18.171 1.00 22.49 ? 99  PHE B CE2 1 
ATOM   784  C CZ  . PHE A 1 99  ? 6.186   5.022   -16.908 1.00 22.58 ? 99  PHE B CZ  1 
ATOM   785  N N   . HIS A 1 100 ? 8.209   -0.189  -15.117 1.00 18.58 ? 100 HIS B N   1 
ATOM   786  C CA  . HIS A 1 100 ? 8.525   0.001   -13.703 1.00 15.79 ? 100 HIS B CA  1 
ATOM   787  C C   . HIS A 1 100 ? 9.927   -0.490  -13.331 1.00 19.87 ? 100 HIS B C   1 
ATOM   788  O O   . HIS A 1 100 ? 10.501  -0.072  -12.321 1.00 19.98 ? 100 HIS B O   1 
ATOM   789  C CB  . HIS A 1 100 ? 7.448   -0.639  -12.818 1.00 18.26 ? 100 HIS B CB  1 
ATOM   790  C CG  . HIS A 1 100 ? 6.224   0.208   -12.673 1.00 18.51 ? 100 HIS B CG  1 
ATOM   791  N ND1 . HIS A 1 100 ? 6.064   1.117   -11.647 1.00 17.78 ? 100 HIS B ND1 1 
ATOM   792  C CD2 . HIS A 1 100 ? 5.123   0.323   -13.453 1.00 19.01 ? 100 HIS B CD2 1 
ATOM   793  C CE1 . HIS A 1 100 ? 4.906   1.739   -11.792 1.00 18.43 ? 100 HIS B CE1 1 
ATOM   794  N NE2 . HIS A 1 100 ? 4.321   1.279   -12.885 1.00 17.96 ? 100 HIS B NE2 1 
ATOM   795  N N   . THR A 1 101 ? 10.475  -1.384  -14.138 1.00 18.57 ? 101 THR B N   1 
ATOM   796  C CA  . THR A 1 101 ? 11.868  -1.763  -13.968 1.00 18.44 ? 101 THR B CA  1 
ATOM   797  C C   . THR A 1 101 ? 12.727  -0.533  -14.273 1.00 21.23 ? 101 THR B C   1 
ATOM   798  O O   . THR A 1 101 ? 13.643  -0.193  -13.525 1.00 21.33 ? 101 THR B O   1 
ATOM   799  C CB  . THR A 1 101 ? 12.232  -2.957  -14.873 1.00 24.58 ? 101 THR B CB  1 
ATOM   800  O OG1 . THR A 1 101 ? 11.567  -4.129  -14.383 1.00 24.72 ? 101 THR B OG1 1 
ATOM   801  C CG2 . THR A 1 101 ? 13.735  -3.199  -14.885 1.00 23.38 ? 101 THR B CG2 1 
ATOM   802  N N   . ASP A 1 102 ? 12.398  0.158   -15.355 1.00 18.68 ? 102 ASP B N   1 
ATOM   803  C CA  . ASP A 1 102 ? 13.083  1.393   -15.706 1.00 22.44 ? 102 ASP B CA  1 
ATOM   804  C C   . ASP A 1 102 ? 12.848  2.481   -14.644 1.00 22.95 ? 102 ASP B C   1 
ATOM   805  O O   . ASP A 1 102 ? 13.777  3.206   -14.268 1.00 22.72 ? 102 ASP B O   1 
ATOM   806  C CB  . ASP A 1 102 ? 12.623  1.884   -17.080 1.00 25.30 ? 102 ASP B CB  1 
ATOM   807  C CG  . ASP A 1 102 ? 13.078  0.977   -18.208 1.00 30.95 ? 102 ASP B CG  1 
ATOM   808  O OD1 . ASP A 1 102 ? 13.861  0.038   -17.949 1.00 28.47 ? 102 ASP B OD1 1 
ATOM   809  O OD2 . ASP A 1 102 ? 12.656  1.209   -19.359 1.00 35.57 ? 102 ASP B OD2 1 
ATOM   810  N N   . LEU A 1 103 ? 11.609  2.598   -14.170 1.00 18.48 ? 103 LEU B N   1 
ATOM   811  C CA  . LEU A 1 103 ? 11.294  3.570   -13.125 1.00 19.52 ? 103 LEU B CA  1 
ATOM   812  C C   . LEU A 1 103 ? 12.151  3.319   -11.898 1.00 17.93 ? 103 LEU B C   1 
ATOM   813  O O   . LEU A 1 103 ? 12.779  4.234   -11.357 1.00 20.90 ? 103 LEU B O   1 
ATOM   814  C CB  . LEU A 1 103 ? 9.809   3.505   -12.734 1.00 19.21 ? 103 LEU B CB  1 
ATOM   815  C CG  . LEU A 1 103 ? 9.306   4.676   -11.882 1.00 19.60 ? 103 LEU B CG  1 
ATOM   816  C CD1 . LEU A 1 103 ? 7.782   4.779   -11.909 1.00 20.74 ? 103 LEU B CD1 1 
ATOM   817  C CD2 . LEU A 1 103 ? 9.805   4.556   -10.449 1.00 20.27 ? 103 LEU B CD2 1 
ATOM   818  N N   . TYR A 1 104 ? 12.139  2.086   -11.420 1.00 16.51 ? 104 TYR B N   1 
ATOM   819  C CA  . TYR A 1 104 ? 12.952  1.732   -10.264 1.00 20.03 ? 104 TYR B CA  1 
ATOM   820  C C   . TYR A 1 104 ? 14.449  2.000   -10.475 1.00 21.77 ? 104 TYR B C   1 
ATOM   821  O O   . TYR A 1 104 ? 15.120  2.572   -9.608  1.00 18.89 ? 104 TYR B O   1 
ATOM   822  C CB  . TYR A 1 104 ? 12.755  0.269   -9.866  1.00 20.64 ? 104 TYR B CB  1 
ATOM   823  C CG  . TYR A 1 104 ? 13.728  -0.114  -8.776  1.00 20.77 ? 104 TYR B CG  1 
ATOM   824  C CD1 . TYR A 1 104 ? 13.512  0.280   -7.460  1.00 17.48 ? 104 TYR B CD1 1 
ATOM   825  C CD2 . TYR A 1 104 ? 14.886  -0.816  -9.069  1.00 23.11 ? 104 TYR B CD2 1 
ATOM   826  C CE1 . TYR A 1 104 ? 14.411  -0.035  -6.460  1.00 21.36 ? 104 TYR B CE1 1 
ATOM   827  C CE2 . TYR A 1 104 ? 15.790  -1.134  -8.084  1.00 24.27 ? 104 TYR B CE2 1 
ATOM   828  C CZ  . TYR A 1 104 ? 15.549  -0.740  -6.783  1.00 22.47 ? 104 TYR B CZ  1 
ATOM   829  O OH  . TYR A 1 104 ? 16.448  -1.059  -5.800  1.00 27.55 ? 104 TYR B OH  1 
ATOM   830  N N   . HIS A 1 105 ? 14.973  1.552   -11.615 1.00 20.93 ? 105 HIS B N   1 
ATOM   831  C CA  . HIS A 1 105 ? 16.392  1.713   -11.898 1.00 23.60 ? 105 HIS B CA  1 
ATOM   832  C C   . HIS A 1 105 ? 16.779  3.181   -11.864 1.00 24.67 ? 105 HIS B C   1 
ATOM   833  O O   . HIS A 1 105 ? 17.917  3.515   -11.540 1.00 28.93 ? 105 HIS B O   1 
ATOM   834  C CB  . HIS A 1 105 ? 16.748  1.138   -13.267 1.00 27.08 ? 105 HIS B CB  1 
ATOM   835  C CG  . HIS A 1 105 ? 16.825  -0.353  -13.302 1.00 21.14 ? 105 HIS B CG  1 
ATOM   836  N ND1 . HIS A 1 105 ? 16.926  -1.060  -14.481 1.00 25.94 ? 105 HIS B ND1 1 
ATOM   837  C CD2 . HIS A 1 105 ? 16.820  -1.274  -12.309 1.00 26.15 ? 105 HIS B CD2 1 
ATOM   838  C CE1 . HIS A 1 105 ? 16.988  -2.353  -14.214 1.00 26.09 ? 105 HIS B CE1 1 
ATOM   839  N NE2 . HIS A 1 105 ? 16.927  -2.510  -12.903 1.00 30.80 ? 105 HIS B NE2 1 
ATOM   840  N N   . GLN A 1 106 ? 15.832  4.056   -12.198 1.00 22.11 ? 106 GLN B N   1 
ATOM   841  C CA  . GLN A 1 106 ? 16.147  5.467   -12.313 1.00 23.24 ? 106 GLN B CA  1 
ATOM   842  C C   . GLN A 1 106 ? 15.852  6.256   -11.038 1.00 21.40 ? 106 GLN B C   1 
ATOM   843  O O   . GLN A 1 106 ? 16.549  7.215   -10.741 1.00 20.84 ? 106 GLN B O   1 
ATOM   844  C CB  . GLN A 1 106 ? 15.419  6.095   -13.512 1.00 26.20 ? 106 GLN B CB  1 
ATOM   845  C CG  . GLN A 1 106 ? 15.834  5.530   -14.868 1.00 29.44 ? 106 GLN B CG  1 
ATOM   846  C CD  . GLN A 1 106 ? 17.098  6.180   -15.432 1.00 34.24 ? 106 GLN B CD  1 
ATOM   847  O OE1 . GLN A 1 106 ? 17.725  7.019   -14.780 1.00 42.99 ? 106 GLN B OE1 1 
ATOM   848  N NE2 . GLN A 1 106 ? 17.469  5.802   -16.653 1.00 33.21 ? 106 GLN B NE2 1 
ATOM   849  N N   . GLY A 1 107 ? 14.844  5.845   -10.273 1.00 19.45 ? 107 GLY B N   1 
ATOM   850  C CA  . GLY A 1 107 ? 14.396  6.663   -9.156  1.00 19.39 ? 107 GLY B CA  1 
ATOM   851  C C   . GLY A 1 107 ? 14.477  6.032   -7.785  1.00 18.75 ? 107 GLY B C   1 
ATOM   852  O O   . GLY A 1 107 ? 14.362  6.719   -6.775  1.00 18.11 ? 107 GLY B O   1 
ATOM   853  N N   . GLY A 1 108 ? 14.652  4.720   -7.744  1.00 18.66 ? 108 GLY B N   1 
ATOM   854  C CA  . GLY A 1 108 ? 14.807  4.035   -6.474  1.00 20.99 ? 108 GLY B CA  1 
ATOM   855  C C   . GLY A 1 108 ? 13.513  3.498   -5.891  1.00 17.31 ? 108 GLY B C   1 
ATOM   856  O O   . GLY A 1 108 ? 12.444  3.594   -6.498  1.00 15.69 ? 108 GLY B O   1 
ATOM   857  N N   . TYR A 1 109 ? 13.628  2.942   -4.687  1.00 15.91 ? 109 TYR B N   1 
ATOM   858  C CA  . TYR A 1 109 ? 12.535  2.249   -4.031  1.00 17.02 ? 109 TYR B CA  1 
ATOM   859  C C   . TYR A 1 109 ? 11.307  3.132   -3.799  1.00 18.07 ? 109 TYR B C   1 
ATOM   860  O O   . TYR A 1 109 ? 10.184  2.781   -4.177  1.00 15.77 ? 109 TYR B O   1 
ATOM   861  C CB  . TYR A 1 109 ? 13.008  1.695   -2.678  1.00 16.86 ? 109 TYR B CB  1 
ATOM   862  C CG  . TYR A 1 109 ? 11.889  0.988   -1.960  1.00 15.45 ? 109 TYR B CG  1 
ATOM   863  C CD1 . TYR A 1 109 ? 11.095  1.656   -1.029  1.00 16.43 ? 109 TYR B CD1 1 
ATOM   864  C CD2 . TYR A 1 109 ? 11.585  -0.322  -2.263  1.00 17.28 ? 109 TYR B CD2 1 
ATOM   865  C CE1 . TYR A 1 109 ? 10.042  1.005   -0.389  1.00 14.94 ? 109 TYR B CE1 1 
ATOM   866  C CE2 . TYR A 1 109 ? 10.544  -0.979  -1.641  1.00 17.82 ? 109 TYR B CE2 1 
ATOM   867  C CZ  . TYR A 1 109 ? 9.776   -0.311  -0.709  1.00 17.61 ? 109 TYR B CZ  1 
ATOM   868  O OH  . TYR A 1 109 ? 8.744   -0.978  -0.096  1.00 17.02 ? 109 TYR B OH  1 
ATOM   869  N N   . GLU A 1 110 ? 11.520  4.278   -3.160  1.00 15.54 ? 110 GLU B N   1 
ATOM   870  C CA  . GLU A 1 110 ? 10.408  5.127   -2.775  1.00 15.75 ? 110 GLU B CA  1 
ATOM   871  C C   . GLU A 1 110 ? 9.690   5.692   -4.006  1.00 17.25 ? 110 GLU B C   1 
ATOM   872  O O   . GLU A 1 110 ? 8.468   5.786   -4.013  1.00 16.74 ? 110 GLU B O   1 
ATOM   873  C CB  . GLU A 1 110 ? 10.877  6.229   -1.819  1.00 16.74 ? 110 GLU B CB  1 
ATOM   874  C CG  . GLU A 1 110 ? 11.423  5.691   -0.479  1.00 16.85 ? 110 GLU B CG  1 
ATOM   875  C CD  . GLU A 1 110 ? 12.869  5.208   -0.546  1.00 15.56 ? 110 GLU B CD  1 
ATOM   876  O OE1 . GLU A 1 110 ? 13.577  5.511   -1.533  1.00 16.05 ? 110 GLU B OE1 1 
ATOM   877  O OE2 . GLU A 1 110 ? 13.309  4.523   0.407   1.00 16.90 ? 110 GLU B OE2 1 
ATOM   878  N N   . ALA A 1 111 ? 10.450  6.060   -5.038  1.00 15.01 ? 111 ALA B N   1 
ATOM   879  C CA  . ALA A 1 111 ? 9.866   6.527   -6.300  1.00 18.52 ? 111 ALA B CA  1 
ATOM   880  C C   . ALA A 1 111 ? 8.940   5.468   -6.890  1.00 17.38 ? 111 ALA B C   1 
ATOM   881  O O   . ALA A 1 111 ? 7.814   5.762   -7.291  1.00 15.78 ? 111 ALA B O   1 
ATOM   882  C CB  . ALA A 1 111 ? 10.961  6.896   -7.312  1.00 16.34 ? 111 ALA B CB  1 
ATOM   883  N N   . GLU A 1 112 ? 9.425   4.233   -6.942  1.00 13.90 ? 112 GLU B N   1 
ATOM   884  C CA  . GLU A 1 112 ? 8.613   3.107   -7.417  1.00 18.23 ? 112 GLU B CA  1 
ATOM   885  C C   . GLU A 1 112 ? 7.320   2.943   -6.613  1.00 15.29 ? 112 GLU B C   1 
ATOM   886  O O   . GLU A 1 112 ? 6.225   2.903   -7.182  1.00 13.98 ? 112 GLU B O   1 
ATOM   887  C CB  . GLU A 1 112 ? 9.437   1.819   -7.378  1.00 16.05 ? 112 GLU B CB  1 
ATOM   888  C CG  . GLU A 1 112 ? 8.654   0.509   -7.484  1.00 15.65 ? 112 GLU B CG  1 
ATOM   889  C CD  . GLU A 1 112 ? 7.974   0.308   -8.831  1.00 17.95 ? 112 GLU B CD  1 
ATOM   890  O OE1 . GLU A 1 112 ? 7.956   1.246   -9.663  1.00 16.49 ? 112 GLU B OE1 1 
ATOM   891  O OE2 . GLU A 1 112 ? 7.432   -0.795  -9.038  1.00 17.75 ? 112 GLU B OE2 1 
ATOM   892  N N   . ILE A 1 113 ? 7.439   2.836   -5.290  1.00 14.94 ? 113 ILE B N   1 
ATOM   893  C CA  . ILE A 1 113 ? 6.254   2.639   -4.461  1.00 15.78 ? 113 ILE B CA  1 
ATOM   894  C C   . ILE A 1 113 ? 5.271   3.801   -4.598  1.00 16.07 ? 113 ILE B C   1 
ATOM   895  O O   . ILE A 1 113 ? 4.059   3.598   -4.742  1.00 14.21 ? 113 ILE B O   1 
ATOM   896  C CB  . ILE A 1 113 ? 6.627   2.472   -2.964  1.00 16.65 ? 113 ILE B CB  1 
ATOM   897  C CG1 . ILE A 1 113 ? 7.390   1.163   -2.746  1.00 16.67 ? 113 ILE B CG1 1 
ATOM   898  C CG2 . ILE A 1 113 ? 5.395   2.572   -2.084  1.00 16.95 ? 113 ILE B CG2 1 
ATOM   899  C CD1 . ILE A 1 113 ? 6.667   -0.096  -3.203  1.00 18.45 ? 113 ILE B CD1 1 
ATOM   900  N N   . ASN A 1 114 ? 5.790   5.024   -4.562  1.00 14.56 ? 114 ASN B N   1 
ATOM   901  C CA  . ASN A 1 114 ? 4.910   6.186   -4.613  1.00 14.81 ? 114 ASN B CA  1 
ATOM   902  C C   . ASN A 1 114 ? 4.251   6.356   -5.980  1.00 16.27 ? 114 ASN B C   1 
ATOM   903  O O   . ASN A 1 114 ? 3.220   7.013   -6.095  1.00 17.67 ? 114 ASN B O   1 
ATOM   904  C CB  . ASN A 1 114 ? 5.650   7.464   -4.191  1.00 15.41 ? 114 ASN B CB  1 
ATOM   905  C CG  . ASN A 1 114 ? 5.938   7.504   -2.695  1.00 16.06 ? 114 ASN B CG  1 
ATOM   906  O OD1 . ASN A 1 114 ? 5.148   7.006   -1.882  1.00 16.03 ? 114 ASN B OD1 1 
ATOM   907  N ND2 . ASN A 1 114 ? 7.068   8.098   -2.327  1.00 18.11 ? 114 ASN B ND2 1 
ATOM   908  N N   . SER A 1 115 ? 4.822   5.754   -7.019  1.00 14.50 ? 115 SER B N   1 
ATOM   909  C CA  . SER A 1 115 ? 4.212   5.901   -8.341  1.00 15.06 ? 115 SER B CA  1 
ATOM   910  C C   . SER A 1 115 ? 2.783   5.343   -8.332  1.00 17.04 ? 115 SER B C   1 
ATOM   911  O O   . SER A 1 115 ? 1.874   5.949   -8.891  1.00 17.13 ? 115 SER B O   1 
ATOM   912  C CB  . SER A 1 115 ? 5.046   5.257   -9.447  1.00 17.46 ? 115 SER B CB  1 
ATOM   913  O OG  . SER A 1 115 ? 5.044   3.839   -9.360  1.00 16.93 ? 115 SER B OG  1 
ATOM   914  N N   . TYR A 1 116 ? 2.585   4.207   -7.672  1.00 14.85 ? 116 TYR B N   1 
ATOM   915  C CA  . TYR A 1 116 ? 1.260   3.598   -7.586  1.00 14.51 ? 116 TYR B CA  1 
ATOM   916  C C   . TYR A 1 116 ? 0.330   4.390   -6.684  1.00 14.32 ? 116 TYR B C   1 
ATOM   917  O O   . TYR A 1 116 ? -0.841  4.609   -7.005  1.00 15.52 ? 116 TYR B O   1 
ATOM   918  C CB  . TYR A 1 116 ? 1.347   2.163   -7.053  1.00 14.35 ? 116 TYR B CB  1 
ATOM   919  C CG  . TYR A 1 116 ? 2.305   1.268   -7.792  1.00 15.12 ? 116 TYR B CG  1 
ATOM   920  C CD1 . TYR A 1 116 ? 3.637   1.192   -7.415  1.00 13.87 ? 116 TYR B CD1 1 
ATOM   921  C CD2 . TYR A 1 116 ? 1.873   0.488   -8.866  1.00 16.15 ? 116 TYR B CD2 1 
ATOM   922  C CE1 . TYR A 1 116 ? 4.517   0.369   -8.079  1.00 16.07 ? 116 TYR B CE1 1 
ATOM   923  C CE2 . TYR A 1 116 ? 2.742   -0.332  -9.540  1.00 15.01 ? 116 TYR B CE2 1 
ATOM   924  C CZ  . TYR A 1 116 ? 4.066   -0.385  -9.142  1.00 17.18 ? 116 TYR B CZ  1 
ATOM   925  O OH  . TYR A 1 116 ? 4.933   -1.209  -9.796  1.00 17.08 ? 116 TYR B OH  1 
ATOM   926  N N   . ILE A 1 117 ? 0.854   4.785   -5.533  1.00 14.81 ? 117 ILE B N   1 
ATOM   927  C CA  . ILE A 1 117 ? 0.030   5.379   -4.502  1.00 16.12 ? 117 ILE B CA  1 
ATOM   928  C C   . ILE A 1 117 ? -0.485  6.755   -4.898  1.00 14.32 ? 117 ILE B C   1 
ATOM   929  O O   . ILE A 1 117 ? -1.615  7.083   -4.594  1.00 15.72 ? 117 ILE B O   1 
ATOM   930  C CB  . ILE A 1 117 ? 0.745   5.416   -3.149  1.00 14.47 ? 117 ILE B CB  1 
ATOM   931  C CG1 . ILE A 1 117 ? 1.111   3.979   -2.759  1.00 16.40 ? 117 ILE B CG1 1 
ATOM   932  C CG2 . ILE A 1 117 ? -0.143  6.074   -2.086  1.00 17.68 ? 117 ILE B CG2 1 
ATOM   933  C CD1 . ILE A 1 117 ? 1.940   3.860   -1.532  1.00 23.75 ? 117 ILE B CD1 1 
ATOM   934  N N   . ASP A 1 118 ? 0.331   7.530   -5.602  1.00 16.95 ? 118 ASP B N   1 
ATOM   935  C CA  . ASP A 1 118 ? -0.069  8.881   -6.005  1.00 18.49 ? 118 ASP B CA  1 
ATOM   936  C C   . ASP A 1 118 ? -0.730  8.892   -7.376  1.00 17.45 ? 118 ASP B C   1 
ATOM   937  O O   . ASP A 1 118 ? -1.103  9.954   -7.878  1.00 16.78 ? 118 ASP B O   1 
ATOM   938  C CB  . ASP A 1 118 ? 1.140   9.816   -6.008  1.00 18.65 ? 118 ASP B CB  1 
ATOM   939  C CG  . ASP A 1 118 ? 1.693   10.057  -4.619  1.00 20.59 ? 118 ASP B CG  1 
ATOM   940  O OD1 . ASP A 1 118 ? 0.890   10.184  -3.673  1.00 24.11 ? 118 ASP B OD1 1 
ATOM   941  O OD2 . ASP A 1 118 ? 2.929   10.128  -4.471  1.00 24.01 ? 118 ASP B OD2 1 
ATOM   942  N N   . SER A 1 119 ? -0.885  7.714   -7.978  1.00 13.94 ? 119 SER B N   1 
ATOM   943  C CA  . SER A 1 119 ? -1.342  7.644   -9.362  1.00 17.49 ? 119 SER B CA  1 
ATOM   944  C C   . SER A 1 119 ? -2.798  8.077   -9.523  1.00 16.90 ? 119 SER B C   1 
ATOM   945  O O   . SER A 1 119 ? -3.622  7.908   -8.622  1.00 16.21 ? 119 SER B O   1 
ATOM   946  C CB  . SER A 1 119 ? -1.161  6.236   -9.928  1.00 15.49 ? 119 SER B CB  1 
ATOM   947  O OG  . SER A 1 119 ? -2.058  5.340   -9.315  1.00 17.50 ? 119 SER B OG  1 
ATOM   948  N N   . VAL A 1 120 ? -3.109  8.635   -10.685 1.00 16.45 ? 120 VAL B N   1 
ATOM   949  C CA  . VAL A 1 120 ? -4.487  8.919   -11.055 1.00 17.06 ? 120 VAL B CA  1 
ATOM   950  C C   . VAL A 1 120 ? -5.360  7.676   -10.904 1.00 17.82 ? 120 VAL B C   1 
ATOM   951  O O   . VAL A 1 120 ? -6.513  7.769   -10.461 1.00 17.14 ? 120 VAL B O   1 
ATOM   952  C CB  . VAL A 1 120 ? -4.595  9.439   -12.499 1.00 20.67 ? 120 VAL B CB  1 
ATOM   953  C CG1 . VAL A 1 120 ? -6.058  9.506   -12.926 1.00 24.73 ? 120 VAL B CG1 1 
ATOM   954  C CG2 . VAL A 1 120 ? -3.945  10.829  -12.615 1.00 20.93 ? 120 VAL B CG2 1 
ATOM   955  N N   . GLU A 1 121 ? -4.819  6.514   -11.276 1.00 15.74 ? 121 GLU B N   1 
ATOM   956  C CA  . GLU A 1 121 ? -5.588  5.278   -11.188 1.00 17.30 ? 121 GLU B CA  1 
ATOM   957  C C   . GLU A 1 121 ? -5.951  4.969   -9.742  1.00 18.20 ? 121 GLU B C   1 
ATOM   958  O O   . GLU A 1 121 ? -7.067  4.547   -9.451  1.00 19.69 ? 121 GLU B O   1 
ATOM   959  C CB  . GLU A 1 121 ? -4.828  4.100   -11.795 1.00 20.14 ? 121 GLU B CB  1 
ATOM   960  C CG  . GLU A 1 121 ? -5.548  2.752   -11.600 1.00 21.31 ? 121 GLU B CG  1 
ATOM   961  C CD  . GLU A 1 121 ? -4.873  1.607   -12.313 1.00 21.93 ? 121 GLU B CD  1 
ATOM   962  O OE1 . GLU A 1 121 ? -3.912  1.849   -13.072 1.00 22.08 ? 121 GLU B OE1 1 
ATOM   963  O OE2 . GLU A 1 121 ? -5.310  0.454   -12.111 1.00 21.05 ? 121 GLU B OE2 1 
ATOM   964  N N   . TYR A 1 122 ? -5.004  5.169   -8.838  1.00 16.82 ? 122 TYR B N   1 
ATOM   965  C CA  . TYR A 1 122 ? -5.277  4.968   -7.413  1.00 17.19 ? 122 TYR B CA  1 
ATOM   966  C C   . TYR A 1 122 ? -6.324  5.974   -6.921  1.00 18.23 ? 122 TYR B C   1 
ATOM   967  O O   . TYR A 1 122 ? -7.295  5.622   -6.232  1.00 20.11 ? 122 TYR B O   1 
ATOM   968  C CB  . TYR A 1 122 ? -3.982  5.099   -6.602  1.00 16.55 ? 122 TYR B CB  1 
ATOM   969  C CG  . TYR A 1 122 ? -4.162  4.764   -5.133  1.00 17.42 ? 122 TYR B CG  1 
ATOM   970  C CD1 . TYR A 1 122 ? -4.842  5.628   -4.283  1.00 18.52 ? 122 TYR B CD1 1 
ATOM   971  C CD2 . TYR A 1 122 ? -3.670  3.581   -4.604  1.00 18.98 ? 122 TYR B CD2 1 
ATOM   972  C CE1 . TYR A 1 122 ? -5.028  5.327   -2.941  1.00 19.84 ? 122 TYR B CE1 1 
ATOM   973  C CE2 . TYR A 1 122 ? -3.847  3.272   -3.261  1.00 18.02 ? 122 TYR B CE2 1 
ATOM   974  C CZ  . TYR A 1 122 ? -4.517  4.149   -2.435  1.00 21.47 ? 122 TYR B CZ  1 
ATOM   975  O OH  . TYR A 1 122 ? -4.700  3.842   -1.093  1.00 20.56 ? 122 TYR B OH  1 
ATOM   976  N N   . THR A 1 123 ? -6.124  7.235   -7.283  1.00 18.17 ? 123 THR B N   1 
ATOM   977  C CA  . THR A 1 123 ? -7.036  8.303   -6.888  1.00 18.71 ? 123 THR B CA  1 
ATOM   978  C C   . THR A 1 123 ? -8.450  8.008   -7.380  1.00 21.63 ? 123 THR B C   1 
ATOM   979  O O   . THR A 1 123 ? -9.428  8.136   -6.639  1.00 21.10 ? 123 THR B O   1 
ATOM   980  C CB  . THR A 1 123 ? -6.544  9.666   -7.428  1.00 19.30 ? 123 THR B CB  1 
ATOM   981  O OG1 . THR A 1 123 ? -5.329  10.029  -6.751  1.00 21.36 ? 123 THR B OG1 1 
ATOM   982  C CG2 . THR A 1 123 ? -7.589  10.745  -7.196  1.00 23.58 ? 123 THR B CG2 1 
ATOM   983  N N   . GLU A 1 124 ? -8.547  7.595   -8.637  1.00 21.56 ? 124 GLU B N   1 
ATOM   984  C CA  . GLU A 1 124 ? -9.823  7.303   -9.273  1.00 25.16 ? 124 GLU B CA  1 
ATOM   985  C C   . GLU A 1 124 ? -10.590 6.189   -8.579  1.00 25.84 ? 124 GLU B C   1 
ATOM   986  O O   . GLU A 1 124 ? -11.810 6.261   -8.394  1.00 25.67 ? 124 GLU B O   1 
ATOM   987  C CB  . GLU A 1 124 ? -9.546  6.852   -10.696 1.00 26.16 ? 124 GLU B CB  1 
ATOM   988  C CG  . GLU A 1 124 ? -10.550 7.275   -11.697 1.00 35.47 ? 124 GLU B CG  1 
ATOM   989  C CD  . GLU A 1 124 ? -9.950  7.262   -13.080 1.00 34.69 ? 124 GLU B CD  1 
ATOM   990  O OE1 . GLU A 1 124 ? -10.104 8.269   -13.798 1.00 44.38 ? 124 GLU B OE1 1 
ATOM   991  O OE2 . GLU A 1 124 ? -9.291  6.257   -13.427 1.00 34.04 ? 124 GLU B OE2 1 
ATOM   992  N N   . ASN A 1 125 ? -9.878  5.130   -8.230  1.00 22.43 ? 125 ASN B N   1 
ATOM   993  C CA  . ASN A 1 125 ? -10.528 3.949   -7.688  1.00 24.30 ? 125 ASN B CA  1 
ATOM   994  C C   . ASN A 1 125 ? -10.728 3.994   -6.182  1.00 24.41 ? 125 ASN B C   1 
ATOM   995  O O   . ASN A 1 125 ? -11.772 3.572   -5.679  1.00 28.67 ? 125 ASN B O   1 
ATOM   996  C CB  . ASN A 1 125 ? -9.766  2.699   -8.112  1.00 24.46 ? 125 ASN B CB  1 
ATOM   997  C CG  . ASN A 1 125 ? -10.003 2.353   -9.562  1.00 27.77 ? 125 ASN B CG  1 
ATOM   998  O OD1 . ASN A 1 125 ? -11.072 1.867   -9.915  1.00 31.46 ? 125 ASN B OD1 1 
ATOM   999  N ND2 . ASN A 1 125 ? -9.011  2.605   -10.413 1.00 25.09 ? 125 ASN B ND2 1 
ATOM   1000 N N   . PHE A 1 126 ? -9.740  4.522   -5.468  1.00 20.94 ? 126 PHE B N   1 
ATOM   1001 C CA  . PHE A 1 126 ? -9.775  4.529   -4.002  1.00 24.22 ? 126 PHE B CA  1 
ATOM   1002 C C   . PHE A 1 126 ? -9.833  5.918   -3.360  1.00 23.64 ? 126 PHE B C   1 
ATOM   1003 O O   . PHE A 1 126 ? -10.472 6.099   -2.323  1.00 24.71 ? 126 PHE B O   1 
ATOM   1004 C CB  . PHE A 1 126 ? -8.581  3.752   -3.439  1.00 19.89 ? 126 PHE B CB  1 
ATOM   1005 C CG  . PHE A 1 126 ? -8.346  2.431   -4.114  1.00 20.75 ? 126 PHE B CG  1 
ATOM   1006 C CD1 . PHE A 1 126 ? -9.367  1.502   -4.215  1.00 21.12 ? 126 PHE B CD1 1 
ATOM   1007 C CD2 . PHE A 1 126 ? -7.104  2.119   -4.646  1.00 20.35 ? 126 PHE B CD2 1 
ATOM   1008 C CE1 . PHE A 1 126 ? -9.162  0.280   -4.849  1.00 24.24 ? 126 PHE B CE1 1 
ATOM   1009 C CE2 . PHE A 1 126 ? -6.885  0.897   -5.281  1.00 21.77 ? 126 PHE B CE2 1 
ATOM   1010 C CZ  . PHE A 1 126 ? -7.919  -0.026  -5.381  1.00 23.54 ? 126 PHE B CZ  1 
ATOM   1011 N N   . GLY A 1 127 ? -9.155  6.893   -3.956  1.00 24.04 ? 127 GLY B N   1 
ATOM   1012 C CA  . GLY A 1 127 ? -9.082  8.221   -3.372  1.00 21.97 ? 127 GLY B CA  1 
ATOM   1013 C C   . GLY A 1 127 ? -8.334  8.214   -2.050  1.00 24.29 ? 127 GLY B C   1 
ATOM   1014 O O   . GLY A 1 127 ? -7.552  7.307   -1.779  1.00 21.96 ? 127 GLY B O   1 
ATOM   1015 N N   . ASP A 1 128 ? -8.590  9.206   -1.203  1.00 22.25 ? 128 ASP B N   1 
ATOM   1016 C CA  . ASP A 1 128 ? -7.828  9.350   0.034   1.00 24.73 ? 128 ASP B CA  1 
ATOM   1017 C C   . ASP A 1 128 ? -8.380  8.520   1.197   1.00 22.85 ? 128 ASP B C   1 
ATOM   1018 O O   . ASP A 1 128 ? -7.685  8.316   2.190   1.00 21.73 ? 128 ASP B O   1 
ATOM   1019 C CB  . ASP A 1 128 ? -7.753  10.822  0.451   1.00 24.35 ? 128 ASP B CB  1 
ATOM   1020 C CG  . ASP A 1 128 ? -6.983  11.673  -0.538  1.00 30.94 ? 128 ASP B CG  1 
ATOM   1021 O OD1 . ASP A 1 128 ? -6.076  11.148  -1.221  1.00 26.62 ? 128 ASP B OD1 1 
ATOM   1022 O OD2 . ASP A 1 128 ? -7.287  12.882  -0.627  1.00 31.96 ? 128 ASP B OD2 1 
ATOM   1023 N N   . TRP A 1 129 ? -9.613  8.035   1.073   1.00 23.01 ? 129 TRP B N   1 
ATOM   1024 C CA  . TRP A 1 129 ? -10.333 7.525   2.244   1.00 24.04 ? 129 TRP B CA  1 
ATOM   1025 C C   . TRP A 1 129 ? -10.927 6.123   2.115   1.00 24.58 ? 129 TRP B C   1 
ATOM   1026 O O   . TRP A 1 129 ? -11.582 5.638   3.030   1.00 27.31 ? 129 TRP B O   1 
ATOM   1027 C CB  . TRP A 1 129 ? -11.418 8.525   2.655   1.00 29.60 ? 129 TRP B CB  1 
ATOM   1028 C CG  . TRP A 1 129 ? -10.869 9.898   2.896   1.00 30.28 ? 129 TRP B CG  1 
ATOM   1029 C CD1 . TRP A 1 129 ? -10.924 10.966  2.050   1.00 31.89 ? 129 TRP B CD1 1 
ATOM   1030 C CD2 . TRP A 1 129 ? -10.149 10.336  4.053   1.00 29.95 ? 129 TRP B CD2 1 
ATOM   1031 N NE1 . TRP A 1 129 ? -10.286 12.047  2.613   1.00 27.23 ? 129 TRP B NE1 1 
ATOM   1032 C CE2 . TRP A 1 129 ? -9.806  11.688  3.842   1.00 30.38 ? 129 TRP B CE2 1 
ATOM   1033 C CE3 . TRP A 1 129 ? -9.773  9.721   5.251   1.00 28.62 ? 129 TRP B CE3 1 
ATOM   1034 C CZ2 . TRP A 1 129 ? -9.104  12.435  4.788   1.00 32.13 ? 129 TRP B CZ2 1 
ATOM   1035 C CZ3 . TRP A 1 129 ? -9.074  10.465  6.192   1.00 32.32 ? 129 TRP B CZ3 1 
ATOM   1036 C CH2 . TRP A 1 129 ? -8.741  11.810  5.949   1.00 29.63 ? 129 TRP B CH2 1 
ATOM   1037 N N   . VAL A 1 130 ? -10.695 5.470   0.983   1.00 25.62 ? 130 VAL B N   1 
ATOM   1038 C CA  . VAL A 1 130 ? -11.146 4.096   0.795   1.00 21.08 ? 130 VAL B CA  1 
ATOM   1039 C C   . VAL A 1 130 ? -9.964  3.119   0.848   1.00 25.08 ? 130 VAL B C   1 
ATOM   1040 O O   . VAL A 1 130 ? -8.933  3.347   0.209   1.00 19.92 ? 130 VAL B O   1 
ATOM   1041 C CB  . VAL A 1 130 ? -11.856 3.925   -0.560  1.00 22.46 ? 130 VAL B CB  1 
ATOM   1042 C CG1 . VAL A 1 130 ? -12.168 2.455   -0.827  1.00 22.59 ? 130 VAL B CG1 1 
ATOM   1043 C CG2 . VAL A 1 130 ? -13.119 4.768   -0.605  1.00 24.13 ? 130 VAL B CG2 1 
ATOM   1044 N N   . VAL A 1 131 ? -10.107 2.040   1.617   1.00 22.68 ? 131 VAL B N   1 
ATOM   1045 C CA  . VAL A 1 131 ? -9.091  0.988   1.622   1.00 22.82 ? 131 VAL B CA  1 
ATOM   1046 C C   . VAL A 1 131 ? -8.996  0.312   0.257   1.00 20.26 ? 131 VAL B C   1 
ATOM   1047 O O   . VAL A 1 131 ? -9.996  -0.142  -0.288  1.00 22.70 ? 131 VAL B O   1 
ATOM   1048 C CB  . VAL A 1 131 ? -9.372  -0.096  2.686   1.00 22.24 ? 131 VAL B CB  1 
ATOM   1049 C CG1 . VAL A 1 131 ? -8.279  -1.174  2.652   1.00 20.90 ? 131 VAL B CG1 1 
ATOM   1050 C CG2 . VAL A 1 131 ? -9.467  0.527   4.067   1.00 24.71 ? 131 VAL B CG2 1 
ATOM   1051 N N   . PRO A 1 132 ? -7.778  0.223   -0.293  1.00 20.70 ? 132 PRO B N   1 
ATOM   1052 C CA  . PRO A 1 132 ? -7.598  -0.470  -1.570  1.00 21.55 ? 132 PRO B CA  1 
ATOM   1053 C C   . PRO A 1 132 ? -8.121  -1.894  -1.481  1.00 21.93 ? 132 PRO B C   1 
ATOM   1054 O O   . PRO A 1 132 ? -8.061  -2.520  -0.415  1.00 21.72 ? 132 PRO B O   1 
ATOM   1055 C CB  . PRO A 1 132 ? -6.077  -0.476  -1.751  1.00 21.89 ? 132 PRO B CB  1 
ATOM   1056 C CG  . PRO A 1 132 ? -5.619  0.725   -1.018  1.00 20.59 ? 132 PRO B CG  1 
ATOM   1057 C CD  . PRO A 1 132 ? -6.532  0.857   0.173   1.00 21.59 ? 132 PRO B CD  1 
ATOM   1058 N N   . TYR A 1 133 ? -8.646  -2.395  -2.590  1.00 23.12 ? 133 TYR B N   1 
ATOM   1059 C CA  . TYR A 1 133 ? -9.153  -3.762  -2.634  1.00 27.66 ? 133 TYR B CA  1 
ATOM   1060 C C   . TYR A 1 133 ? -8.875  -4.373  -3.999  1.00 26.45 ? 133 TYR B C   1 
ATOM   1061 O O   . TYR A 1 133 ? -8.604  -3.660  -4.965  1.00 24.55 ? 133 TYR B O   1 
ATOM   1062 C CB  . TYR A 1 133 ? -10.653 -3.776  -2.357  1.00 28.28 ? 133 TYR B CB  1 
ATOM   1063 C CG  . TYR A 1 133 ? -11.434 -2.922  -3.324  1.00 23.98 ? 133 TYR B CG  1 
ATOM   1064 C CD1 . TYR A 1 133 ? -11.662 -1.577  -3.060  1.00 27.01 ? 133 TYR B CD1 1 
ATOM   1065 C CD2 . TYR A 1 133 ? -11.940 -3.458  -4.505  1.00 27.82 ? 133 TYR B CD2 1 
ATOM   1066 C CE1 . TYR A 1 133 ? -12.369 -0.788  -3.940  1.00 30.53 ? 133 TYR B CE1 1 
ATOM   1067 C CE2 . TYR A 1 133 ? -12.661 -2.670  -5.398  1.00 32.05 ? 133 TYR B CE2 1 
ATOM   1068 C CZ  . TYR A 1 133 ? -12.863 -1.335  -5.112  1.00 31.84 ? 133 TYR B CZ  1 
ATOM   1069 O OH  . TYR A 1 133 ? -13.567 -0.537  -5.983  1.00 32.24 ? 133 TYR B OH  1 
ATOM   1070 N N   . PHE A 1 134 ? -8.939  -5.695  -4.090  1.00 27.54 ? 134 PHE B N   1 
ATOM   1071 C CA  . PHE A 1 134 ? -8.661  -6.316  -5.372  1.00 29.58 ? 134 PHE B CA  1 
ATOM   1072 C C   . PHE A 1 134 ? -9.807  -6.100  -6.351  1.00 31.63 ? 134 PHE B C   1 
ATOM   1073 O O   . PHE A 1 134 ? -10.962 -6.397  -6.049  1.00 35.38 ? 134 PHE B O   1 
ATOM   1074 C CB  . PHE A 1 134 ? -8.316  -7.795  -5.236  1.00 32.64 ? 134 PHE B CB  1 
ATOM   1075 C CG  . PHE A 1 134 ? -7.476  -8.308  -6.366  1.00 30.66 ? 134 PHE B CG  1 
ATOM   1076 C CD1 . PHE A 1 134 ? -8.055  -8.952  -7.444  1.00 33.26 ? 134 PHE B CD1 1 
ATOM   1077 C CD2 . PHE A 1 134 ? -6.103  -8.103  -6.368  1.00 29.61 ? 134 PHE B CD2 1 
ATOM   1078 C CE1 . PHE A 1 134 ? -7.275  -9.402  -8.498  1.00 32.74 ? 134 PHE B CE1 1 
ATOM   1079 C CE2 . PHE A 1 134 ? -5.323  -8.553  -7.419  1.00 28.40 ? 134 PHE B CE2 1 
ATOM   1080 C CZ  . PHE A 1 134 ? -5.909  -9.206  -8.479  1.00 28.28 ? 134 PHE B CZ  1 
ATOM   1081 N N   . ARG A 1 135 ? -9.475  -5.576  -7.526  1.00 27.94 ? 135 ARG B N   1 
ATOM   1082 C CA  . ARG A 1 135 ? -10.478 -5.196  -8.515  1.00 32.29 ? 135 ARG B CA  1 
ATOM   1083 C C   . ARG A 1 135 ? -10.593 -6.223  -9.641  1.00 33.19 ? 135 ARG B C   1 
ATOM   1084 O O   . ARG A 1 135 ? -9.582  -6.716  -10.148 1.00 41.91 ? 135 ARG B O   1 
ATOM   1085 C CB  . ARG A 1 135 ? -10.146 -3.820  -9.094  1.00 27.77 ? 135 ARG B CB  1 
ATOM   1086 C CG  . ARG A 1 135 ? -10.298 -2.683  -8.104  1.00 29.63 ? 135 ARG B CG  1 
ATOM   1087 C CD  . ARG A 1 135 ? -9.970  -1.332  -8.717  1.00 32.34 ? 135 ARG B CD  1 
ATOM   1088 N NE  . ARG A 1 135 ? -8.537  -1.158  -8.935  1.00 32.76 ? 135 ARG B NE  1 
ATOM   1089 C CZ  . ARG A 1 135 ? -7.986  -0.768  -10.084 1.00 31.29 ? 135 ARG B CZ  1 
ATOM   1090 N NH1 . ARG A 1 135 ? -8.743  -0.494  -11.141 1.00 31.54 ? 135 ARG B NH1 1 
ATOM   1091 N NH2 . ARG A 1 135 ? -6.668  -0.641  -10.174 1.00 22.39 ? 135 ARG B NH2 1 
HETATM 1092 O O   . HOH B 2 .   ? 16.277  0.265   -16.783 1.00 30.35 ? 149 HOH B O   1 
HETATM 1093 O O   . HOH B 2 .   ? -5.023  1.922   -15.620 1.00 24.75 ? 150 HOH B O   1 
HETATM 1094 O O   . HOH B 2 .   ? 13.675  -10.093 2.453   1.00 25.43 ? 151 HOH B O   1 
HETATM 1095 O O   . HOH B 2 .   ? 6.683   3.895   7.125   1.00 25.84 ? 152 HOH B O   1 
HETATM 1096 O O   . HOH B 2 .   ? 10.944  5.986   2.933   1.00 23.26 ? 153 HOH B O   1 
HETATM 1097 O O   . HOH B 2 .   ? -6.947  5.195   0.016   1.00 21.05 ? 154 HOH B O   1 
HETATM 1098 O O   . HOH B 2 .   ? -9.456  -4.376  0.782   1.00 25.82 ? 155 HOH B O   1 
HETATM 1099 O O   . HOH B 2 .   ? -12.053 -1.639  0.636   1.00 29.60 ? 156 HOH B O   1 
HETATM 1100 O O   . HOH B 2 .   ? -13.685 6.771   -4.789  1.00 35.20 ? 157 HOH B O   1 
HETATM 1101 O O   . HOH B 2 .   ? 2.435   8.456   4.991   1.00 24.67 ? 158 HOH B O   1 
HETATM 1102 O O   . HOH B 2 .   ? 1.506   10.087  2.826   1.00 23.69 ? 159 HOH B O   1 
HETATM 1103 O O   . HOH B 2 .   ? 2.799   -12.142 9.242   1.00 25.85 ? 160 HOH B O   1 
HETATM 1104 O O   . HOH B 2 .   ? 7.293   6.412   16.524  1.00 27.00 ? 161 HOH B O   1 
HETATM 1105 O O   . HOH B 2 .   ? -4.963  -11.998 7.216   1.00 21.54 ? 162 HOH B O   1 
HETATM 1106 O O   . HOH B 2 .   ? -3.589  -13.814 8.976   1.00 28.83 ? 163 HOH B O   1 
HETATM 1107 O O   . HOH B 2 .   ? -0.995  -9.466  15.542  1.00 29.29 ? 164 HOH B O   1 
HETATM 1108 O O   . HOH B 2 .   ? -1.320  -7.747  13.803  1.00 24.08 ? 165 HOH B O   1 
HETATM 1109 O O   . HOH B 2 .   ? 8.548   -8.383  6.329   1.00 20.44 ? 166 HOH B O   1 
HETATM 1110 O O   . HOH B 2 .   ? -3.577  11.572  -7.974  1.00 21.70 ? 167 HOH B O   1 
HETATM 1111 O O   . HOH B 2 .   ? 10.883  -10.600 -0.881  1.00 30.81 ? 168 HOH B O   1 
HETATM 1112 O O   . HOH B 2 .   ? 5.178   -11.451 10.513  1.00 19.62 ? 169 HOH B O   1 
HETATM 1113 O O   . HOH B 2 .   ? -0.143  11.395  -9.818  1.00 22.43 ? 170 HOH B O   1 
HETATM 1114 O O   . HOH B 2 .   ? 9.177   9.510   -4.097  1.00 19.43 ? 171 HOH B O   1 
HETATM 1115 O O   . HOH B 2 .   ? 0.468   -14.212 10.514  1.00 20.44 ? 172 HOH B O   1 
HETATM 1116 O O   . HOH B 2 .   ? 13.326  6.824   -4.302  1.00 17.36 ? 173 HOH B O   1 
HETATM 1117 O O   . HOH B 2 .   ? 16.242  5.199   -1.807  1.00 21.22 ? 174 HOH B O   1 
HETATM 1118 O O   . HOH B 2 .   ? 16.209  2.499   -3.731  1.00 23.50 ? 175 HOH B O   1 
HETATM 1119 O O   . HOH B 2 .   ? 11.901  9.206   -4.139  1.00 24.92 ? 176 HOH B O   1 
HETATM 1120 O O   . HOH B 2 .   ? 5.214   2.923   15.472  1.00 22.97 ? 177 HOH B O   1 
HETATM 1121 O O   . HOH B 2 .   ? -6.199  -8.372  -12.467 1.00 37.69 ? 178 HOH B O   1 
HETATM 1122 O O   . HOH B 2 .   ? 5.291   -9.391  18.798  1.00 21.12 ? 179 HOH B O   1 
HETATM 1123 O O   . HOH B 2 .   ? 3.293   0.266   -19.773 1.00 27.24 ? 180 HOH B O   1 
HETATM 1124 O O   . HOH B 2 .   ? 9.531   -8.326  13.572  1.00 19.71 ? 181 HOH B O   1 
HETATM 1125 O O   . HOH B 2 .   ? -1.952  3.500   -13.830 1.00 22.02 ? 182 HOH B O   1 
HETATM 1126 O O   . HOH B 2 .   ? 7.556   -8.070  17.778  1.00 18.71 ? 183 HOH B O   1 
HETATM 1127 O O   . HOH B 2 .   ? -8.420  -5.836  2.946   1.00 23.10 ? 184 HOH B O   1 
HETATM 1128 O O   . HOH B 2 .   ? 15.242  -1.872  3.593   0.50 22.81 ? 185 HOH B O   1 
HETATM 1129 O O   . HOH B 2 .   ? -4.160  11.727  1.309   1.00 26.56 ? 186 HOH B O   1 
HETATM 1130 O O   . HOH B 2 .   ? 4.931   7.561   4.351   1.00 30.11 ? 187 HOH B O   1 
HETATM 1131 O O   . HOH B 2 .   ? -0.372  -11.682 -13.489 1.00 39.94 ? 188 HOH B O   1 
HETATM 1132 O O   . HOH B 2 .   ? -9.090  10.580  -13.025 1.00 23.93 ? 189 HOH B O   1 
HETATM 1133 O O   . HOH B 2 .   ? 0.458   -13.721 2.354   1.00 26.06 ? 190 HOH B O   1 
HETATM 1134 O O   . HOH B 2 .   ? 14.709  9.257   -6.940  1.00 23.91 ? 191 HOH B O   1 
HETATM 1135 O O   . HOH B 2 .   ? 4.349   4.190   12.456  1.00 28.15 ? 192 HOH B O   1 
HETATM 1136 O O   . HOH B 2 .   ? -1.990  -13.151 1.994   1.00 22.22 ? 193 HOH B O   1 
HETATM 1137 O O   . HOH B 2 .   ? -1.031  10.560  16.980  1.00 26.37 ? 194 HOH B O   1 
HETATM 1138 O O   . HOH B 2 .   ? 1.008   5.382   18.849  1.00 20.60 ? 195 HOH B O   1 
HETATM 1139 O O   . HOH B 2 .   ? 7.338   -1.414  12.456  1.00 23.31 ? 196 HOH B O   1 
HETATM 1140 O O   . HOH B 2 .   ? -0.770  -0.936  16.806  1.00 24.74 ? 197 HOH B O   1 
HETATM 1141 O O   . HOH B 2 .   ? 1.790   -3.225  19.761  1.00 33.69 ? 198 HOH B O   1 
HETATM 1142 O O   . HOH B 2 .   ? -5.005  -6.485  15.980  1.00 30.92 ? 199 HOH B O   1 
HETATM 1143 O O   . HOH B 2 .   ? 18.346  8.497   -12.290 1.00 27.02 ? 200 HOH B O   1 
HETATM 1144 O O   . HOH B 2 .   ? -1.629  11.491  -3.488  1.00 29.04 ? 201 HOH B O   1 
HETATM 1145 O O   . HOH B 2 .   ? -11.109 -5.250  8.791   1.00 24.99 ? 202 HOH B O   1 
HETATM 1146 O O   . HOH B 2 .   ? 9.504   4.549   -16.269 1.00 25.47 ? 203 HOH B O   1 
HETATM 1147 O O   . HOH B 2 .   ? -10.696 11.286  -1.967  1.00 32.81 ? 204 HOH B O   1 
HETATM 1148 O O   . HOH B 2 .   ? -7.677  -7.806  1.261   1.00 35.19 ? 205 HOH B O   1 
HETATM 1149 O O   . HOH B 2 .   ? 1.237   -11.405 -1.768  1.00 33.37 ? 206 HOH B O   1 
HETATM 1150 O O   . HOH B 2 .   ? -3.269  -9.147  0.076   1.00 25.23 ? 207 HOH B O   1 
HETATM 1151 O O   . HOH B 2 .   ? 18.128  -5.881  3.102   0.50 30.07 ? 208 HOH B O   1 
HETATM 1152 O O   . HOH B 2 .   ? -7.172  -11.691 8.830   1.00 24.64 ? 209 HOH B O   1 
HETATM 1153 O O   . HOH B 2 .   ? -1.147  1.090   -17.276 1.00 28.51 ? 210 HOH B O   1 
HETATM 1154 O O   . HOH B 2 .   ? 2.921   -8.964  -22.240 1.00 35.95 ? 211 HOH B O   1 
HETATM 1155 O O   . HOH B 2 .   ? -6.947  5.571   -14.037 1.00 28.27 ? 212 HOH B O   1 
HETATM 1156 O O   . HOH B 2 .   ? 4.015   -10.722 7.258   1.00 28.10 ? 213 HOH B O   1 
HETATM 1157 O O   . HOH B 2 .   ? 4.634   10.377  -6.391  1.00 27.04 ? 214 HOH B O   1 
HETATM 1158 O O   . HOH B 2 .   ? -16.261 -0.909  -0.203  1.00 45.19 ? 215 HOH B O   1 
HETATM 1159 O O   . HOH B 2 .   ? -11.777 8.375   -0.990  1.00 27.79 ? 216 HOH B O   1 
HETATM 1160 O O   . HOH B 2 .   ? 4.886   -8.624  21.134  1.00 31.47 ? 217 HOH B O   1 
HETATM 1161 O O   . HOH B 2 .   ? 1.331   -3.161  -24.321 1.00 40.18 ? 218 HOH B O   1 
HETATM 1162 O O   . HOH B 2 .   ? 16.823  -9.143  3.589   1.00 36.57 ? 219 HOH B O   1 
HETATM 1163 O O   . HOH B 2 .   ? -15.537 -4.490  8.380   1.00 37.07 ? 220 HOH B O   1 
HETATM 1164 O O   . HOH B 2 .   ? 0.371   -14.457 6.011   1.00 27.06 ? 221 HOH B O   1 
HETATM 1165 O O   . HOH B 2 .   ? -3.678  11.539  16.556  1.00 34.86 ? 222 HOH B O   1 
HETATM 1166 O O   . HOH B 2 .   ? -10.126 2.950   16.785  1.00 38.30 ? 223 HOH B O   1 
HETATM 1167 O O   . HOH B 2 .   ? 3.538   -1.966  18.073  1.00 31.64 ? 224 HOH B O   1 
HETATM 1168 O O   . HOH B 2 .   ? -5.257  -6.535  -14.597 1.00 30.23 ? 225 HOH B O   1 
HETATM 1169 O O   . HOH B 2 .   ? 3.639   11.856  -2.559  1.00 32.48 ? 226 HOH B O   1 
HETATM 1170 O O   . HOH B 2 .   ? 7.143   -0.190  -21.221 1.00 29.07 ? 227 HOH B O   1 
HETATM 1171 O O   . HOH B 2 .   ? -5.273  -8.414  14.139  1.00 27.54 ? 228 HOH B O   1 
HETATM 1172 O O   . HOH B 2 .   ? -19.552 10.510  4.087   1.00 45.74 ? 229 HOH B O   1 
HETATM 1173 O O   . HOH B 2 .   ? 7.706   9.361   0.243   1.00 31.50 ? 230 HOH B O   1 
HETATM 1174 O O   . HOH B 2 .   ? 9.059   6.712   4.643   0.50 33.59 ? 231 HOH B O   1 
HETATM 1175 O O   . HOH B 2 .   ? 16.609  0.005   -3.466  1.00 30.77 ? 232 HOH B O   1 
HETATM 1176 O O   . HOH B 2 .   ? 12.152  -3.040  -9.463  1.00 33.67 ? 233 HOH B O   1 
HETATM 1177 O O   . HOH B 2 .   ? -11.328 -9.765  -6.805  1.00 38.43 ? 234 HOH B O   1 
HETATM 1178 O O   . HOH B 2 .   ? -5.094  14.070  -1.737  1.00 39.86 ? 235 HOH B O   1 
HETATM 1179 O O   . HOH B 2 .   ? -12.157 13.059  6.661   1.00 40.17 ? 236 HOH B O   1 
HETATM 1180 O O   . HOH B 2 .   ? -11.660 -4.281  13.424  1.00 30.85 ? 237 HOH B O   1 
HETATM 1181 O O   . HOH B 2 .   ? 5.006   1.530   -21.576 1.00 30.62 ? 238 HOH B O   1 
HETATM 1182 O O   . HOH B 2 .   ? -1.422  -12.759 -11.557 1.00 40.09 ? 239 HOH B O   1 
HETATM 1183 O O   . HOH B 2 .   ? 12.867  -2.211  -18.901 1.00 33.61 ? 240 HOH B O   1 
HETATM 1184 O O   . HOH B 2 .   ? -1.039  11.117  0.425   1.00 28.48 ? 241 HOH B O   1 
HETATM 1185 O O   . HOH B 2 .   ? -7.990  -2.307  15.093  1.00 40.32 ? 242 HOH B O   1 
HETATM 1186 O O   . HOH B 2 .   ? -11.208 -3.371  2.378   1.00 36.91 ? 243 HOH B O   1 
HETATM 1187 O O   . HOH B 2 .   ? -12.274 -6.068  11.223  1.00 31.10 ? 244 HOH B O   1 
HETATM 1188 O O   . HOH B 2 .   ? 6.753   9.569   3.175   1.00 37.30 ? 245 HOH B O   1 
HETATM 1189 O O   . HOH B 2 .   ? -11.698 9.684   -11.673 1.00 37.87 ? 246 HOH B O   1 
HETATM 1190 O O   . HOH B 2 .   ? -0.426  15.355  13.766  1.00 39.17 ? 247 HOH B O   1 
HETATM 1191 O O   . HOH B 2 .   ? -7.711  -1.068  -13.966 1.00 33.76 ? 248 HOH B O   1 
HETATM 1192 O O   . HOH B 2 .   ? -11.362 -7.049  -0.417  1.00 39.99 ? 249 HOH B O   1 
HETATM 1193 O O   . HOH B 2 .   ? -13.646 -3.109  16.813  1.00 38.47 ? 250 HOH B O   1 
HETATM 1194 O O   . HOH B 2 .   ? 15.760  -9.425  -10.769 1.00 35.74 ? 251 HOH B O   1 
HETATM 1195 O O   . HOH B 2 .   ? 10.611  -15.598 -10.278 1.00 42.02 ? 252 HOH B O   1 
HETATM 1196 O O   . HOH B 2 .   ? -0.126  13.932  -0.510  1.00 43.76 ? 253 HOH B O   1 
HETATM 1197 O O   . HOH B 2 .   ? -9.271  2.682   -13.477 1.00 35.95 ? 254 HOH B O   1 
HETATM 1198 O O   . HOH B 2 .   ? 17.869  -7.819  6.303   1.00 30.28 ? 255 HOH B O   1 
HETATM 1199 O O   . HOH B 2 .   ? 6.283   -12.784 -1.631  1.00 42.64 ? 256 HOH B O   1 
HETATM 1200 O O   . HOH B 2 .   ? 5.756   5.220   9.455   1.00 33.65 ? 257 HOH B O   1 
HETATM 1201 O O   . HOH B 2 .   ? -2.264  2.795   17.879  1.00 35.59 ? 258 HOH B O   1 
HETATM 1202 O O   . HOH B 2 .   ? 3.663   0.558   -24.022 1.00 31.98 ? 259 HOH B O   1 
HETATM 1203 O O   . HOH B 2 .   ? -1.683  -9.928  -20.700 1.00 46.14 ? 260 HOH B O   1 
HETATM 1204 O O   . HOH B 2 .   ? -3.473  -8.777  -16.248 1.00 37.14 ? 261 HOH B O   1 
HETATM 1205 O O   . HOH B 2 .   ? 11.638  -13.837 -12.041 1.00 40.25 ? 262 HOH B O   1 
HETATM 1206 O O   . HOH B 2 .   ? -8.938  -9.637  10.868  1.00 32.47 ? 263 HOH B O   1 
HETATM 1207 O O   . HOH B 2 .   ? 7.486   -1.668  -23.774 1.00 29.97 ? 264 HOH B O   1 
HETATM 1208 O O   . HOH B 2 .   ? -18.119 -2.373  0.574   1.00 48.55 ? 265 HOH B O   1 
HETATM 1209 O O   . HOH B 2 .   ? -10.796 6.401   8.270   1.00 46.08 ? 266 HOH B O   1 
HETATM 1210 O O   . HOH B 2 .   ? -2.894  12.053  -1.212  1.00 32.87 ? 267 HOH B O   1 
HETATM 1211 O O   . HOH B 2 .   ? 4.821   11.300  -0.117  1.00 34.61 ? 268 HOH B O   1 
HETATM 1212 O O   . HOH B 2 .   ? -0.099  -3.460  17.527  1.00 34.11 ? 269 HOH B O   1 
HETATM 1213 O O   . HOH B 2 .   ? 9.696   0.727   -20.809 1.00 37.38 ? 270 HOH B O   1 
HETATM 1214 O O   . HOH B 2 .   ? -13.251 -5.343  7.019   1.00 40.11 ? 271 HOH B O   1 
HETATM 1215 O O   . HOH B 2 .   ? -7.836  -10.521 -14.168 1.00 46.58 ? 272 HOH B O   1 
HETATM 1216 O O   . HOH B 2 .   ? -3.239  -8.693  -3.270  1.00 35.77 ? 273 HOH B O   1 
HETATM 1217 O O   . HOH B 2 .   ? -4.032  -12.338 -13.172 1.00 39.07 ? 274 HOH B O   1 
HETATM 1218 O O   . HOH B 2 .   ? -3.365  12.819  -5.266  1.00 32.38 ? 275 HOH B O   1 
HETATM 1219 O O   . HOH B 2 .   ? -14.258 14.497  -0.888  1.00 41.55 ? 276 HOH B O   1 
HETATM 1220 O O   . HOH B 2 .   ? 12.928  -8.760  -19.357 1.00 40.34 ? 277 HOH B O   1 
HETATM 1221 O O   . HOH B 2 .   ? -18.505 9.305   17.651  1.00 44.91 ? 278 HOH B O   1 
HETATM 1222 O O   . HOH B 2 .   ? -9.709  -9.549  3.862   1.00 35.83 ? 279 HOH B O   1 
HETATM 1223 O O   . HOH B 2 .   ? -12.410 10.674  8.027   1.00 44.21 ? 280 HOH B O   1 
HETATM 1224 O O   . HOH B 2 .   ? -5.338  7.552   18.004  1.00 36.28 ? 281 HOH B O   1 
HETATM 1225 O O   . HOH B 2 .   ? -13.142 0.515   -8.887  1.00 38.75 ? 282 HOH B O   1 
HETATM 1226 O O   . HOH B 2 .   ? -16.395 -1.930  9.165   1.00 39.34 ? 283 HOH B O   1 
HETATM 1227 O O   . HOH B 2 .   ? 4.340   7.523   8.298   1.00 37.49 ? 284 HOH B O   1 
HETATM 1228 O O   . HOH B 2 .   ? -2.029  -5.444  -22.917 1.00 36.96 ? 285 HOH B O   1 
HETATM 1229 O O   . HOH B 2 .   ? -2.169  -12.473 -21.880 1.00 43.65 ? 286 HOH B O   1 
HETATM 1230 O O   . HOH B 2 .   ? -13.017 14.006  2.977   1.00 41.49 ? 287 HOH B O   1 
HETATM 1231 O O   . HOH B 2 .   ? 0.391   -10.843 -17.969 1.00 40.14 ? 288 HOH B O   1 
HETATM 1232 O O   . HOH B 2 .   ? -15.813 -3.999  0.706   1.00 39.91 ? 289 HOH B O   1 
# 
